data_8UDK
#
_entry.id   8UDK
#
_cell.length_a   215.410
_cell.length_b   215.410
_cell.length_c   169.966
_cell.angle_alpha   90.000
_cell.angle_beta   90.000
_cell.angle_gamma   90.000
#
_symmetry.space_group_name_H-M   'P 41 21 2'
#
loop_
_entity.id
_entity.type
_entity.pdbx_description
1 polymer 'DNA polymerase subunit gamma-1'
2 polymer 'DNA polymerase subunit gamma-2, mitochondrial'
3 polymer 'DNA (24-MER)'
4 polymer 'DNA (28-MER)'
5 polymer "DNA (5'-D(P*AP*AP*GP*GP*GP*CP*CP*TP*AP*TP*AP*AP*AP*A)-3')"
6 polymer "DNA (5'-D(P*TP*TP*TP*TP*AP*TP*AP*GP*GP*CP*CP*CP*TP*T)-3')"
7 non-polymer "2'-DEOXYCYTIDINE-5'-TRIPHOSPHATE"
#
loop_
_entity_poly.entity_id
_entity_poly.type
_entity_poly.pdbx_seq_one_letter_code
_entity_poly.pdbx_strand_id
1 'polypeptide(L)'
;MSRLLWRKVAGATVGPGPVPAPGRWVSSSVPASDPSDGQRRRQQQQQQQQQQQQQPQQPQVLSSEGGQLRHNPLDIQMLS
RGLHEQIFGQGGEMPGEAAVRRSVEHLQKHGLWGQPAVPLPDVELRLPPLYGDNLDQHFRLLAQKQSLPYLEAANLLLQA
QLPPKPPAWAWAEGWTRYGPEGEAVPVAIPEERALVFAVAVCLAEGTCPTLAVAISPSAWYSWCSQRLVEERYSWTSQLS
PADLIPLEVPTGASSPTQRDWQEQLVVGHNVSFDRAHIREQYLIQGSRMRFLDTMSMHMAISGLSSFQRSLWIAAKQGKH
KVQPPTKQGQKSQRKARRGPAISSWDWLDISSVNSLAEVHRLYVGGPPLEKEPRELFVKGTMKDIRENFQDLMQYCAQDV
WATHEVFQQQLPLFLERCPHPVTLAGMLEMGVSYLPVNQNWERYLAEAQGTYEELQREMKKSLMDLANDACQLLSGERYK
EDPWLWDLEWDLQEFKQKKAKKVKKEPATASKLPIEGAGAPGDPMDQEDLGPCSEEEEFQQDVMARACLQKLKGTTELLP
KRPQHLPGHPGWYRKLCPRLDDPAWTPGPSLLSLQMRVTPKLMALTWDGFPLHYSERHGWGYLVPGRRDNLAKLPTGTTL
ESAGVVCPYRAIESLYRKHCLEQGKQQLMPQEAGLAEEFLLTDNSAIWQTVEELDYLEVEAEAKMENLRAAVPGQPLALT
ARGGPKDTQPSYHHGNGPYNDVDIPGCWFFKLPHKDGNSCNVGSPFAKDFLPKMEDGTLQAGPGGASGPRALEINKMISF
WRNAHKRISSQMVVWLPRSALPRAVIRHPDYDEEGLYGAILPQVVTAGTITRAAVEPTWLTASNARPDRVGSELKAMVQA
PPGYTLVGADVDSQELWIAAVLGDAHFAGMHGCTAFGWMTLQGRKSRGTDLHSKTATTVGISREHAKIFNYGRIYGAGQP
FAERLLMQFNHRLTQQEAAEKAQQMYAATKGLRWYRLSDEGEWLVRELNLPVDRTEGGWISLQDLRKVQRETARKSQWKK
WEVVAERAWKGGTESEMFNKLESIATSDIPRTPVLGCCISRALEPSAVQEEFMTSRVNWVVQSSAVDYLHLMLVAMKWLF
EEFAIDGRFCISIHDEVRYLVREEDRYRAALALQITNLLTRCMFAYKLGLNDLPQSVAFFSAVDIDRCLRKEVTMDCKTP
SNPTGMERRYGIPQGEALDIYQIIELTKGSLEKRSQPGP
;
A
2 'polypeptide(L)'
;MRSRVAVRACHKVCRCLLSGFGGRVDAGQPELLTERSSPKGGHVKSHAELEGNGEHPEAPGSGEGSEALLEICQRRHFLS
GSKQQLSRDSLLSGCHPGFGPLGVELRKNLAAEWWTSVVVFREQVFPVDALHHKPGPLLPGDSAFRLVSAETLREILQDK
ELSKEQLVAFLENVLKTSGKLRENLLHGALEHYVNCLDLVNKRLPYGLAQIGVCFHPVFDTKQIRNGVKSIGEKTEASLV
WFTPPRTSNQWLDFWLRHRLQWWRKFAMSPSNFSSSDCQDEEGRKGNKLYYNFPWGKELIETLWNLGDHELLHMYPGNVS
KLHGRDGRKNVVPCVLSVNGDLDRGMLAYLYDSFQLTENSFTRKKNLHRKVLKLHPCLAPIKVALDVGRGPTLELRQVCQ
GLFNELLENGISVWPGYLETMQSSLEQLYSKYDEMSILFTVLVTETTLENGLIHLRSRDTTMKEMMHISKLKDFLIKYIS
SAKNV
;
B,C
3 'polydeoxyribonucleotide'
;(DC)(DG)(DA)(DA)(DA)(DA)(DC)(DG)(DA)(DC)(DG)(DG)(DC)(DC)(DA)(DG)(DT)(DG)(DC)(DC)
(DA)(DT)(DA)(DOC)
;
P
4 'polydeoxyribonucleotide'
;(DC)(DG)(DA)(DG)(DG)(DT)(DA)(DT)(DG)(DG)(DC)(DA)(DC)(DT)(DG)(DG)(DC)(DC)(DG)(DT)
(DC)(DG)(DT)(DT)(DT)(DT)(DC)(DG)
;
T
5 'polydeoxyribonucleotide' (DA)(DA)(DG)(DG)(DG)(DC)(DC)(DT)(DA)(DT)(DA)(DA)(DA)(DA) D
6 'polydeoxyribonucleotide' (DT)(DT)(DT)(DT)(DA)(DT)(DA)(DG)(DG)(DC)(DC)(DC)(DT)(DT) E
#
loop_
_chem_comp.id
_chem_comp.type
_chem_comp.name
_chem_comp.formula
DA DNA linking 2'-DEOXYADENOSINE-5'-MONOPHOSPHATE 'C10 H14 N5 O6 P'
DC DNA linking 2'-DEOXYCYTIDINE-5'-MONOPHOSPHATE 'C9 H14 N3 O7 P'
DCP non-polymer 2'-DEOXYCYTIDINE-5'-TRIPHOSPHATE 'C9 H16 N3 O13 P3'
DG DNA linking 2'-DEOXYGUANOSINE-5'-MONOPHOSPHATE 'C10 H14 N5 O7 P'
DOC DNA linking 2',3'-DIDEOXYCYTIDINE-5'-MONOPHOSPHATE 'C9 H14 N3 O6 P'
DT DNA linking THYMIDINE-5'-MONOPHOSPHATE 'C10 H15 N2 O8 P'
#
# COMPACT_ATOMS: atom_id res chain seq x y z
N GLN A 68 53.21 -26.54 5.65
CA GLN A 68 52.31 -25.62 6.35
C GLN A 68 50.95 -26.24 6.60
N LEU A 69 50.94 -27.53 6.96
CA LEU A 69 49.72 -28.25 7.28
C LEU A 69 49.81 -28.78 8.70
N ARG A 70 48.81 -28.46 9.52
CA ARG A 70 48.74 -28.92 10.89
C ARG A 70 47.46 -29.71 11.11
N HIS A 71 47.52 -30.66 12.04
CA HIS A 71 46.37 -31.46 12.44
C HIS A 71 46.28 -31.52 13.95
N ASN A 72 45.06 -31.38 14.46
CA ASN A 72 44.81 -31.53 15.88
C ASN A 72 45.03 -32.98 16.29
N PRO A 73 45.47 -33.23 17.53
CA PRO A 73 45.60 -34.62 17.99
C PRO A 73 44.31 -35.43 17.91
N LEU A 74 43.15 -34.78 17.80
CA LEU A 74 41.90 -35.45 17.49
C LEU A 74 41.68 -35.62 15.99
N ASP A 75 42.75 -35.49 15.19
CA ASP A 75 42.68 -35.59 13.73
C ASP A 75 41.71 -34.57 13.15
N ILE A 76 41.83 -33.33 13.61
CA ILE A 76 41.02 -32.21 13.12
C ILE A 76 41.94 -31.27 12.36
N GLN A 77 41.56 -30.96 11.12
CA GLN A 77 42.34 -30.02 10.30
C GLN A 77 42.48 -28.69 11.02
N MET A 78 43.73 -28.33 11.34
CA MET A 78 44.01 -27.16 12.15
C MET A 78 44.44 -25.99 11.29
N LEU A 79 44.78 -24.89 11.96
CA LEU A 79 45.29 -23.71 11.28
C LEU A 79 46.64 -24.04 10.64
N SER A 80 46.91 -23.39 9.51
CA SER A 80 48.14 -23.64 8.78
C SER A 80 49.35 -23.33 9.64
N ARG A 81 50.39 -24.16 9.53
CA ARG A 81 51.61 -23.94 10.29
C ARG A 81 52.22 -22.58 9.98
N GLY A 82 52.01 -22.08 8.77
CA GLY A 82 52.47 -20.74 8.44
C GLY A 82 51.72 -19.67 9.24
N LEU A 83 50.41 -19.83 9.39
CA LEU A 83 49.60 -18.85 10.10
C LEU A 83 49.56 -19.08 11.60
N HIS A 84 49.68 -20.33 12.05
CA HIS A 84 49.60 -20.61 13.48
C HIS A 84 50.73 -19.91 14.23
N GLU A 85 51.93 -19.89 13.67
CA GLU A 85 53.04 -19.19 14.29
C GLU A 85 52.86 -17.67 14.26
N GLN A 86 52.05 -17.15 13.33
CA GLN A 86 51.78 -15.72 13.27
C GLN A 86 50.72 -15.27 14.27
N ILE A 87 49.97 -16.21 14.85
CA ILE A 87 48.99 -15.90 15.89
C ILE A 87 49.65 -16.29 17.22
N PHE A 88 50.98 -16.27 17.25
CA PHE A 88 51.77 -16.60 18.44
C PHE A 88 51.49 -18.01 18.93
N GLY A 89 51.23 -18.93 17.99
CA GLY A 89 50.99 -20.31 18.37
C GLY A 89 52.23 -20.97 18.94
N GLN A 90 53.41 -20.62 18.41
CA GLN A 90 54.65 -21.16 18.93
C GLN A 90 54.85 -20.75 20.37
N GLY A 91 55.28 -21.69 21.20
CA GLY A 91 55.40 -21.45 22.63
C GLY A 91 54.10 -21.57 23.40
N GLY A 92 53.07 -22.16 22.81
CA GLY A 92 51.83 -22.39 23.51
C GLY A 92 51.87 -23.66 24.34
N GLU A 93 50.74 -23.91 25.02
CA GLU A 93 50.64 -25.10 25.86
C GLU A 93 50.61 -26.36 25.00
N MET A 94 51.10 -27.46 25.58
CA MET A 94 51.06 -28.75 24.92
C MET A 94 49.92 -29.57 25.51
N PRO A 95 48.93 -29.98 24.71
CA PRO A 95 47.82 -30.77 25.27
C PRO A 95 48.31 -32.08 25.86
N GLY A 96 47.69 -32.48 26.98
CA GLY A 96 48.10 -33.67 27.69
C GLY A 96 47.62 -34.95 27.02
N GLU A 97 47.98 -36.07 27.64
CA GLU A 97 47.65 -37.39 27.11
C GLU A 97 46.39 -37.98 27.74
N ALA A 98 46.21 -37.82 29.05
CA ALA A 98 45.02 -38.35 29.72
C ALA A 98 43.76 -37.66 29.20
N ALA A 99 43.84 -36.36 28.95
CA ALA A 99 42.71 -35.64 28.37
C ALA A 99 42.37 -36.18 26.98
N VAL A 100 43.40 -36.49 26.19
CA VAL A 100 43.17 -37.07 24.87
C VAL A 100 42.50 -38.44 25.01
N ARG A 101 42.97 -39.26 25.95
CA ARG A 101 42.35 -40.57 26.17
C ARG A 101 40.88 -40.42 26.53
N ARG A 102 40.58 -39.51 27.45
CA ARG A 102 39.20 -39.33 27.90
C ARG A 102 38.31 -38.82 26.77
N SER A 103 38.81 -37.86 25.99
CA SER A 103 38.02 -37.32 24.87
C SER A 103 37.78 -38.39 23.80
N VAL A 104 38.80 -39.20 23.49
CA VAL A 104 38.62 -40.25 22.49
C VAL A 104 37.66 -41.31 22.98
N GLU A 105 37.72 -41.66 24.27
CA GLU A 105 36.76 -42.60 24.82
C GLU A 105 35.34 -42.04 24.78
N HIS A 106 35.19 -40.74 25.06
CA HIS A 106 33.88 -40.11 24.97
C HIS A 106 33.34 -40.15 23.54
N LEU A 107 34.20 -39.84 22.56
CA LEU A 107 33.79 -39.89 21.16
C LEU A 107 33.42 -41.31 20.73
N GLN A 108 34.19 -42.30 21.18
CA GLN A 108 33.86 -43.68 20.89
C GLN A 108 32.52 -44.07 21.52
N LYS A 109 32.27 -43.63 22.75
CA LYS A 109 30.99 -43.91 23.40
C LYS A 109 29.83 -43.30 22.62
N HIS A 110 30.03 -42.10 22.08
CA HIS A 110 29.02 -41.46 21.24
C HIS A 110 29.13 -41.84 19.78
N GLY A 111 30.06 -42.73 19.43
CA GLY A 111 30.19 -43.21 18.06
C GLY A 111 30.55 -42.13 17.07
N LEU A 112 31.50 -41.26 17.41
CA LEU A 112 31.88 -40.13 16.58
C LEU A 112 33.39 -40.05 16.42
N TRP A 113 34.07 -41.19 16.47
CA TRP A 113 35.53 -41.25 16.44
C TRP A 113 36.00 -42.04 15.23
N GLY A 114 37.11 -41.59 14.64
CA GLY A 114 37.71 -42.26 13.50
C GLY A 114 37.10 -41.93 12.16
N GLN A 115 36.29 -40.89 12.09
CA GLN A 115 35.60 -40.57 10.84
C GLN A 115 36.57 -40.01 9.81
N PRO A 116 36.30 -40.21 8.52
CA PRO A 116 37.17 -39.66 7.48
C PRO A 116 37.17 -38.14 7.50
N ALA A 117 38.33 -37.56 7.19
CA ALA A 117 38.52 -36.12 7.17
C ALA A 117 38.87 -35.68 5.76
N VAL A 118 38.19 -34.66 5.27
CA VAL A 118 38.48 -34.07 3.97
C VAL A 118 39.44 -32.90 4.19
N PRO A 119 40.66 -32.97 3.67
CA PRO A 119 41.64 -31.91 3.95
C PRO A 119 41.22 -30.57 3.36
N LEU A 120 41.59 -29.51 4.08
CA LEU A 120 41.32 -28.15 3.66
C LEU A 120 42.58 -27.52 3.09
N PRO A 121 42.50 -26.87 1.92
CA PRO A 121 43.69 -26.19 1.37
C PRO A 121 44.19 -25.11 2.32
N ASP A 122 45.40 -25.31 2.84
CA ASP A 122 45.97 -24.39 3.80
C ASP A 122 46.24 -23.03 3.15
N VAL A 123 46.11 -21.98 3.96
CA VAL A 123 46.24 -20.60 3.49
C VAL A 123 47.50 -20.00 4.10
N GLU A 124 48.37 -19.49 3.25
CA GLU A 124 49.58 -18.79 3.67
C GLU A 124 49.52 -17.36 3.14
N LEU A 125 49.64 -16.38 4.04
CA LEU A 125 49.63 -14.99 3.64
C LEU A 125 50.24 -14.15 4.75
N ARG A 126 50.99 -13.13 4.36
CA ARG A 126 51.63 -12.24 5.32
C ARG A 126 50.57 -11.42 6.05
N LEU A 127 50.33 -11.76 7.31
CA LEU A 127 49.35 -11.03 8.10
C LEU A 127 49.85 -9.63 8.41
N PRO A 128 48.93 -8.68 8.62
CA PRO A 128 49.35 -7.34 9.04
C PRO A 128 50.04 -7.39 10.39
N PRO A 129 50.80 -6.36 10.75
CA PRO A 129 51.55 -6.41 12.02
C PRO A 129 50.62 -6.61 13.22
N LEU A 130 51.05 -7.47 14.14
CA LEU A 130 50.30 -7.79 15.35
C LEU A 130 51.03 -7.20 16.55
N TYR A 131 50.38 -6.27 17.22
CA TYR A 131 50.99 -5.56 18.35
C TYR A 131 50.82 -6.37 19.64
N GLY A 132 51.76 -6.17 20.55
CA GLY A 132 51.70 -6.84 21.84
C GLY A 132 52.22 -8.26 21.79
N ASP A 133 52.32 -8.86 22.98
CA ASP A 133 52.85 -10.22 23.10
C ASP A 133 51.88 -11.24 22.54
N ASN A 134 50.61 -11.14 22.90
CA ASN A 134 49.58 -12.09 22.48
C ASN A 134 48.46 -11.36 21.76
N LEU A 135 47.46 -12.14 21.32
CA LEU A 135 46.32 -11.55 20.61
C LEU A 135 45.47 -10.69 21.54
N ASP A 136 45.38 -11.07 22.82
CA ASP A 136 44.61 -10.28 23.78
C ASP A 136 45.19 -8.88 23.90
N GLN A 137 46.51 -8.76 24.04
CA GLN A 137 47.13 -7.45 24.09
C GLN A 137 46.96 -6.70 22.77
N HIS A 138 46.96 -7.43 21.65
CA HIS A 138 46.72 -6.79 20.36
C HIS A 138 45.36 -6.10 20.33
N PHE A 139 44.30 -6.84 20.68
CA PHE A 139 42.96 -6.25 20.68
C PHE A 139 42.84 -5.14 21.72
N ARG A 140 43.46 -5.32 22.89
CA ARG A 140 43.43 -4.29 23.91
C ARG A 140 44.04 -3.00 23.40
N LEU A 141 45.21 -3.09 22.75
CA LEU A 141 45.87 -1.91 22.22
C LEU A 141 45.03 -1.24 21.15
N LEU A 142 44.48 -2.04 20.22
CA LEU A 142 43.67 -1.46 19.14
C LEU A 142 42.46 -0.72 19.71
N ALA A 143 41.74 -1.36 20.63
CA ALA A 143 40.53 -0.76 21.18
C ALA A 143 40.87 0.47 22.02
N GLN A 144 41.95 0.42 22.79
CA GLN A 144 42.35 1.59 23.57
C GLN A 144 42.69 2.76 22.65
N LYS A 145 43.43 2.51 21.57
CA LYS A 145 43.72 3.58 20.63
C LYS A 145 42.44 4.14 20.02
N GLN A 146 41.51 3.26 19.66
CA GLN A 146 40.27 3.72 19.01
C GLN A 146 39.41 4.55 19.96
N SER A 147 39.34 4.19 21.23
CA SER A 147 38.42 4.84 22.16
C SER A 147 39.08 5.86 23.08
N LEU A 148 40.39 6.09 22.94
CA LEU A 148 41.05 7.06 23.82
C LEU A 148 40.49 8.47 23.73
N PRO A 149 40.33 9.08 22.55
CA PRO A 149 39.83 10.47 22.51
C PRO A 149 38.43 10.62 23.06
N TYR A 150 37.57 9.63 22.80
CA TYR A 150 36.20 9.71 23.30
C TYR A 150 36.15 9.48 24.80
N LEU A 151 37.04 8.64 25.34
CA LEU A 151 37.17 8.55 26.78
C LEU A 151 37.65 9.86 27.38
N GLU A 152 38.59 10.54 26.71
CA GLU A 152 39.04 11.84 27.20
C GLU A 152 37.89 12.85 27.22
N ALA A 153 37.09 12.88 26.15
CA ALA A 153 35.95 13.80 26.11
C ALA A 153 34.92 13.44 27.18
N ALA A 154 34.70 12.14 27.39
CA ALA A 154 33.78 11.70 28.43
C ALA A 154 34.27 12.10 29.82
N ASN A 155 35.59 12.08 30.02
CA ASN A 155 36.15 12.54 31.29
C ASN A 155 36.01 14.05 31.43
N LEU A 156 36.13 14.78 30.33
CA LEU A 156 35.88 16.22 30.36
C LEU A 156 34.45 16.52 30.79
N LEU A 157 33.50 15.76 30.24
CA LEU A 157 32.11 15.89 30.70
C LEU A 157 31.96 15.47 32.16
N LEU A 158 32.66 14.42 32.57
CA LEU A 158 32.53 13.89 33.92
C LEU A 158 32.98 14.92 34.95
N GLN A 159 34.20 15.43 34.79
CA GLN A 159 34.77 16.40 35.73
C GLN A 159 34.47 17.83 35.29
N ALA A 160 33.20 18.11 35.05
CA ALA A 160 32.75 19.40 34.54
C ALA A 160 31.81 20.03 35.55
N GLN A 161 32.06 21.30 35.88
CA GLN A 161 31.16 22.09 36.69
C GLN A 161 30.36 23.00 35.76
N LEU A 162 29.07 22.83 35.75
CA LEU A 162 28.23 23.56 34.81
C LEU A 162 27.68 24.83 35.44
N PRO A 163 27.51 25.88 34.64
CA PRO A 163 26.87 27.09 35.14
C PRO A 163 25.37 26.89 35.24
N PRO A 164 24.66 27.71 36.01
CA PRO A 164 23.20 27.64 35.99
C PRO A 164 22.65 27.94 34.61
N LYS A 165 21.59 27.23 34.24
CA LYS A 165 20.98 27.47 32.94
C LYS A 165 20.39 28.88 32.90
N PRO A 166 20.28 29.48 31.72
CA PRO A 166 19.83 30.87 31.64
C PRO A 166 18.45 31.02 32.18
N PRO A 167 18.12 32.17 32.78
CA PRO A 167 16.76 32.39 33.27
C PRO A 167 15.71 32.34 32.18
N ALA A 168 16.04 32.76 30.96
CA ALA A 168 15.12 32.68 29.83
C ALA A 168 15.88 32.20 28.61
N TRP A 169 15.16 31.55 27.69
CA TRP A 169 15.75 30.96 26.51
C TRP A 169 15.67 31.91 25.32
N ALA A 170 16.49 31.62 24.30
CA ALA A 170 16.79 32.61 23.27
C ALA A 170 15.58 32.92 22.39
N TRP A 171 14.92 31.88 21.89
CA TRP A 171 13.96 32.02 20.79
C TRP A 171 14.63 32.71 19.60
N ALA A 172 15.81 32.22 19.24
CA ALA A 172 16.56 32.71 18.10
C ALA A 172 16.95 31.53 17.21
N GLU A 173 16.83 31.74 15.90
CA GLU A 173 17.15 30.69 14.94
C GLU A 173 18.60 30.26 15.07
N GLY A 174 18.83 28.95 14.97
CA GLY A 174 20.18 28.42 15.05
C GLY A 174 20.60 28.11 16.48
N TRP A 175 21.93 28.06 16.65
CA TRP A 175 22.53 27.81 17.95
C TRP A 175 22.78 29.12 18.69
N THR A 176 22.55 29.11 19.99
CA THR A 176 22.90 30.21 20.87
C THR A 176 23.61 29.64 22.10
N ARG A 177 24.75 30.22 22.44
CA ARG A 177 25.50 29.86 23.64
C ARG A 177 25.15 30.83 24.77
N TYR A 178 24.92 30.28 25.96
CA TYR A 178 24.57 31.08 27.11
C TYR A 178 25.80 31.27 27.99
N GLY A 179 26.15 32.53 28.23
CA GLY A 179 27.27 32.84 29.07
C GLY A 179 26.95 32.60 30.54
N PRO A 180 27.96 32.78 31.40
CA PRO A 180 27.74 32.52 32.83
C PRO A 180 26.66 33.38 33.45
N GLU A 181 26.41 34.57 32.91
CA GLU A 181 25.39 35.47 33.43
C GLU A 181 24.05 35.30 32.71
N GLY A 182 23.90 34.28 31.87
CA GLY A 182 22.68 34.06 31.14
C GLY A 182 22.61 34.75 29.80
N GLU A 183 23.62 35.54 29.43
CA GLU A 183 23.61 36.21 28.14
C GLU A 183 23.62 35.20 27.01
N ALA A 184 22.79 35.45 26.00
CA ALA A 184 22.67 34.56 24.84
C ALA A 184 23.42 35.19 23.67
N VAL A 185 24.58 34.63 23.34
CA VAL A 185 25.37 35.05 22.20
C VAL A 185 25.21 33.99 21.11
N PRO A 186 24.73 34.35 19.91
CA PRO A 186 24.58 33.35 18.86
C PRO A 186 25.93 32.78 18.45
N VAL A 187 25.94 31.47 18.17
CA VAL A 187 27.12 30.78 17.68
C VAL A 187 26.71 29.91 16.51
N ALA A 188 27.69 29.62 15.64
CA ALA A 188 27.42 28.73 14.52
C ALA A 188 27.17 27.31 15.00
N ILE A 189 28.16 26.72 15.66
CA ILE A 189 28.00 25.43 16.34
C ILE A 189 28.67 25.54 17.71
N PRO A 190 28.23 24.71 18.66
CA PRO A 190 28.94 24.66 19.95
C PRO A 190 30.37 24.17 19.78
N GLU A 191 31.34 25.06 20.03
CA GLU A 191 32.76 24.75 19.84
C GLU A 191 33.25 23.94 21.03
N GLU A 192 32.71 22.73 21.15
CA GLU A 192 32.96 21.87 22.30
C GLU A 192 33.28 20.46 21.82
N ARG A 193 34.13 19.77 22.58
CA ARG A 193 34.54 18.42 22.23
C ARG A 193 33.59 17.36 22.76
N ALA A 194 32.87 17.65 23.86
CA ALA A 194 31.90 16.73 24.42
C ALA A 194 30.63 17.48 24.77
N LEU A 195 29.49 16.86 24.47
CA LEU A 195 28.19 17.48 24.73
C LEU A 195 27.21 16.43 25.20
N VAL A 196 26.31 16.85 26.10
CA VAL A 196 25.11 16.09 26.45
C VAL A 196 23.96 16.67 25.65
N PHE A 197 23.23 15.82 24.95
CA PHE A 197 22.39 16.26 23.85
C PHE A 197 20.96 15.74 23.99
N ALA A 198 20.00 16.56 23.59
CA ALA A 198 18.60 16.15 23.54
C ALA A 198 17.90 16.93 22.44
N VAL A 199 17.31 16.21 21.49
CA VAL A 199 16.64 16.81 20.34
C VAL A 199 15.13 16.62 20.50
N ALA A 200 14.38 17.69 20.24
CA ALA A 200 12.93 17.65 20.24
C ALA A 200 12.43 17.88 18.81
N VAL A 201 11.43 17.09 18.41
CA VAL A 201 10.84 17.24 17.08
C VAL A 201 9.33 17.35 17.24
N CYS A 202 8.72 18.13 16.36
CA CYS A 202 7.26 18.24 16.30
C CYS A 202 6.76 17.10 15.43
N LEU A 203 6.19 16.08 16.09
CA LEU A 203 5.76 14.89 15.37
C LEU A 203 4.69 15.22 14.34
N ALA A 204 3.84 16.20 14.63
CA ALA A 204 2.80 16.59 13.69
C ALA A 204 3.40 17.14 12.40
N GLU A 205 4.49 17.89 12.51
CA GLU A 205 5.12 18.52 11.36
C GLU A 205 6.02 17.58 10.57
N GLY A 206 6.24 16.35 11.06
CA GLY A 206 7.05 15.40 10.32
C GLY A 206 8.24 14.88 11.12
N THR A 207 9.44 14.97 10.52
CA THR A 207 10.65 14.47 11.16
C THR A 207 11.74 15.52 11.30
N CYS A 208 11.47 16.77 10.95
CA CYS A 208 12.46 17.84 11.07
C CYS A 208 12.61 18.25 12.53
N PRO A 209 13.82 18.33 13.05
CA PRO A 209 14.01 18.79 14.44
C PRO A 209 13.51 20.21 14.63
N THR A 210 12.90 20.47 15.78
CA THR A 210 12.33 21.77 16.08
C THR A 210 13.21 22.57 17.05
N LEU A 211 13.62 21.95 18.16
CA LEU A 211 14.53 22.60 19.09
C LEU A 211 15.36 21.54 19.81
N ALA A 212 16.52 21.96 20.31
CA ALA A 212 17.42 21.08 21.01
C ALA A 212 18.20 21.87 22.06
N VAL A 213 18.71 21.16 23.07
CA VAL A 213 19.50 21.76 24.13
C VAL A 213 20.75 20.90 24.33
N ALA A 214 21.88 21.56 24.56
CA ALA A 214 23.15 20.89 24.74
C ALA A 214 23.85 21.42 25.98
N ILE A 215 24.49 20.52 26.71
CA ILE A 215 25.32 20.86 27.86
C ILE A 215 26.75 20.45 27.54
N SER A 216 27.68 21.37 27.76
CA SER A 216 29.10 21.09 27.64
C SER A 216 29.79 21.65 28.87
N PRO A 217 31.02 21.20 29.17
CA PRO A 217 31.73 21.73 30.33
C PRO A 217 31.74 23.25 30.36
N SER A 218 31.06 23.82 31.36
CA SER A 218 30.94 25.26 31.56
C SER A 218 30.31 25.96 30.36
N ALA A 219 29.24 25.39 29.82
CA ALA A 219 28.53 26.05 28.73
C ALA A 219 27.18 25.38 28.48
N TRP A 220 26.17 26.20 28.24
CA TRP A 220 24.85 25.76 27.80
C TRP A 220 24.60 26.26 26.38
N TYR A 221 23.94 25.44 25.57
CA TYR A 221 23.61 25.80 24.20
C TYR A 221 22.16 25.45 23.92
N SER A 222 21.48 26.27 23.13
CA SER A 222 20.12 25.98 22.70
C SER A 222 19.99 26.25 21.21
N TRP A 223 19.38 25.31 20.49
CA TRP A 223 19.21 25.40 19.04
C TRP A 223 17.73 25.45 18.71
N CYS A 224 17.33 26.42 17.89
CA CYS A 224 15.97 26.54 17.40
C CYS A 224 15.94 26.40 15.89
N SER A 225 14.86 25.81 15.38
CA SER A 225 14.68 25.61 13.96
C SER A 225 14.02 26.83 13.32
N GLN A 226 14.37 27.06 12.05
CA GLN A 226 13.70 28.11 11.28
C GLN A 226 12.21 27.81 11.14
N ARG A 227 11.84 26.53 11.13
CA ARG A 227 10.44 26.15 11.06
C ARG A 227 9.69 26.44 12.37
N LEU A 228 10.41 26.74 13.44
CA LEU A 228 9.81 27.14 14.70
C LEU A 228 9.79 28.66 14.87
N VAL A 229 10.92 29.32 14.61
CA VAL A 229 11.00 30.77 14.79
C VAL A 229 10.21 31.49 13.70
N GLU A 230 10.30 31.03 12.46
CA GLU A 230 9.67 31.70 11.32
C GLU A 230 8.35 31.03 10.98
N GLU A 231 7.30 31.83 10.81
CA GLU A 231 6.01 31.34 10.36
C GLU A 231 5.98 31.38 8.84
N ARG A 232 5.86 30.21 8.22
CA ARG A 232 5.91 30.07 6.78
C ARG A 232 4.78 29.15 6.33
N TYR A 233 4.16 29.50 5.20
CA TYR A 233 3.06 28.68 4.69
C TYR A 233 3.56 27.29 4.27
N SER A 234 4.72 27.23 3.65
CA SER A 234 5.23 25.98 3.11
C SER A 234 6.70 25.80 3.47
N TRP A 235 7.06 24.55 3.79
CA TRP A 235 8.45 24.12 3.92
C TRP A 235 8.63 22.88 3.06
N THR A 236 9.88 22.52 2.83
CA THR A 236 10.18 21.36 1.99
C THR A 236 9.67 20.08 2.64
N SER A 237 8.93 19.28 1.88
CA SER A 237 8.50 17.98 2.38
C SER A 237 9.67 17.02 2.50
N GLN A 238 10.62 17.08 1.56
CA GLN A 238 11.77 16.18 1.55
C GLN A 238 12.93 16.85 2.28
N LEU A 239 13.32 16.28 3.41
CA LEU A 239 14.34 16.88 4.26
C LEU A 239 15.70 16.89 3.57
N SER A 240 16.51 17.88 3.91
CA SER A 240 17.88 18.03 3.45
C SER A 240 18.75 18.31 4.67
N PRO A 241 20.06 18.09 4.56
CA PRO A 241 20.94 18.38 5.71
C PRO A 241 20.86 19.82 6.17
N ALA A 242 20.53 20.75 5.27
CA ALA A 242 20.34 22.13 5.68
C ALA A 242 19.22 22.27 6.71
N ASP A 243 18.23 21.38 6.66
CA ASP A 243 17.15 21.42 7.64
C ASP A 243 17.61 20.89 8.99
N LEU A 244 18.60 20.01 9.01
CA LEU A 244 19.07 19.42 10.26
C LEU A 244 19.96 20.40 11.01
N ILE A 245 20.39 20.00 12.21
CA ILE A 245 21.12 20.89 13.10
C ILE A 245 22.62 20.60 12.99
N PRO A 246 23.49 21.60 13.08
CA PRO A 246 24.92 21.36 12.95
C PRO A 246 25.62 21.13 14.29
N LEU A 247 26.49 20.13 14.30
CA LEU A 247 27.32 19.86 15.46
C LEU A 247 28.80 19.69 15.12
N GLU A 248 29.11 19.09 13.97
CA GLU A 248 30.47 18.67 13.68
C GLU A 248 31.36 19.86 13.32
N VAL A 249 32.56 19.88 13.92
CA VAL A 249 33.56 20.91 13.68
C VAL A 249 34.36 20.55 12.43
N PRO A 250 34.45 21.45 11.46
CA PRO A 250 35.27 21.17 10.27
C PRO A 250 36.76 21.16 10.60
N THR A 251 37.51 20.45 9.77
CA THR A 251 38.95 20.34 9.94
C THR A 251 39.64 21.68 9.77
N GLN A 262 39.68 17.65 18.29
CA GLN A 262 39.40 17.58 16.85
C GLN A 262 38.36 16.51 16.55
N GLU A 263 38.08 15.67 17.54
CA GLU A 263 37.10 14.60 17.43
C GLU A 263 36.13 14.71 18.60
N GLN A 264 34.83 14.65 18.31
CA GLN A 264 33.80 14.97 19.27
C GLN A 264 33.11 13.73 19.83
N LEU A 265 32.48 13.90 20.98
CA LEU A 265 31.65 12.89 21.61
C LEU A 265 30.31 13.51 21.99
N VAL A 266 29.22 12.85 21.61
CA VAL A 266 27.88 13.30 21.94
C VAL A 266 27.23 12.25 22.82
N VAL A 267 26.75 12.67 23.99
CA VAL A 267 26.13 11.79 24.96
C VAL A 267 24.64 12.12 25.03
N GLY A 268 23.80 11.08 24.96
CA GLY A 268 22.37 11.29 25.09
C GLY A 268 21.67 10.03 25.53
N HIS A 269 20.43 10.21 25.98
CA HIS A 269 19.55 9.09 26.29
C HIS A 269 18.80 8.70 25.02
N ASN A 270 18.99 7.47 24.57
CA ASN A 270 18.63 7.07 23.21
C ASN A 270 19.23 8.04 22.21
N VAL A 271 20.57 8.12 22.25
CA VAL A 271 21.30 9.11 21.48
C VAL A 271 21.18 8.89 19.97
N SER A 272 20.69 7.73 19.54
CA SER A 272 20.51 7.50 18.11
C SER A 272 19.47 8.44 17.52
N PHE A 273 18.39 8.70 18.26
CA PHE A 273 17.38 9.65 17.81
C PHE A 273 17.97 11.04 17.63
N ASP A 274 18.81 11.47 18.59
CA ASP A 274 19.48 12.76 18.46
C ASP A 274 20.44 12.76 17.28
N ARG A 275 21.16 11.66 17.06
CA ARG A 275 22.10 11.57 15.96
C ARG A 275 21.40 11.68 14.62
N ALA A 276 20.21 11.09 14.51
CA ALA A 276 19.45 11.16 13.27
C ALA A 276 19.06 12.59 12.89
N HIS A 277 19.39 13.59 13.72
CA HIS A 277 18.97 14.97 13.48
C HIS A 277 20.14 15.94 13.37
N ILE A 278 21.37 15.44 13.21
CA ILE A 278 22.53 16.29 12.99
C ILE A 278 23.03 16.05 11.57
N ARG A 279 23.26 17.15 10.84
CA ARG A 279 23.38 17.07 9.39
C ARG A 279 24.66 16.33 8.96
N GLU A 280 25.79 16.66 9.57
CA GLU A 280 27.06 16.13 9.09
C GLU A 280 27.13 14.60 9.20
N GLN A 281 26.27 13.98 10.00
CA GLN A 281 26.26 12.53 10.13
C GLN A 281 25.67 11.84 8.91
N TYR A 282 25.03 12.56 7.99
CA TYR A 282 24.46 11.97 6.79
C TYR A 282 25.39 11.99 5.59
N LEU A 283 26.59 12.55 5.74
CA LEU A 283 27.57 12.53 4.66
C LEU A 283 28.11 11.13 4.45
N ILE A 284 28.48 10.82 3.20
CA ILE A 284 28.99 9.50 2.88
C ILE A 284 30.34 9.26 3.56
N GLN A 285 31.18 10.29 3.64
CA GLN A 285 32.48 10.16 4.27
C GLN A 285 32.33 9.91 5.76
N GLY A 286 33.31 9.20 6.32
CA GLY A 286 33.27 8.92 7.75
C GLY A 286 33.40 10.19 8.58
N SER A 287 32.79 10.14 9.76
CA SER A 287 32.79 11.26 10.69
C SER A 287 33.48 10.84 11.98
N ARG A 288 34.38 11.68 12.48
CA ARG A 288 35.11 11.36 13.71
C ARG A 288 34.24 11.48 14.96
N MET A 289 33.04 12.02 14.84
CA MET A 289 32.15 12.15 15.99
C MET A 289 31.50 10.81 16.32
N ARG A 290 31.57 10.42 17.58
CA ARG A 290 30.93 9.20 18.08
C ARG A 290 29.90 9.56 19.14
N PHE A 291 29.13 8.55 19.55
CA PHE A 291 27.99 8.76 20.43
C PHE A 291 27.99 7.74 21.55
N LEU A 292 27.59 8.18 22.74
CA LEU A 292 27.41 7.32 23.90
C LEU A 292 25.97 7.41 24.37
N ASP A 293 25.35 6.26 24.62
CA ASP A 293 23.94 6.16 24.94
C ASP A 293 23.78 5.71 26.39
N THR A 294 23.09 6.51 27.20
CA THR A 294 22.86 6.13 28.59
C THR A 294 21.94 4.91 28.69
N MET A 295 21.07 4.70 27.70
CA MET A 295 20.26 3.49 27.67
C MET A 295 21.14 2.25 27.54
N SER A 296 22.12 2.29 26.64
CA SER A 296 22.99 1.14 26.43
C SER A 296 23.81 0.82 27.68
N MET A 297 24.39 1.86 28.29
CA MET A 297 25.16 1.64 29.51
C MET A 297 24.27 1.17 30.65
N HIS A 298 23.04 1.68 30.72
CA HIS A 298 22.10 1.22 31.73
C HIS A 298 21.78 -0.26 31.57
N MET A 299 21.57 -0.70 30.33
CA MET A 299 21.39 -2.12 30.09
C MET A 299 22.64 -2.92 30.43
N ALA A 300 23.81 -2.33 30.21
CA ALA A 300 25.06 -3.01 30.54
C ALA A 300 25.22 -3.22 32.04
N ILE A 301 24.87 -2.21 32.84
CA ILE A 301 25.12 -2.29 34.27
C ILE A 301 23.94 -2.91 35.00
N SER A 302 22.75 -2.28 34.92
CA SER A 302 21.56 -2.74 35.64
C SER A 302 20.40 -2.84 34.66
N GLY A 303 20.29 -3.98 33.99
CA GLY A 303 19.22 -4.23 33.04
C GLY A 303 18.38 -5.42 33.48
N LEU A 304 17.33 -5.66 32.70
CA LEU A 304 16.41 -6.74 33.02
C LEU A 304 15.82 -7.28 31.72
N SER A 305 15.32 -8.52 31.76
CA SER A 305 14.65 -9.12 30.62
C SER A 305 13.20 -8.61 30.54
N SER A 306 12.58 -8.82 29.37
CA SER A 306 11.23 -8.32 29.13
C SER A 306 10.25 -8.87 30.17
N PHE A 307 10.39 -10.16 30.50
CA PHE A 307 9.60 -10.73 31.59
C PHE A 307 9.93 -10.05 32.92
N GLN A 308 11.22 -9.83 33.17
CA GLN A 308 11.63 -9.07 34.34
C GLN A 308 11.10 -7.65 34.30
N ARG A 309 10.97 -7.07 33.09
CA ARG A 309 10.36 -5.75 32.98
C ARG A 309 8.90 -5.76 33.43
N SER A 310 8.12 -6.73 32.96
CA SER A 310 6.73 -6.83 33.41
C SER A 310 6.65 -7.01 34.92
N LEU A 311 7.52 -7.85 35.48
CA LEU A 311 7.53 -8.05 36.92
C LEU A 311 7.86 -6.77 37.66
N TRP A 312 8.88 -6.04 37.20
CA TRP A 312 9.28 -4.79 37.86
C TRP A 312 8.16 -3.77 37.79
N ILE A 313 7.52 -3.62 36.63
CA ILE A 313 6.45 -2.65 36.46
C ILE A 313 5.27 -3.01 37.35
N ALA A 314 4.88 -4.29 37.36
CA ALA A 314 3.76 -4.72 38.20
C ALA A 314 4.05 -4.51 39.67
N ALA A 315 5.28 -4.80 40.10
CA ALA A 315 5.64 -4.63 41.50
C ALA A 315 5.59 -3.15 41.89
N LYS A 316 6.15 -2.28 41.05
CA LYS A 316 6.14 -0.85 41.36
C LYS A 316 4.75 -0.24 41.19
N GLN A 317 3.84 -0.94 40.51
CA GLN A 317 2.50 -0.39 40.30
C GLN A 317 1.58 -0.71 41.49
N GLY A 318 1.65 -1.92 42.02
CA GLY A 318 0.81 -2.31 43.13
C GLY A 318 -0.16 -3.41 42.79
N ILE A 342 8.05 -16.22 41.26
CA ILE A 342 9.39 -15.81 41.67
C ILE A 342 9.39 -15.48 43.15
N SER A 343 10.29 -16.10 43.90
CA SER A 343 10.30 -16.00 45.36
C SER A 343 11.11 -14.82 45.87
N SER A 344 12.24 -14.50 45.23
CA SER A 344 13.13 -13.45 45.70
C SER A 344 12.97 -12.21 44.83
N TRP A 345 12.81 -11.05 45.47
CA TRP A 345 12.63 -9.78 44.79
C TRP A 345 13.70 -8.78 45.18
N ASP A 346 14.90 -9.25 45.49
CA ASP A 346 15.98 -8.36 45.90
C ASP A 346 16.49 -7.51 44.74
N TRP A 347 16.21 -7.91 43.50
CA TRP A 347 16.70 -7.19 42.32
C TRP A 347 15.87 -5.96 41.99
N LEU A 348 14.75 -5.74 42.67
CA LEU A 348 13.88 -4.61 42.34
C LEU A 348 14.58 -3.28 42.61
N ASP A 349 15.25 -3.15 43.74
CA ASP A 349 15.84 -1.89 44.15
C ASP A 349 17.19 -1.61 43.49
N ILE A 350 17.56 -2.38 42.46
CA ILE A 350 18.85 -2.21 41.79
C ILE A 350 18.73 -2.09 40.28
N SER A 351 17.54 -2.24 39.72
CA SER A 351 17.33 -2.12 38.28
C SER A 351 16.00 -1.46 38.01
N SER A 352 15.88 -0.89 36.81
CA SER A 352 14.66 -0.19 36.40
C SER A 352 14.52 -0.28 34.88
N VAL A 353 13.36 0.16 34.40
CA VAL A 353 13.08 0.23 32.96
C VAL A 353 13.96 1.32 32.37
N ASN A 354 14.06 1.36 31.04
CA ASN A 354 15.01 2.19 30.34
C ASN A 354 14.59 3.65 30.21
N SER A 355 13.43 4.02 30.77
CA SER A 355 13.01 5.41 30.71
C SER A 355 13.98 6.31 31.46
N LEU A 356 14.18 7.53 30.95
CA LEU A 356 15.17 8.43 31.53
C LEU A 356 14.84 8.78 32.97
N ALA A 357 13.55 8.90 33.30
CA ALA A 357 13.15 9.30 34.64
C ALA A 357 13.60 8.27 35.68
N GLU A 358 13.33 6.98 35.42
CA GLU A 358 13.68 5.96 36.39
C GLU A 358 15.17 5.66 36.39
N VAL A 359 15.85 5.86 35.26
CA VAL A 359 17.30 5.78 35.24
C VAL A 359 17.89 6.87 36.14
N HIS A 360 17.33 8.08 36.07
CA HIS A 360 17.74 9.15 36.98
C HIS A 360 17.42 8.79 38.43
N ARG A 361 16.29 8.14 38.67
CA ARG A 361 15.95 7.68 40.01
C ARG A 361 16.99 6.71 40.54
N LEU A 362 17.43 5.77 39.72
CA LEU A 362 18.34 4.73 40.19
C LEU A 362 19.75 5.27 40.38
N TYR A 363 20.29 5.96 39.37
CA TYR A 363 21.69 6.33 39.42
C TYR A 363 21.92 7.67 40.12
N VAL A 364 21.00 8.61 40.01
CA VAL A 364 21.14 9.92 40.63
C VAL A 364 20.21 10.08 41.83
N GLY A 365 18.96 9.64 41.70
CA GLY A 365 18.02 9.74 42.80
C GLY A 365 17.61 11.18 43.07
N GLY A 366 17.28 11.46 44.32
CA GLY A 366 16.87 12.77 44.73
C GLY A 366 15.50 13.13 44.19
N PRO A 367 15.31 14.40 43.82
CA PRO A 367 14.00 14.85 43.36
C PRO A 367 13.61 14.18 42.06
N PRO A 368 12.36 13.75 41.93
CA PRO A 368 11.90 13.19 40.66
C PRO A 368 11.81 14.27 39.59
N LEU A 369 12.00 13.86 38.35
CA LEU A 369 11.86 14.76 37.21
C LEU A 369 10.48 14.57 36.58
N GLU A 370 9.84 15.69 36.28
CA GLU A 370 8.44 15.69 35.84
C GLU A 370 8.38 15.74 34.31
N LYS A 371 7.52 14.91 33.73
CA LYS A 371 7.33 14.88 32.29
C LYS A 371 6.39 16.00 31.85
N GLU A 372 6.38 16.24 30.56
CA GLU A 372 5.48 17.25 29.98
C GLU A 372 4.05 16.74 30.06
N PRO A 373 3.13 17.47 30.70
CA PRO A 373 1.79 16.93 30.90
C PRO A 373 0.95 16.88 29.63
N ARG A 374 1.21 17.76 28.67
CA ARG A 374 0.39 17.83 27.46
C ARG A 374 0.99 17.10 26.28
N GLU A 375 2.28 16.77 26.33
CA GLU A 375 2.99 16.08 25.24
C GLU A 375 2.82 16.84 23.93
N LEU A 376 3.20 18.11 23.96
CA LEU A 376 2.97 18.99 22.83
C LEU A 376 3.72 18.52 21.58
N PHE A 377 4.97 18.08 21.74
CA PHE A 377 5.71 17.58 20.60
C PHE A 377 5.07 16.33 20.00
N VAL A 378 4.63 15.41 20.86
CA VAL A 378 4.03 14.16 20.38
C VAL A 378 2.65 14.42 19.79
N LYS A 379 1.84 15.22 20.47
CA LYS A 379 0.43 15.42 20.09
C LYS A 379 0.12 16.80 19.53
N GLY A 380 0.64 17.86 20.15
CA GLY A 380 0.27 19.20 19.76
C GLY A 380 0.85 19.60 18.41
N THR A 381 0.38 20.75 17.93
CA THR A 381 0.82 21.29 16.66
C THR A 381 1.99 22.25 16.87
N MET A 382 2.49 22.82 15.77
CA MET A 382 3.59 23.77 15.87
C MET A 382 3.17 25.05 16.59
N LYS A 383 1.91 25.47 16.41
CA LYS A 383 1.41 26.64 17.13
C LYS A 383 1.47 26.42 18.64
N ASP A 384 1.10 25.23 19.10
CA ASP A 384 1.17 24.92 20.53
C ASP A 384 2.61 24.99 21.02
N ILE A 385 3.56 24.51 20.22
CA ILE A 385 4.96 24.56 20.60
C ILE A 385 5.45 26.00 20.69
N ARG A 386 5.05 26.84 19.74
CA ARG A 386 5.42 28.25 19.81
C ARG A 386 4.84 28.90 21.06
N GLU A 387 3.55 28.64 21.34
CA GLU A 387 2.89 29.28 22.48
C GLU A 387 3.48 28.84 23.81
N ASN A 388 4.15 27.68 23.86
CA ASN A 388 4.79 27.19 25.07
C ASN A 388 6.27 26.95 24.83
N PHE A 389 6.93 27.89 24.16
CA PHE A 389 8.34 27.71 23.78
C PHE A 389 9.22 27.63 25.01
N GLN A 390 9.07 28.57 25.94
CA GLN A 390 9.95 28.60 27.11
C GLN A 390 9.80 27.34 27.95
N ASP A 391 8.56 26.90 28.18
CA ASP A 391 8.33 25.70 28.98
C ASP A 391 8.93 24.47 28.33
N LEU A 392 8.74 24.33 27.01
CA LEU A 392 9.25 23.16 26.31
C LEU A 392 10.78 23.16 26.28
N MET A 393 11.37 24.33 26.08
CA MET A 393 12.83 24.45 26.16
C MET A 393 13.33 24.08 27.55
N GLN A 394 12.62 24.52 28.59
CA GLN A 394 13.01 24.18 29.95
C GLN A 394 12.92 22.67 30.17
N TYR A 395 11.88 22.03 29.65
CA TYR A 395 11.76 20.58 29.76
C TYR A 395 12.90 19.87 29.04
N CYS A 396 13.26 20.36 27.85
CA CYS A 396 14.38 19.76 27.13
C CYS A 396 15.69 19.93 27.90
N ALA A 397 15.89 21.10 28.50
CA ALA A 397 17.09 21.31 29.32
C ALA A 397 17.08 20.40 30.53
N GLN A 398 15.91 20.17 31.12
CA GLN A 398 15.79 19.21 32.21
C GLN A 398 16.20 17.81 31.77
N ASP A 399 15.76 17.40 30.58
CA ASP A 399 16.16 16.10 30.06
C ASP A 399 17.68 16.04 29.86
N VAL A 400 18.27 17.11 29.33
CA VAL A 400 19.72 17.14 29.15
C VAL A 400 20.42 17.00 30.49
N TRP A 401 19.96 17.74 31.50
CA TRP A 401 20.58 17.71 32.81
C TRP A 401 20.48 16.34 33.46
N ALA A 402 19.30 15.72 33.36
CA ALA A 402 19.11 14.38 33.92
C ALA A 402 20.01 13.38 33.22
N THR A 403 20.10 13.46 31.88
CA THR A 403 20.99 12.57 31.16
C THR A 403 22.44 12.79 31.54
N HIS A 404 22.82 14.04 31.78
CA HIS A 404 24.20 14.35 32.17
C HIS A 404 24.53 13.74 33.52
N GLU A 405 23.65 13.91 34.51
CA GLU A 405 23.88 13.31 35.82
C GLU A 405 23.91 11.79 35.73
N VAL A 406 23.00 11.22 34.94
CA VAL A 406 22.96 9.78 34.75
C VAL A 406 24.27 9.27 34.17
N PHE A 407 24.78 9.97 33.14
CA PHE A 407 26.04 9.58 32.53
C PHE A 407 27.19 9.70 33.52
N GLN A 408 27.17 10.76 34.34
CA GLN A 408 28.21 10.92 35.35
C GLN A 408 28.23 9.72 36.30
N GLN A 409 27.05 9.24 36.71
CA GLN A 409 27.02 8.08 37.58
C GLN A 409 27.37 6.80 36.82
N GLN A 410 26.94 6.69 35.56
CA GLN A 410 27.02 5.44 34.82
C GLN A 410 28.45 5.14 34.38
N LEU A 411 29.17 6.15 33.86
CA LEU A 411 30.45 5.88 33.20
C LEU A 411 31.43 5.14 34.10
N PRO A 412 31.66 5.53 35.36
CA PRO A 412 32.53 4.70 36.21
C PRO A 412 32.00 3.29 36.38
N LEU A 413 30.68 3.13 36.56
CA LEU A 413 30.10 1.80 36.71
C LEU A 413 30.30 0.96 35.46
N PHE A 414 30.04 1.55 34.29
CA PHE A 414 30.17 0.79 33.04
C PHE A 414 31.63 0.41 32.80
N LEU A 415 32.56 1.33 33.04
CA LEU A 415 33.97 1.03 32.82
C LEU A 415 34.46 -0.02 33.80
N GLU A 416 33.96 0.01 35.03
CA GLU A 416 34.32 -1.02 36.01
C GLU A 416 33.74 -2.37 35.62
N ARG A 417 32.53 -2.37 35.05
CA ARG A 417 31.79 -3.60 34.80
C ARG A 417 32.08 -4.22 33.45
N CYS A 418 32.60 -3.44 32.49
CA CYS A 418 33.02 -3.95 31.19
C CYS A 418 34.45 -3.47 30.95
N PRO A 419 35.41 -4.04 31.68
CA PRO A 419 36.76 -3.46 31.70
C PRO A 419 37.54 -3.60 30.41
N HIS A 420 37.16 -4.51 29.52
CA HIS A 420 37.90 -4.67 28.28
C HIS A 420 37.61 -3.49 27.35
N PRO A 421 38.65 -2.88 26.76
CA PRO A 421 38.40 -1.73 25.87
C PRO A 421 37.63 -2.09 24.62
N VAL A 422 37.64 -3.36 24.22
CA VAL A 422 36.98 -3.76 22.97
C VAL A 422 35.49 -3.51 23.06
N THR A 423 34.89 -3.71 24.23
CA THR A 423 33.46 -3.49 24.38
C THR A 423 33.10 -2.02 24.13
N LEU A 424 33.86 -1.11 24.73
CA LEU A 424 33.60 0.32 24.52
C LEU A 424 33.84 0.72 23.07
N ALA A 425 34.92 0.21 22.47
CA ALA A 425 35.22 0.56 21.08
C ALA A 425 34.12 0.04 20.15
N GLY A 426 33.66 -1.18 20.38
CA GLY A 426 32.58 -1.73 19.56
C GLY A 426 31.28 -0.98 19.74
N MET A 427 30.99 -0.54 20.97
CA MET A 427 29.79 0.27 21.20
C MET A 427 29.88 1.61 20.46
N LEU A 428 31.05 2.25 20.52
CA LEU A 428 31.24 3.49 19.79
C LEU A 428 31.06 3.27 18.29
N GLU A 429 31.62 2.18 17.75
CA GLU A 429 31.50 1.89 16.33
C GLU A 429 30.05 1.62 15.94
N MET A 430 29.33 0.83 16.75
CA MET A 430 27.92 0.57 16.50
C MET A 430 27.08 1.83 16.60
N GLY A 431 27.55 2.84 17.34
CA GLY A 431 26.78 4.07 17.47
C GLY A 431 26.49 4.73 16.13
N VAL A 432 27.44 4.66 15.21
CA VAL A 432 27.31 5.32 13.91
C VAL A 432 27.13 4.25 12.83
N SER A 433 25.92 4.13 12.32
CA SER A 433 25.58 3.17 11.27
C SER A 433 24.84 3.89 10.15
N TYR A 434 25.21 3.56 8.92
CA TYR A 434 24.83 4.33 7.74
C TYR A 434 24.10 3.44 6.75
N LEU A 435 22.94 3.89 6.28
CA LEU A 435 22.18 3.15 5.27
C LEU A 435 21.98 4.01 4.04
N PRO A 436 22.72 3.77 2.96
CA PRO A 436 22.53 4.58 1.75
C PRO A 436 21.25 4.21 1.02
N VAL A 437 20.54 5.23 0.54
CA VAL A 437 19.30 5.04 -0.19
C VAL A 437 19.28 6.00 -1.38
N ASN A 438 18.42 5.68 -2.35
CA ASN A 438 18.22 6.54 -3.51
C ASN A 438 16.72 6.79 -3.69
N GLN A 439 16.34 7.40 -4.81
CA GLN A 439 14.93 7.69 -5.06
C GLN A 439 14.09 6.42 -5.08
N ASN A 440 14.68 5.30 -5.48
CA ASN A 440 13.93 4.05 -5.60
C ASN A 440 13.19 3.72 -4.30
N TRP A 441 13.84 3.99 -3.16
CA TRP A 441 13.21 3.82 -1.85
C TRP A 441 11.77 4.33 -1.86
N GLU A 442 11.60 5.61 -2.22
CA GLU A 442 10.27 6.20 -2.24
C GLU A 442 9.32 5.35 -3.07
N ARG A 443 9.71 5.04 -4.31
CA ARG A 443 8.89 4.20 -5.17
C ARG A 443 8.51 2.92 -4.46
N TYR A 444 9.50 2.23 -3.90
CA TYR A 444 9.26 1.03 -3.11
C TYR A 444 8.10 1.24 -2.16
N LEU A 445 8.22 2.23 -1.28
CA LEU A 445 7.16 2.54 -0.33
C LEU A 445 5.81 2.58 -1.04
N ALA A 446 5.68 3.48 -2.02
CA ALA A 446 4.42 3.62 -2.73
C ALA A 446 3.97 2.26 -3.26
N GLU A 447 4.85 1.60 -4.01
CA GLU A 447 4.50 0.31 -4.58
C GLU A 447 4.00 -0.63 -3.51
N ALA A 448 4.78 -0.78 -2.43
CA ALA A 448 4.38 -1.67 -1.35
C ALA A 448 2.98 -1.31 -0.87
N GLN A 449 2.79 -0.04 -0.51
CA GLN A 449 1.49 0.38 -0.01
C GLN A 449 0.41 0.05 -1.02
N GLY A 450 0.63 0.41 -2.29
CA GLY A 450 -0.35 0.13 -3.31
C GLY A 450 -0.70 -1.35 -3.34
N THR A 451 0.34 -2.20 -3.41
CA THR A 451 0.09 -3.63 -3.43
C THR A 451 -0.71 -4.03 -2.22
N TYR A 452 -0.27 -3.60 -1.04
CA TYR A 452 -0.97 -3.92 0.19
C TYR A 452 -2.44 -3.58 0.06
N GLU A 453 -2.73 -2.34 -0.37
CA GLU A 453 -4.12 -1.91 -0.45
C GLU A 453 -4.92 -2.85 -1.33
N GLU A 454 -4.40 -3.15 -2.53
CA GLU A 454 -5.12 -4.05 -3.42
C GLU A 454 -5.37 -5.39 -2.72
N LEU A 455 -4.31 -5.99 -2.18
CA LEU A 455 -4.46 -7.28 -1.54
C LEU A 455 -5.40 -7.20 -0.36
N GLN A 456 -5.45 -6.04 0.31
CA GLN A 456 -6.42 -5.88 1.38
C GLN A 456 -7.84 -5.77 0.82
N ARG A 457 -8.02 -4.92 -0.19
CA ARG A 457 -9.36 -4.60 -0.66
C ARG A 457 -10.09 -5.87 -1.08
N GLU A 458 -9.47 -6.65 -1.97
CA GLU A 458 -9.99 -7.95 -2.35
C GLU A 458 -10.48 -8.71 -1.14
N MET A 459 -9.58 -8.96 -0.18
CA MET A 459 -9.94 -9.72 1.00
C MET A 459 -11.17 -9.12 1.66
N LYS A 460 -11.12 -7.81 1.93
CA LYS A 460 -12.23 -7.17 2.62
C LYS A 460 -13.52 -7.36 1.83
N LYS A 461 -13.46 -7.15 0.51
CA LYS A 461 -14.65 -7.33 -0.31
C LYS A 461 -15.28 -8.68 -0.05
N SER A 462 -14.47 -9.74 -0.12
CA SER A 462 -14.97 -11.08 0.15
C SER A 462 -15.72 -11.10 1.47
N LEU A 463 -15.03 -10.74 2.55
CA LEU A 463 -15.65 -10.76 3.87
C LEU A 463 -16.91 -9.90 3.86
N MET A 464 -16.80 -8.69 3.31
CA MET A 464 -17.94 -7.79 3.36
C MET A 464 -19.14 -8.41 2.65
N ASP A 465 -18.90 -9.06 1.50
CA ASP A 465 -20.03 -9.65 0.78
C ASP A 465 -20.73 -10.67 1.66
N LEU A 466 -19.97 -11.49 2.37
CA LEU A 466 -20.58 -12.49 3.26
C LEU A 466 -21.52 -11.80 4.23
N ALA A 467 -21.05 -10.71 4.86
CA ALA A 467 -21.90 -10.01 5.81
C ALA A 467 -23.17 -9.52 5.13
N ASN A 468 -23.05 -8.98 3.91
CA ASN A 468 -24.22 -8.46 3.22
C ASN A 468 -25.24 -9.55 2.95
N ASP A 469 -24.81 -10.81 2.90
CA ASP A 469 -25.75 -11.90 2.75
C ASP A 469 -26.30 -12.38 4.08
N ALA A 470 -25.49 -12.31 5.14
CA ALA A 470 -25.92 -12.86 6.43
C ALA A 470 -27.14 -12.15 6.98
N CYS A 471 -27.31 -10.86 6.63
CA CYS A 471 -28.49 -10.13 7.09
C CYS A 471 -29.78 -10.78 6.63
N GLN A 472 -29.76 -11.48 5.48
CA GLN A 472 -30.97 -12.14 5.02
C GLN A 472 -31.45 -13.19 6.02
N LEU A 473 -30.53 -13.76 6.81
CA LEU A 473 -30.92 -14.75 7.81
C LEU A 473 -31.80 -14.15 8.89
N LEU A 474 -31.77 -12.83 9.07
CA LEU A 474 -32.69 -12.21 10.02
C LEU A 474 -34.11 -12.14 9.48
N SER A 475 -34.26 -12.11 8.15
CA SER A 475 -35.61 -12.03 7.57
C SER A 475 -36.41 -13.29 7.89
N GLY A 476 -35.80 -14.46 7.78
CA GLY A 476 -36.45 -15.72 8.09
C GLY A 476 -36.14 -16.29 9.46
N GLU A 477 -35.48 -15.52 10.33
CA GLU A 477 -35.08 -16.00 11.67
C GLU A 477 -34.29 -17.30 11.60
N ARG A 478 -33.59 -17.51 10.48
CA ARG A 478 -32.80 -18.71 10.29
C ARG A 478 -31.40 -18.61 10.89
N TYR A 479 -31.06 -17.46 11.50
CA TYR A 479 -29.75 -17.32 12.12
C TYR A 479 -29.60 -18.26 13.31
N LYS A 480 -30.68 -18.49 14.06
CA LYS A 480 -30.65 -19.48 15.12
C LYS A 480 -30.60 -20.91 14.60
N GLU A 481 -30.86 -21.12 13.31
CA GLU A 481 -30.65 -22.40 12.66
C GLU A 481 -29.30 -22.48 11.96
N ASP A 482 -28.46 -21.45 12.06
CA ASP A 482 -27.16 -21.44 11.42
C ASP A 482 -26.10 -22.01 12.36
N PRO A 483 -25.33 -23.01 11.92
CA PRO A 483 -24.30 -23.60 12.79
C PRO A 483 -23.14 -22.67 13.08
N TRP A 484 -23.14 -21.44 12.57
CA TRP A 484 -22.05 -20.50 12.83
C TRP A 484 -22.53 -19.15 13.33
N LEU A 485 -23.70 -18.67 12.88
CA LEU A 485 -24.12 -17.30 13.10
C LEU A 485 -25.23 -17.17 14.14
N TRP A 486 -25.40 -18.17 15.00
CA TRP A 486 -26.41 -18.09 16.05
C TRP A 486 -25.90 -17.40 17.31
N ASP A 487 -24.58 -17.21 17.44
CA ASP A 487 -24.01 -16.56 18.60
C ASP A 487 -24.12 -15.03 18.54
N LEU A 488 -24.35 -14.47 17.37
CA LEU A 488 -24.26 -13.03 17.17
C LEU A 488 -25.48 -12.31 17.72
N GLU A 489 -25.35 -10.99 17.86
CA GLU A 489 -26.45 -10.14 18.30
C GLU A 489 -27.20 -9.63 17.07
N TRP A 490 -28.52 -9.85 17.06
CA TRP A 490 -29.36 -9.46 15.93
C TRP A 490 -30.40 -8.44 16.34
N ASP A 491 -30.09 -7.58 17.31
CA ASP A 491 -31.03 -6.60 17.81
C ASP A 491 -31.21 -5.45 16.81
N LEU A 492 -32.36 -4.81 16.90
CA LEU A 492 -32.67 -3.64 16.09
C LEU A 492 -33.43 -2.64 16.95
N GLN A 493 -33.34 -1.36 16.58
CA GLN A 493 -33.99 -0.28 17.29
C GLN A 493 -34.73 0.60 16.31
N GLU A 494 -35.49 1.55 16.85
CA GLU A 494 -36.21 2.54 16.08
C GLU A 494 -35.66 3.93 16.37
N PHE A 495 -36.08 4.89 15.55
CA PHE A 495 -35.60 6.25 15.69
C PHE A 495 -36.28 6.95 16.86
N LYS A 496 -35.63 8.00 17.34
CA LYS A 496 -36.10 8.72 18.52
C LYS A 496 -37.36 9.52 18.20
N GLN A 497 -38.05 9.93 19.26
CA GLN A 497 -39.31 10.67 19.15
C GLN A 497 -39.38 11.61 20.34
N LYS A 498 -40.59 12.11 20.61
CA LYS A 498 -40.83 13.02 21.74
C LYS A 498 -40.39 12.42 23.06
N ASP A 526 -55.59 5.56 -14.67
CA ASP A 526 -54.54 6.49 -15.09
C ASP A 526 -55.13 7.65 -15.89
N GLN A 527 -54.51 8.83 -15.75
CA GLN A 527 -54.95 10.01 -16.46
C GLN A 527 -54.43 9.99 -17.89
N GLU A 528 -54.91 10.95 -18.69
CA GLU A 528 -54.46 11.09 -20.06
C GLU A 528 -53.27 12.05 -20.13
N ASP A 529 -52.72 12.21 -21.33
CA ASP A 529 -51.57 13.07 -21.52
C ASP A 529 -51.99 14.53 -21.41
N LEU A 530 -51.52 15.21 -20.37
CA LEU A 530 -51.82 16.62 -20.19
C LEU A 530 -51.01 17.53 -21.10
N GLY A 531 -50.01 16.98 -21.79
CA GLY A 531 -49.18 17.76 -22.69
C GLY A 531 -48.08 18.50 -21.96
N PRO A 532 -47.43 19.43 -22.66
CA PRO A 532 -46.36 20.21 -22.03
C PRO A 532 -46.87 21.25 -21.05
N CYS A 533 -45.97 22.09 -20.53
CA CYS A 533 -46.32 23.12 -19.56
C CYS A 533 -45.75 24.45 -20.02
N SER A 534 -46.35 25.53 -19.52
CA SER A 534 -45.83 26.86 -19.80
C SER A 534 -44.45 27.02 -19.16
N GLU A 535 -43.66 27.93 -19.72
CA GLU A 535 -42.36 28.24 -19.14
C GLU A 535 -42.53 28.73 -17.70
N GLU A 536 -43.47 29.64 -17.49
CA GLU A 536 -43.83 30.06 -16.13
C GLU A 536 -44.41 28.90 -15.34
N GLU A 537 -45.15 28.00 -16.01
CA GLU A 537 -45.74 26.86 -15.30
C GLU A 537 -44.68 25.93 -14.74
N GLU A 538 -43.70 25.54 -15.56
CA GLU A 538 -42.64 24.68 -15.06
C GLU A 538 -41.74 25.41 -14.07
N PHE A 539 -41.51 26.71 -14.27
CA PHE A 539 -40.78 27.50 -13.29
C PHE A 539 -41.47 27.42 -11.93
N GLN A 540 -42.78 27.66 -11.90
CA GLN A 540 -43.54 27.62 -10.65
C GLN A 540 -43.56 26.22 -10.06
N GLN A 541 -43.66 25.20 -10.91
CA GLN A 541 -43.65 23.83 -10.40
C GLN A 541 -42.32 23.50 -9.73
N ASP A 542 -41.21 23.88 -10.36
CA ASP A 542 -39.89 23.62 -9.78
C ASP A 542 -39.70 24.36 -8.47
N VAL A 543 -40.07 25.65 -8.43
CA VAL A 543 -39.88 26.41 -7.20
C VAL A 543 -40.80 25.89 -6.11
N MET A 544 -42.01 25.44 -6.47
CA MET A 544 -42.91 24.84 -5.48
C MET A 544 -42.32 23.57 -4.91
N ALA A 545 -41.74 22.72 -5.77
CA ALA A 545 -41.12 21.49 -5.28
C ALA A 545 -39.97 21.80 -4.34
N ARG A 546 -39.13 22.78 -4.69
CA ARG A 546 -38.00 23.13 -3.83
C ARG A 546 -38.47 23.68 -2.48
N ALA A 547 -39.45 24.57 -2.50
CA ALA A 547 -39.96 25.14 -1.26
C ALA A 547 -40.62 24.07 -0.40
N CYS A 548 -41.35 23.14 -1.02
CA CYS A 548 -41.95 22.04 -0.26
C CYS A 548 -40.89 21.14 0.35
N LEU A 549 -39.78 20.93 -0.37
CA LEU A 549 -38.71 20.09 0.17
C LEU A 549 -37.98 20.76 1.32
N GLN A 550 -37.89 22.10 1.31
CA GLN A 550 -37.20 22.79 2.40
C GLN A 550 -37.87 22.53 3.76
N LYS A 551 -39.19 22.31 3.76
CA LYS A 551 -39.91 22.07 5.00
C LYS A 551 -39.41 20.80 5.69
N LEU A 552 -39.07 19.79 4.90
CA LEU A 552 -38.57 18.55 5.49
C LEU A 552 -37.22 18.76 6.17
N LYS A 553 -36.33 19.57 5.58
CA LYS A 553 -35.08 19.91 6.26
C LYS A 553 -35.36 20.67 7.56
N GLY A 554 -36.30 21.62 7.52
CA GLY A 554 -36.68 22.31 8.74
C GLY A 554 -37.15 21.36 9.81
N THR A 555 -37.90 20.32 9.42
CA THR A 555 -38.27 19.28 10.36
C THR A 555 -37.07 18.46 10.82
N THR A 556 -36.10 18.25 9.92
CA THR A 556 -34.89 17.51 10.29
C THR A 556 -34.20 18.17 11.47
N GLU A 557 -34.15 19.49 11.49
CA GLU A 557 -33.44 20.07 12.63
C GLU A 557 -34.21 19.94 13.99
N LEU A 558 -35.29 19.18 14.12
CA LEU A 558 -36.01 19.05 15.39
C LEU A 558 -35.87 17.68 16.03
N LEU A 559 -35.14 16.76 15.42
CA LEU A 559 -34.98 15.39 15.89
C LEU A 559 -33.60 15.22 16.53
N PRO A 560 -33.34 14.09 17.22
CA PRO A 560 -32.29 14.09 18.26
C PRO A 560 -30.92 14.51 17.74
N LYS A 561 -30.18 15.22 18.60
CA LYS A 561 -28.85 15.70 18.25
C LYS A 561 -27.88 14.55 18.03
N ARG A 562 -27.98 13.49 18.83
CA ARG A 562 -27.08 12.35 18.69
C ARG A 562 -27.69 11.35 17.73
N PRO A 563 -27.12 11.12 16.56
CA PRO A 563 -27.70 10.15 15.62
C PRO A 563 -27.42 8.73 16.04
N GLN A 564 -28.27 7.82 15.56
CA GLN A 564 -28.10 6.40 15.77
C GLN A 564 -27.19 5.81 14.69
N HIS A 565 -26.49 4.74 15.06
CA HIS A 565 -25.59 4.04 14.15
C HIS A 565 -26.26 2.74 13.70
N LEU A 566 -26.83 2.76 12.51
CA LEU A 566 -27.47 1.60 11.90
C LEU A 566 -28.50 0.96 12.82
N PRO A 567 -29.56 1.67 13.19
CA PRO A 567 -30.62 1.05 14.02
C PRO A 567 -31.31 -0.11 13.33
N GLY A 568 -31.44 -0.07 12.02
CA GLY A 568 -32.15 -1.12 11.30
C GLY A 568 -31.25 -2.23 10.78
N HIS A 569 -30.14 -2.46 11.46
CA HIS A 569 -29.19 -3.51 11.13
C HIS A 569 -28.88 -4.32 12.37
N PRO A 570 -28.47 -5.58 12.19
CA PRO A 570 -28.11 -6.41 13.34
C PRO A 570 -26.95 -5.82 14.13
N GLY A 571 -26.82 -6.27 15.38
CA GLY A 571 -25.80 -5.70 16.26
C GLY A 571 -24.38 -5.96 15.74
N TRP A 572 -24.11 -7.19 15.31
CA TRP A 572 -22.78 -7.51 14.80
C TRP A 572 -22.47 -6.73 13.54
N TYR A 573 -23.44 -6.60 12.63
CA TYR A 573 -23.22 -5.83 11.42
C TYR A 573 -23.05 -4.35 11.74
N ARG A 574 -23.77 -3.85 12.74
CA ARG A 574 -23.56 -2.48 13.18
C ARG A 574 -22.15 -2.29 13.72
N LYS A 575 -21.64 -3.31 14.43
CA LYS A 575 -20.25 -3.25 14.90
C LYS A 575 -19.28 -3.21 13.73
N LEU A 576 -19.55 -4.00 12.69
CA LEU A 576 -18.63 -4.09 11.56
C LEU A 576 -18.61 -2.83 10.70
N CYS A 577 -19.56 -1.91 10.88
CA CYS A 577 -19.53 -0.79 9.97
C CYS A 577 -18.96 0.46 10.62
N PRO A 578 -18.10 1.19 9.91
CA PRO A 578 -17.61 2.46 10.44
C PRO A 578 -18.75 3.45 10.63
N ARG A 579 -18.62 4.26 11.68
CA ARG A 579 -19.62 5.30 11.93
C ARG A 579 -19.50 6.41 10.89
N LEU A 580 -20.64 7.04 10.58
CA LEU A 580 -20.69 8.00 9.48
C LEU A 580 -19.77 9.20 9.75
N ASP A 581 -19.73 9.68 10.99
CA ASP A 581 -18.93 10.85 11.32
C ASP A 581 -17.43 10.57 11.31
N ASP A 582 -17.02 9.33 11.13
CA ASP A 582 -15.60 9.00 11.06
C ASP A 582 -14.97 9.71 9.86
N PRO A 583 -13.85 10.41 10.03
CA PRO A 583 -13.22 11.08 8.88
C PRO A 583 -12.84 10.12 7.77
N ALA A 584 -12.38 8.92 8.12
CA ALA A 584 -12.04 7.88 7.13
C ALA A 584 -13.18 6.86 7.14
N TRP A 585 -14.23 7.18 6.40
CA TRP A 585 -15.43 6.35 6.32
C TRP A 585 -15.51 5.70 4.95
N THR A 586 -15.89 4.43 4.93
CA THR A 586 -16.08 3.68 3.70
C THR A 586 -17.37 2.89 3.79
N PRO A 587 -18.08 2.73 2.68
CA PRO A 587 -19.38 2.05 2.72
C PRO A 587 -19.25 0.57 3.07
N GLY A 588 -20.30 0.06 3.71
CA GLY A 588 -20.36 -1.33 4.08
C GLY A 588 -19.56 -1.65 5.32
N PRO A 589 -19.51 -2.93 5.69
CA PRO A 589 -18.76 -3.36 6.88
C PRO A 589 -17.25 -3.40 6.63
N SER A 590 -16.68 -2.23 6.33
CA SER A 590 -15.28 -2.14 5.95
C SER A 590 -14.32 -2.44 7.09
N LEU A 591 -14.79 -2.46 8.34
CA LEU A 591 -13.92 -2.79 9.45
C LEU A 591 -13.54 -4.25 9.48
N LEU A 592 -14.15 -5.08 8.65
CA LEU A 592 -13.91 -6.52 8.68
C LEU A 592 -12.46 -6.85 8.36
N SER A 593 -11.96 -7.90 9.01
CA SER A 593 -10.62 -8.42 8.78
C SER A 593 -10.62 -9.90 9.16
N LEU A 594 -9.59 -10.60 8.69
CA LEU A 594 -9.50 -12.04 8.98
C LEU A 594 -9.26 -12.31 10.46
N GLN A 595 -8.75 -11.34 11.21
CA GLN A 595 -8.41 -11.52 12.61
C GLN A 595 -9.57 -11.28 13.56
N MET A 596 -10.72 -10.83 13.05
CA MET A 596 -11.89 -10.64 13.90
C MET A 596 -12.53 -11.99 14.24
N ARG A 597 -13.18 -12.04 15.40
CA ARG A 597 -13.80 -13.29 15.84
C ARG A 597 -14.97 -13.67 14.94
N VAL A 598 -15.67 -12.69 14.37
CA VAL A 598 -16.84 -13.00 13.56
C VAL A 598 -16.44 -13.58 12.21
N THR A 599 -15.23 -13.29 11.74
CA THR A 599 -14.83 -13.70 10.40
C THR A 599 -14.84 -15.22 10.18
N PRO A 600 -14.30 -16.05 11.08
CA PRO A 600 -14.42 -17.50 10.86
C PRO A 600 -15.87 -17.97 10.82
N LYS A 601 -16.76 -17.31 11.55
CA LYS A 601 -18.18 -17.65 11.46
C LYS A 601 -18.76 -17.25 10.10
N LEU A 602 -18.38 -16.07 9.59
CA LEU A 602 -18.91 -15.61 8.31
C LEU A 602 -18.49 -16.54 7.17
N MET A 603 -17.25 -17.00 7.19
CA MET A 603 -16.77 -17.94 6.19
C MET A 603 -17.23 -19.37 6.47
N ALA A 604 -17.88 -19.61 7.61
CA ALA A 604 -18.37 -20.94 7.98
C ALA A 604 -17.24 -21.97 7.96
N LEU A 605 -16.14 -21.62 8.61
CA LEU A 605 -14.97 -22.50 8.61
C LEU A 605 -15.31 -23.83 9.24
N THR A 606 -14.86 -24.91 8.60
CA THR A 606 -15.17 -26.27 9.03
C THR A 606 -13.87 -27.03 9.21
N TRP A 607 -13.66 -27.57 10.40
CA TRP A 607 -12.45 -28.32 10.73
C TRP A 607 -12.81 -29.81 10.81
N ASP A 608 -12.42 -30.57 9.78
CA ASP A 608 -12.64 -32.01 9.74
C ASP A 608 -14.12 -32.35 9.89
N GLY A 609 -14.98 -31.61 9.20
CA GLY A 609 -16.41 -31.80 9.29
C GLY A 609 -17.09 -31.12 10.46
N PHE A 610 -16.36 -30.33 11.23
CA PHE A 610 -16.90 -29.69 12.43
C PHE A 610 -17.01 -28.19 12.24
N PRO A 611 -18.15 -27.58 12.54
CA PRO A 611 -18.21 -26.12 12.59
C PRO A 611 -17.34 -25.59 13.72
N LEU A 612 -16.78 -24.39 13.50
CA LEU A 612 -15.91 -23.80 14.50
C LEU A 612 -16.71 -23.05 15.55
N HIS A 613 -16.04 -22.72 16.65
CA HIS A 613 -16.67 -22.03 17.77
C HIS A 613 -15.59 -21.36 18.61
N TYR A 614 -16.00 -20.37 19.38
CA TYR A 614 -15.10 -19.54 20.17
C TYR A 614 -15.42 -19.73 21.64
N SER A 615 -14.54 -20.43 22.37
CA SER A 615 -14.65 -20.55 23.81
C SER A 615 -13.80 -19.46 24.46
N GLU A 616 -14.37 -18.80 25.47
CA GLU A 616 -13.75 -17.61 26.03
C GLU A 616 -12.40 -17.94 26.67
N ARG A 617 -12.32 -19.04 27.41
CA ARG A 617 -11.10 -19.39 28.11
C ARG A 617 -10.10 -20.14 27.23
N HIS A 618 -10.51 -20.60 26.04
CA HIS A 618 -9.65 -21.51 25.28
C HIS A 618 -9.59 -21.21 23.79
N GLY A 619 -9.95 -20.00 23.37
CA GLY A 619 -9.76 -19.62 21.98
C GLY A 619 -10.69 -20.38 21.04
N TRP A 620 -10.16 -20.71 19.87
CA TRP A 620 -10.96 -21.35 18.83
C TRP A 620 -10.93 -22.86 18.96
N GLY A 621 -12.10 -23.48 18.82
CA GLY A 621 -12.24 -24.91 18.79
C GLY A 621 -13.29 -25.33 17.79
N TYR A 622 -13.65 -26.60 17.74
CA TYR A 622 -14.67 -27.07 16.80
C TYR A 622 -15.70 -27.91 17.55
N LEU A 623 -16.97 -27.57 17.38
CA LEU A 623 -18.07 -28.26 18.03
C LEU A 623 -18.41 -29.56 17.30
N VAL A 645 -31.29 -17.77 23.13
CA VAL A 645 -30.13 -18.25 22.40
C VAL A 645 -29.91 -19.73 22.65
N VAL A 646 -30.30 -20.56 21.69
CA VAL A 646 -30.19 -22.01 21.78
C VAL A 646 -29.33 -22.50 20.62
N CYS A 647 -28.33 -23.31 20.93
CA CYS A 647 -27.44 -23.81 19.89
C CYS A 647 -28.16 -24.82 19.01
N PRO A 648 -28.12 -24.67 17.69
CA PRO A 648 -28.77 -25.64 16.78
C PRO A 648 -27.90 -26.88 16.55
N TYR A 649 -27.98 -27.82 17.49
CA TYR A 649 -27.19 -29.04 17.39
C TYR A 649 -27.72 -29.96 16.28
N ARG A 650 -29.03 -29.90 16.00
CA ARG A 650 -29.55 -30.68 14.88
C ARG A 650 -28.93 -30.22 13.56
N ALA A 651 -28.80 -28.90 13.38
CA ALA A 651 -28.17 -28.39 12.17
C ALA A 651 -26.71 -28.81 12.09
N ILE A 652 -26.00 -28.79 13.23
CA ILE A 652 -24.60 -29.21 13.24
C ILE A 652 -24.48 -30.68 12.86
N GLU A 653 -25.35 -31.53 13.41
CA GLU A 653 -25.31 -32.95 13.09
C GLU A 653 -25.64 -33.19 11.62
N SER A 654 -26.62 -32.46 11.08
CA SER A 654 -26.94 -32.59 9.66
C SER A 654 -25.76 -32.17 8.79
N LEU A 655 -25.09 -31.08 9.17
CA LEU A 655 -23.91 -30.64 8.43
C LEU A 655 -22.81 -31.69 8.48
N TYR A 656 -22.59 -32.29 9.65
CA TYR A 656 -21.56 -33.32 9.76
C TYR A 656 -21.92 -34.56 8.94
N ARG A 657 -23.21 -34.92 8.91
CA ARG A 657 -23.64 -36.04 8.08
C ARG A 657 -23.40 -35.74 6.60
N LYS A 658 -23.70 -34.51 6.17
CA LYS A 658 -23.45 -34.12 4.79
C LYS A 658 -21.96 -34.17 4.47
N HIS A 659 -21.12 -33.70 5.40
CA HIS A 659 -19.68 -33.76 5.19
C HIS A 659 -19.19 -35.20 5.08
N CYS A 660 -19.71 -36.09 5.94
CA CYS A 660 -19.33 -37.50 5.86
C CYS A 660 -19.78 -38.13 4.55
N LEU A 661 -20.98 -37.77 4.08
CA LEU A 661 -21.44 -38.27 2.79
C LEU A 661 -20.54 -37.77 1.66
N GLU A 662 -20.11 -36.51 1.72
CA GLU A 662 -19.19 -35.99 0.72
C GLU A 662 -17.86 -36.73 0.76
N GLN A 663 -17.35 -37.02 1.96
CA GLN A 663 -16.09 -37.73 2.20
C GLN A 663 -14.98 -37.38 1.20
N ALA A 721 -13.65 -39.74 27.05
CA ALA A 721 -14.73 -38.89 26.55
C ALA A 721 -16.02 -39.16 27.31
N ARG A 722 -16.33 -38.28 28.27
CA ARG A 722 -17.52 -38.45 29.09
C ARG A 722 -18.78 -38.33 28.24
N GLY A 723 -19.66 -39.31 28.36
CA GLY A 723 -20.70 -39.56 27.38
C GLY A 723 -22.12 -39.12 27.68
N GLY A 724 -22.30 -37.93 28.25
CA GLY A 724 -23.62 -37.42 28.52
C GLY A 724 -24.38 -37.05 27.27
N PRO A 725 -25.46 -37.78 26.96
CA PRO A 725 -26.26 -37.44 25.77
C PRO A 725 -27.02 -36.13 25.90
N LYS A 726 -27.25 -35.66 27.13
CA LYS A 726 -27.99 -34.43 27.37
C LYS A 726 -27.00 -33.29 27.61
N ASP A 727 -27.21 -32.18 26.90
CA ASP A 727 -26.36 -30.98 26.98
C ASP A 727 -24.95 -31.36 26.58
N THR A 728 -23.94 -31.18 27.42
CA THR A 728 -22.56 -31.45 27.01
C THR A 728 -22.40 -32.92 26.62
N GLN A 729 -21.76 -33.15 25.48
CA GLN A 729 -21.66 -34.46 24.85
C GLN A 729 -20.20 -34.82 24.64
N PRO A 730 -19.89 -36.10 24.48
CA PRO A 730 -18.54 -36.50 24.12
C PRO A 730 -18.34 -36.41 22.62
N SER A 731 -17.10 -36.66 22.22
CA SER A 731 -16.80 -37.08 20.87
C SER A 731 -16.20 -38.47 20.95
N TYR A 732 -16.61 -39.34 20.02
CA TYR A 732 -15.90 -40.58 19.80
C TYR A 732 -14.71 -40.38 18.85
N HIS A 733 -14.28 -39.12 18.78
CA HIS A 733 -13.17 -38.59 18.00
C HIS A 733 -12.10 -38.09 18.98
N HIS A 734 -10.90 -37.83 18.45
CA HIS A 734 -9.74 -37.57 19.29
C HIS A 734 -9.09 -36.23 18.93
N GLY A 735 -8.37 -35.68 19.90
CA GLY A 735 -7.78 -34.37 19.78
C GLY A 735 -7.47 -33.81 21.15
N ASN A 736 -7.02 -32.55 21.17
CA ASN A 736 -6.55 -31.92 22.39
C ASN A 736 -7.57 -30.93 22.95
N GLY A 737 -7.18 -30.21 24.00
CA GLY A 737 -7.99 -29.18 24.59
C GLY A 737 -8.94 -29.70 25.64
N PRO A 738 -9.47 -28.80 26.48
CA PRO A 738 -10.59 -29.17 27.34
C PRO A 738 -11.87 -29.36 26.53
N TYR A 739 -12.76 -30.20 27.04
CA TYR A 739 -13.97 -30.58 26.32
C TYR A 739 -15.24 -30.02 26.95
N ASN A 740 -15.49 -30.32 28.22
CA ASN A 740 -16.80 -30.09 28.83
C ASN A 740 -16.85 -28.84 29.69
N ASP A 741 -15.81 -27.99 29.66
CA ASP A 741 -15.87 -26.74 30.41
C ASP A 741 -16.95 -25.82 29.86
N VAL A 742 -17.15 -25.81 28.55
CA VAL A 742 -18.22 -25.05 27.91
C VAL A 742 -19.40 -25.98 27.66
N ASP A 743 -20.60 -25.51 27.98
CA ASP A 743 -21.80 -26.33 27.91
C ASP A 743 -22.60 -25.97 26.67
N ILE A 744 -22.79 -26.95 25.78
CA ILE A 744 -23.56 -26.77 24.55
C ILE A 744 -24.56 -27.92 24.47
N PRO A 745 -25.80 -27.69 24.02
CA PRO A 745 -26.73 -28.83 23.86
C PRO A 745 -26.20 -29.92 22.96
N GLY A 746 -25.56 -29.57 21.84
CA GLY A 746 -24.76 -30.52 21.09
C GLY A 746 -23.30 -30.14 21.17
N CYS A 747 -22.52 -30.89 21.93
CA CYS A 747 -21.24 -30.37 22.42
C CYS A 747 -20.11 -31.38 22.24
N TRP A 748 -19.97 -31.93 21.04
CA TRP A 748 -18.72 -32.66 20.73
C TRP A 748 -17.64 -31.63 20.43
N PHE A 749 -17.27 -30.91 21.49
CA PHE A 749 -16.37 -29.77 21.42
C PHE A 749 -14.92 -30.22 21.51
N PHE A 750 -14.07 -29.69 20.63
CA PHE A 750 -12.64 -29.92 20.64
C PHE A 750 -11.93 -28.64 20.29
N LYS A 751 -10.86 -28.34 21.03
CA LYS A 751 -10.02 -27.20 20.68
C LYS A 751 -9.22 -27.48 19.41
N LEU A 752 -8.94 -26.42 18.66
CA LEU A 752 -8.11 -26.55 17.48
C LEU A 752 -6.68 -26.90 17.87
N PRO A 753 -5.99 -27.72 17.08
CA PRO A 753 -4.57 -28.00 17.37
C PRO A 753 -3.75 -26.72 17.30
N HIS A 754 -2.78 -26.61 18.21
CA HIS A 754 -1.92 -25.45 18.27
C HIS A 754 -0.46 -25.90 18.26
N LYS A 755 0.38 -25.13 17.58
CA LYS A 755 1.81 -25.44 17.54
C LYS A 755 2.50 -25.20 18.87
N ASP A 756 1.81 -24.57 19.83
CA ASP A 756 2.38 -24.27 21.14
C ASP A 756 1.68 -25.04 22.26
N GLY A 757 1.18 -26.24 21.95
CA GLY A 757 0.70 -27.16 22.95
C GLY A 757 -0.79 -27.02 23.26
N ASN A 758 -1.27 -27.96 24.08
CA ASN A 758 -2.67 -27.95 24.48
C ASN A 758 -3.00 -26.78 25.39
N SER A 759 -2.03 -26.34 26.20
CA SER A 759 -2.28 -25.23 27.12
C SER A 759 -2.58 -23.94 26.36
N CYS A 760 -1.90 -23.70 25.25
CA CYS A 760 -2.13 -22.50 24.47
C CYS A 760 -3.45 -22.63 23.69
N ASN A 761 -3.92 -21.48 23.20
CA ASN A 761 -5.20 -21.40 22.51
C ASN A 761 -4.98 -20.77 21.13
N VAL A 762 -5.89 -21.09 20.21
CA VAL A 762 -5.83 -20.57 18.85
C VAL A 762 -6.60 -19.26 18.79
N GLY A 763 -5.91 -18.19 18.45
CA GLY A 763 -6.53 -16.88 18.39
C GLY A 763 -7.16 -16.55 17.04
N SER A 764 -6.73 -17.24 15.99
CA SER A 764 -7.28 -17.02 14.66
C SER A 764 -7.03 -18.22 13.76
N PRO A 765 -8.08 -18.80 13.17
CA PRO A 765 -7.87 -19.89 12.20
C PRO A 765 -7.10 -19.47 10.97
N PHE A 766 -7.05 -18.16 10.66
CA PHE A 766 -6.40 -17.66 9.47
C PHE A 766 -4.90 -17.44 9.67
N ALA A 767 -4.31 -18.02 10.71
CA ALA A 767 -2.88 -17.88 10.95
C ALA A 767 -2.11 -18.59 9.85
N LYS A 768 -0.85 -18.16 9.67
CA LYS A 768 -0.03 -18.66 8.57
C LYS A 768 0.25 -20.15 8.68
N ASP A 769 0.20 -20.71 9.89
CA ASP A 769 0.48 -22.14 10.07
C ASP A 769 -0.72 -23.02 9.81
N PHE A 770 -1.90 -22.45 9.53
CA PHE A 770 -3.07 -23.22 9.16
C PHE A 770 -3.28 -23.32 7.65
N LEU A 771 -2.44 -22.65 6.86
CA LEU A 771 -2.45 -22.88 5.42
C LEU A 771 -2.16 -24.33 5.06
N PRO A 772 -1.17 -25.02 5.67
CA PRO A 772 -1.03 -26.46 5.37
C PRO A 772 -2.27 -27.26 5.69
N LYS A 773 -3.00 -26.92 6.76
CA LYS A 773 -4.24 -27.63 7.05
C LYS A 773 -5.30 -27.31 6.00
N MET A 774 -5.32 -26.07 5.50
CA MET A 774 -6.22 -25.73 4.40
C MET A 774 -5.92 -26.57 3.16
N GLU A 775 -4.64 -26.73 2.82
CA GLU A 775 -4.27 -27.55 1.68
C GLU A 775 -4.59 -29.02 1.92
N ASP A 776 -4.42 -29.47 3.17
CA ASP A 776 -4.75 -30.85 3.53
C ASP A 776 -6.24 -31.11 3.34
N GLY A 777 -7.08 -30.17 3.74
CA GLY A 777 -8.52 -30.31 3.65
C GLY A 777 -9.21 -30.50 4.98
N THR A 778 -8.46 -30.61 6.07
CA THR A 778 -9.08 -30.65 7.39
C THR A 778 -9.84 -29.36 7.67
N LEU A 779 -9.23 -28.23 7.37
CA LEU A 779 -9.89 -26.93 7.49
C LEU A 779 -10.43 -26.52 6.12
N GLN A 780 -11.70 -26.14 6.08
CA GLN A 780 -12.37 -25.83 4.84
C GLN A 780 -13.23 -24.58 5.01
N ALA A 781 -13.58 -23.97 3.89
CA ALA A 781 -14.42 -22.78 3.87
C ALA A 781 -15.85 -23.15 3.48
N GLY A 782 -16.81 -22.46 4.08
CA GLY A 782 -18.21 -22.70 3.84
C GLY A 782 -18.63 -22.49 2.40
N PRO A 783 -18.32 -21.32 1.82
CA PRO A 783 -18.59 -21.13 0.39
C PRO A 783 -17.86 -22.13 -0.49
N GLY A 784 -16.69 -22.59 -0.09
CA GLY A 784 -15.97 -23.59 -0.85
C GLY A 784 -15.11 -22.99 -1.95
N GLY A 785 -14.51 -23.89 -2.73
CA GLY A 785 -13.63 -23.49 -3.80
C GLY A 785 -12.24 -23.13 -3.32
N ALA A 786 -11.83 -21.88 -3.55
CA ALA A 786 -10.53 -21.40 -3.12
C ALA A 786 -10.64 -20.13 -2.29
N SER A 787 -11.82 -19.83 -1.76
CA SER A 787 -11.98 -18.61 -0.95
C SER A 787 -11.12 -18.67 0.32
N GLY A 788 -11.12 -19.82 0.98
CA GLY A 788 -10.31 -20.01 2.17
C GLY A 788 -8.82 -19.97 1.89
N PRO A 789 -8.34 -20.79 0.94
CA PRO A 789 -6.91 -20.73 0.59
C PRO A 789 -6.48 -19.36 0.11
N ARG A 790 -7.31 -18.67 -0.67
CA ARG A 790 -6.95 -17.32 -1.11
C ARG A 790 -6.88 -16.35 0.04
N ALA A 791 -7.82 -16.44 0.99
CA ALA A 791 -7.78 -15.57 2.15
C ALA A 791 -6.51 -15.80 2.97
N LEU A 792 -6.14 -17.06 3.18
CA LEU A 792 -4.93 -17.35 3.95
C LEU A 792 -3.68 -16.93 3.18
N GLU A 793 -3.68 -17.08 1.86
CA GLU A 793 -2.55 -16.61 1.06
C GLU A 793 -2.40 -15.09 1.16
N ILE A 794 -3.52 -14.37 1.08
CA ILE A 794 -3.47 -12.91 1.22
C ILE A 794 -2.96 -12.51 2.60
N ASN A 795 -3.43 -13.20 3.64
CA ASN A 795 -2.97 -12.91 4.98
C ASN A 795 -1.46 -13.15 5.11
N LYS A 796 -0.98 -14.27 4.57
CA LYS A 796 0.45 -14.55 4.60
C LYS A 796 1.23 -13.47 3.85
N MET A 797 0.71 -13.03 2.71
CA MET A 797 1.40 -12.02 1.92
C MET A 797 1.48 -10.69 2.66
N ILE A 798 0.41 -10.31 3.35
CA ILE A 798 0.30 -8.95 3.86
C ILE A 798 0.55 -8.82 5.35
N SER A 799 0.82 -9.93 6.07
CA SER A 799 1.04 -9.83 7.51
C SER A 799 2.26 -8.98 7.85
N PHE A 800 3.37 -9.22 7.15
CA PHE A 800 4.58 -8.45 7.44
C PHE A 800 4.37 -6.96 7.20
N TRP A 801 3.72 -6.60 6.10
CA TRP A 801 3.49 -5.20 5.83
C TRP A 801 2.49 -4.60 6.81
N ARG A 802 1.42 -5.33 7.15
CA ARG A 802 0.47 -4.85 8.14
C ARG A 802 1.18 -4.52 9.45
N ASN A 803 2.17 -5.33 9.81
CA ASN A 803 2.91 -5.07 11.04
C ASN A 803 3.88 -3.90 10.88
N ALA A 804 4.59 -3.80 9.75
CA ALA A 804 5.77 -2.95 9.68
C ALA A 804 5.63 -1.73 8.78
N HIS A 805 4.45 -1.44 8.24
CA HIS A 805 4.34 -0.31 7.32
C HIS A 805 4.48 1.02 8.05
N LYS A 806 3.88 1.14 9.25
CA LYS A 806 3.96 2.39 10.00
C LYS A 806 5.40 2.73 10.36
N ARG A 807 6.29 1.73 10.43
CA ARG A 807 7.71 1.96 10.67
C ARG A 807 8.47 2.24 9.37
N ILE A 808 8.28 1.38 8.37
CA ILE A 808 9.06 1.49 7.14
C ILE A 808 8.75 2.80 6.42
N SER A 809 7.46 3.13 6.29
CA SER A 809 7.09 4.38 5.62
C SER A 809 7.59 5.59 6.39
N SER A 810 7.48 5.56 7.72
CA SER A 810 7.88 6.69 8.55
C SER A 810 9.38 6.81 8.74
N GLN A 811 10.16 5.82 8.28
CA GLN A 811 11.61 5.91 8.35
C GLN A 811 12.12 7.23 7.75
N MET A 812 13.10 7.82 8.41
CA MET A 812 13.57 9.18 8.10
C MET A 812 14.68 9.15 7.06
N VAL A 813 14.41 9.72 5.89
CA VAL A 813 15.40 9.85 4.82
C VAL A 813 15.88 11.29 4.77
N VAL A 814 17.19 11.48 4.63
CA VAL A 814 17.76 12.81 4.40
C VAL A 814 18.55 12.75 3.11
N TRP A 815 18.21 13.64 2.17
CA TRP A 815 18.75 13.61 0.81
C TRP A 815 19.89 14.61 0.69
N LEU A 816 21.08 14.10 0.31
CA LEU A 816 22.24 14.95 0.10
C LEU A 816 22.13 15.64 -1.26
N PRO A 817 22.40 16.94 -1.33
CA PRO A 817 22.44 17.64 -2.61
C PRO A 817 23.71 17.28 -3.39
N ARG A 818 23.78 17.79 -4.62
CA ARG A 818 24.95 17.54 -5.46
C ARG A 818 26.22 18.09 -4.83
N SER A 819 26.11 19.23 -4.13
CA SER A 819 27.28 19.79 -3.46
C SER A 819 27.79 18.87 -2.37
N ALA A 820 26.89 18.27 -1.59
CA ALA A 820 27.30 17.33 -0.56
C ALA A 820 27.78 16.01 -1.14
N LEU A 821 27.33 15.67 -2.34
CA LEU A 821 27.80 14.44 -2.98
C LEU A 821 29.29 14.54 -3.29
N PRO A 822 30.08 13.52 -2.98
CA PRO A 822 31.52 13.58 -3.26
C PRO A 822 31.82 13.56 -4.75
N ARG A 823 33.03 14.01 -5.08
CA ARG A 823 33.45 14.05 -6.48
C ARG A 823 33.52 12.66 -7.09
N ALA A 824 33.88 11.65 -6.29
CA ALA A 824 33.91 10.28 -6.81
C ALA A 824 32.54 9.83 -7.25
N VAL A 825 31.50 10.14 -6.46
CA VAL A 825 30.13 9.81 -6.84
C VAL A 825 29.71 10.63 -8.05
N ILE A 826 30.05 11.92 -8.07
CA ILE A 826 29.60 12.80 -9.15
C ILE A 826 30.18 12.33 -10.49
N ARG A 827 31.48 12.08 -10.53
CA ARG A 827 32.14 11.63 -11.75
C ARG A 827 32.10 10.10 -11.82
N HIS A 828 30.91 9.59 -12.12
CA HIS A 828 30.69 8.16 -12.23
C HIS A 828 29.56 7.92 -13.23
N PRO A 829 29.68 6.91 -14.09
CA PRO A 829 28.62 6.66 -15.09
C PRO A 829 27.25 6.40 -14.48
N ASP A 830 27.20 5.74 -13.32
CA ASP A 830 25.91 5.42 -12.71
C ASP A 830 25.24 6.61 -12.06
N TYR A 831 25.93 7.75 -11.95
CA TYR A 831 25.34 8.93 -11.33
C TYR A 831 24.25 9.51 -12.24
N ASP A 832 23.00 9.41 -11.80
CA ASP A 832 21.86 9.98 -12.51
C ASP A 832 21.55 11.34 -11.88
N GLU A 833 21.78 12.41 -12.65
CA GLU A 833 21.59 13.75 -12.12
C GLU A 833 20.15 14.00 -11.72
N GLU A 834 19.20 13.44 -12.47
CA GLU A 834 17.79 13.57 -12.12
C GLU A 834 17.43 12.81 -10.85
N GLY A 835 18.23 11.82 -10.46
CA GLY A 835 17.92 11.02 -9.29
C GLY A 835 18.29 11.70 -7.99
N LEU A 836 17.82 11.09 -6.90
CA LEU A 836 18.09 11.56 -5.55
C LEU A 836 18.94 10.55 -4.80
N TYR A 837 19.93 11.04 -4.07
CA TYR A 837 20.79 10.21 -3.23
C TYR A 837 20.73 10.70 -1.80
N GLY A 838 20.51 9.79 -0.87
CA GLY A 838 20.37 10.18 0.52
C GLY A 838 20.72 9.03 1.43
N ALA A 839 20.41 9.23 2.72
CA ALA A 839 20.76 8.27 3.74
C ALA A 839 19.65 8.13 4.77
N ILE A 840 19.60 6.95 5.37
CA ILE A 840 18.85 6.66 6.58
C ILE A 840 19.84 6.26 7.65
N LEU A 841 19.77 6.88 8.81
CA LEU A 841 20.60 6.48 9.94
C LEU A 841 19.74 5.64 10.88
N PRO A 842 19.94 4.33 10.93
CA PRO A 842 19.14 3.50 11.82
C PRO A 842 19.33 3.92 13.27
N GLN A 843 18.22 3.92 14.02
CA GLN A 843 18.23 4.38 15.41
C GLN A 843 18.46 3.19 16.33
N VAL A 844 19.70 2.71 16.31
CA VAL A 844 20.08 1.52 17.06
C VAL A 844 20.40 1.91 18.49
N VAL A 845 19.79 1.22 19.45
CA VAL A 845 20.24 1.26 20.83
C VAL A 845 21.42 0.30 20.93
N THR A 846 22.58 0.83 21.32
CA THR A 846 23.82 0.06 21.22
C THR A 846 23.75 -1.23 22.04
N ALA A 847 23.20 -1.16 23.25
CA ALA A 847 22.93 -2.33 24.09
C ALA A 847 21.50 -2.20 24.58
N GLY A 848 20.58 -2.87 23.90
CA GLY A 848 19.16 -2.76 24.22
C GLY A 848 18.60 -3.98 24.94
N THR A 849 19.40 -5.01 25.09
CA THR A 849 19.00 -6.25 25.77
C THR A 849 19.93 -6.50 26.94
N ILE A 850 19.54 -7.46 27.79
CA ILE A 850 20.42 -7.88 28.88
C ILE A 850 21.70 -8.47 28.34
N THR A 851 21.65 -9.03 27.14
CA THR A 851 22.82 -9.60 26.49
C THR A 851 23.69 -8.55 25.82
N ARG A 852 23.37 -7.27 25.99
CA ARG A 852 24.06 -6.13 25.40
C ARG A 852 23.99 -6.14 23.88
N ALA A 853 22.97 -6.80 23.32
CA ALA A 853 22.77 -6.81 21.87
C ALA A 853 22.04 -5.57 21.42
N ALA A 854 22.25 -5.20 20.15
CA ALA A 854 21.63 -4.00 19.60
C ALA A 854 20.13 -4.19 19.43
N VAL A 855 19.40 -3.08 19.49
CA VAL A 855 17.95 -3.08 19.33
C VAL A 855 17.56 -1.95 18.40
N GLU A 856 16.88 -2.27 17.30
CA GLU A 856 16.35 -1.29 16.37
C GLU A 856 14.96 -1.78 15.96
N PRO A 857 13.93 -0.95 16.10
CA PRO A 857 12.57 -1.42 15.82
C PRO A 857 12.35 -1.89 14.39
N THR A 858 13.03 -1.28 13.42
CA THR A 858 12.76 -1.52 12.01
C THR A 858 13.81 -2.39 11.34
N TRP A 859 15.08 -1.99 11.37
CA TRP A 859 16.09 -2.60 10.53
C TRP A 859 16.70 -3.86 11.13
N LEU A 860 16.64 -4.04 12.44
CA LEU A 860 17.09 -5.29 13.04
C LEU A 860 16.02 -6.38 12.99
N THR A 861 14.79 -6.02 12.61
CA THR A 861 13.73 -7.00 12.38
C THR A 861 13.25 -7.01 10.94
N ALA A 862 13.85 -6.22 10.06
CA ALA A 862 13.51 -6.19 8.64
C ALA A 862 13.53 -7.58 8.03
N SER A 863 12.39 -7.97 7.47
CA SER A 863 12.28 -9.27 6.82
C SER A 863 13.16 -9.34 5.58
N ASN A 864 13.73 -10.51 5.33
CA ASN A 864 14.44 -10.74 4.09
C ASN A 864 13.46 -11.04 2.97
N ALA A 865 13.94 -10.94 1.73
CA ALA A 865 13.06 -11.05 0.57
C ALA A 865 12.37 -12.41 0.54
N ARG A 866 11.06 -12.39 0.38
CA ARG A 866 10.24 -13.58 0.28
C ARG A 866 9.26 -13.37 -0.86
N PRO A 867 9.00 -14.42 -1.66
CA PRO A 867 8.13 -14.23 -2.83
C PRO A 867 6.71 -13.82 -2.49
N ASP A 868 6.24 -14.07 -1.26
CA ASP A 868 4.88 -13.72 -0.89
C ASP A 868 4.79 -12.48 0.00
N ARG A 869 5.79 -12.21 0.84
CA ARG A 869 5.74 -11.05 1.72
C ARG A 869 5.82 -9.76 0.90
N VAL A 870 4.89 -8.84 1.17
CA VAL A 870 4.73 -7.67 0.31
C VAL A 870 5.94 -6.75 0.39
N GLY A 871 6.38 -6.43 1.61
CA GLY A 871 7.46 -5.47 1.76
C GLY A 871 8.82 -6.08 1.96
N SER A 872 8.96 -7.37 1.64
CA SER A 872 10.16 -8.12 1.99
C SER A 872 11.42 -7.63 1.27
N GLU A 873 11.30 -6.81 0.23
CA GLU A 873 12.46 -6.22 -0.43
C GLU A 873 13.01 -5.00 0.31
N LEU A 874 12.64 -4.87 1.59
CA LEU A 874 13.04 -3.70 2.38
C LEU A 874 14.55 -3.58 2.47
N LYS A 875 15.23 -4.66 2.88
CA LYS A 875 16.69 -4.61 3.00
C LYS A 875 17.36 -4.44 1.64
N ALA A 876 16.77 -5.02 0.58
CA ALA A 876 17.30 -4.81 -0.76
C ALA A 876 17.17 -3.36 -1.21
N MET A 877 16.22 -2.62 -0.65
CA MET A 877 16.07 -1.21 -1.03
C MET A 877 17.21 -0.32 -0.53
N VAL A 878 18.07 -0.82 0.37
CA VAL A 878 19.23 -0.06 0.83
C VAL A 878 20.35 -0.27 -0.20
N GLN A 879 20.51 0.68 -1.11
CA GLN A 879 21.39 0.53 -2.26
C GLN A 879 22.53 1.53 -2.19
N ALA A 880 23.75 1.05 -2.46
CA ALA A 880 24.93 1.90 -2.37
C ALA A 880 24.91 2.98 -3.45
N PRO A 881 25.50 4.14 -3.17
CA PRO A 881 25.59 5.19 -4.19
C PRO A 881 26.55 4.81 -5.29
N PRO A 882 26.48 5.47 -6.45
CA PRO A 882 27.40 5.13 -7.54
C PRO A 882 28.86 5.33 -7.11
N GLY A 883 29.70 4.36 -7.49
CA GLY A 883 31.08 4.33 -7.06
C GLY A 883 31.31 3.59 -5.75
N TYR A 884 30.25 3.13 -5.09
CA TYR A 884 30.35 2.43 -3.82
C TYR A 884 29.61 1.10 -3.91
N THR A 885 30.09 0.13 -3.13
CA THR A 885 29.44 -1.17 -3.00
C THR A 885 29.46 -1.60 -1.54
N LEU A 886 28.58 -2.54 -1.20
CA LEU A 886 28.46 -3.08 0.14
C LEU A 886 29.20 -4.40 0.23
N VAL A 887 30.16 -4.48 1.14
CA VAL A 887 30.91 -5.70 1.41
C VAL A 887 30.48 -6.20 2.78
N GLY A 888 29.83 -7.36 2.82
CA GLY A 888 29.29 -7.88 4.06
C GLY A 888 29.59 -9.35 4.23
N ALA A 889 29.22 -9.87 5.39
CA ALA A 889 29.39 -11.29 5.70
C ALA A 889 28.62 -11.61 6.97
N ASP A 890 28.07 -12.81 7.03
CA ASP A 890 27.40 -13.32 8.23
C ASP A 890 28.21 -14.46 8.82
N VAL A 891 28.32 -14.47 10.15
CA VAL A 891 29.14 -15.47 10.83
C VAL A 891 28.50 -16.85 10.67
N ASP A 892 29.34 -17.86 10.46
CA ASP A 892 28.89 -19.22 10.21
C ASP A 892 28.57 -19.90 11.54
N SER A 893 27.28 -20.08 11.82
CA SER A 893 26.80 -20.74 13.03
C SER A 893 27.46 -20.14 14.27
N GLN A 894 27.22 -18.85 14.47
CA GLN A 894 27.90 -18.10 15.52
C GLN A 894 27.62 -18.68 16.90
N GLU A 895 26.34 -18.80 17.26
CA GLU A 895 25.97 -19.29 18.58
C GLU A 895 26.38 -20.74 18.76
N LEU A 896 26.17 -21.56 17.72
CA LEU A 896 26.52 -22.98 17.80
C LEU A 896 28.02 -23.15 18.05
N TRP A 897 28.85 -22.41 17.32
CA TRP A 897 30.29 -22.56 17.49
C TRP A 897 30.74 -22.00 18.82
N ILE A 898 30.14 -20.91 19.29
CA ILE A 898 30.49 -20.38 20.61
C ILE A 898 30.21 -21.43 21.68
N ALA A 899 29.02 -22.05 21.63
CA ALA A 899 28.67 -23.08 22.59
C ALA A 899 29.63 -24.27 22.48
N ALA A 900 29.93 -24.69 21.25
CA ALA A 900 30.80 -25.85 21.06
C ALA A 900 32.20 -25.58 21.59
N VAL A 901 32.75 -24.39 21.34
CA VAL A 901 34.11 -24.10 21.78
C VAL A 901 34.16 -23.95 23.29
N LEU A 902 33.10 -23.37 23.89
CA LEU A 902 33.04 -23.33 25.36
C LEU A 902 33.02 -24.73 25.95
N GLY A 903 32.21 -25.63 25.36
CA GLY A 903 32.18 -26.99 25.85
C GLY A 903 33.51 -27.70 25.67
N ASP A 904 34.16 -27.50 24.53
CA ASP A 904 35.45 -28.13 24.28
C ASP A 904 36.49 -27.64 25.27
N ALA A 905 36.53 -26.33 25.54
CA ALA A 905 37.49 -25.80 26.50
C ALA A 905 37.19 -26.29 27.90
N HIS A 906 35.91 -26.45 28.26
CA HIS A 906 35.58 -26.98 29.58
C HIS A 906 35.93 -28.45 29.71
N PHE A 907 35.81 -29.22 28.63
CA PHE A 907 36.05 -30.66 28.73
C PHE A 907 37.53 -31.01 28.66
N ALA A 908 38.28 -30.40 27.75
CA ALA A 908 39.70 -30.72 27.60
C ALA A 908 40.39 -29.56 26.90
N GLY A 909 41.67 -29.74 26.61
CA GLY A 909 42.45 -28.75 25.91
C GLY A 909 42.39 -28.88 24.40
N MET A 910 41.53 -29.75 23.88
CA MET A 910 41.42 -30.02 22.46
C MET A 910 40.24 -29.28 21.84
N HIS A 911 40.31 -29.09 20.53
CA HIS A 911 39.18 -28.62 19.75
C HIS A 911 38.35 -29.82 19.32
N GLY A 912 37.04 -29.76 19.58
CA GLY A 912 36.17 -30.87 19.25
C GLY A 912 36.33 -32.08 20.14
N CYS A 913 36.89 -31.90 21.35
CA CYS A 913 37.05 -33.03 22.27
C CYS A 913 35.70 -33.58 22.70
N THR A 914 34.73 -32.70 22.94
CA THR A 914 33.38 -33.16 23.23
C THR A 914 32.65 -33.48 21.92
N ALA A 915 31.63 -34.33 22.03
CA ALA A 915 30.91 -34.79 20.85
C ALA A 915 30.18 -33.65 20.15
N PHE A 916 29.58 -32.74 20.93
CA PHE A 916 28.90 -31.60 20.32
C PHE A 916 29.86 -30.70 19.57
N GLY A 917 31.05 -30.45 20.16
CA GLY A 917 32.05 -29.68 19.46
C GLY A 917 32.54 -30.37 18.20
N TRP A 918 32.73 -31.68 18.25
CA TRP A 918 33.14 -32.42 17.06
C TRP A 918 32.09 -32.32 15.97
N MET A 919 30.82 -32.48 16.33
CA MET A 919 29.73 -32.36 15.36
C MET A 919 29.70 -30.98 14.74
N THR A 920 29.78 -29.94 15.58
CA THR A 920 29.73 -28.57 15.08
C THR A 920 30.90 -28.28 14.15
N LEU A 921 32.09 -28.80 14.49
CA LEU A 921 33.28 -28.52 13.67
C LEU A 921 33.24 -29.27 12.34
N GLN A 922 32.87 -30.55 12.35
CA GLN A 922 33.03 -31.38 11.17
C GLN A 922 31.76 -32.17 10.87
N GLY A 923 30.62 -31.48 10.88
CA GLY A 923 29.42 -32.06 10.30
C GLY A 923 29.42 -32.01 8.79
N ARG A 924 28.74 -32.97 8.19
CA ARG A 924 28.62 -33.05 6.74
C ARG A 924 27.30 -33.71 6.39
N LYS A 925 26.53 -33.08 5.50
CA LYS A 925 25.22 -33.60 5.12
C LYS A 925 25.29 -34.71 4.08
N SER A 926 26.42 -34.86 3.39
CA SER A 926 26.55 -35.95 2.41
C SER A 926 26.54 -37.31 3.08
N ARG A 927 27.11 -37.41 4.28
CA ARG A 927 27.11 -38.64 5.06
C ARG A 927 26.54 -38.35 6.44
N GLY A 928 26.68 -39.28 7.38
CA GLY A 928 26.28 -39.00 8.74
C GLY A 928 27.22 -38.05 9.44
N THR A 929 27.36 -38.20 10.75
CA THR A 929 28.32 -37.50 11.61
C THR A 929 28.04 -36.00 11.74
N ASP A 930 27.04 -35.48 11.05
CA ASP A 930 26.61 -34.11 11.31
C ASP A 930 25.60 -34.12 12.46
N LEU A 931 25.45 -32.96 13.10
CA LEU A 931 24.70 -32.89 14.35
C LEU A 931 23.24 -33.24 14.14
N HIS A 932 22.59 -32.63 13.15
CA HIS A 932 21.16 -32.86 12.93
C HIS A 932 20.89 -34.30 12.49
N SER A 933 21.72 -34.83 11.59
CA SER A 933 21.52 -36.19 11.13
C SER A 933 21.76 -37.20 12.24
N LYS A 934 22.79 -36.98 13.07
CA LYS A 934 23.02 -37.89 14.20
C LYS A 934 21.87 -37.82 15.19
N THR A 935 21.37 -36.62 15.48
CA THR A 935 20.22 -36.51 16.37
C THR A 935 19.01 -37.25 15.81
N ALA A 936 18.75 -37.07 14.51
CA ALA A 936 17.62 -37.75 13.88
C ALA A 936 17.79 -39.27 13.93
N THR A 937 19.00 -39.76 13.65
CA THR A 937 19.25 -41.19 13.71
C THR A 937 19.03 -41.74 15.11
N THR A 938 19.47 -40.99 16.13
CA THR A 938 19.31 -41.46 17.50
C THR A 938 17.86 -41.42 17.96
N VAL A 939 17.08 -40.46 17.47
CA VAL A 939 15.72 -40.31 17.99
C VAL A 939 14.70 -41.13 17.19
N GLY A 940 14.77 -41.13 15.86
CA GLY A 940 13.83 -41.87 15.04
C GLY A 940 12.90 -41.04 14.18
N ILE A 941 13.11 -39.72 14.08
CA ILE A 941 12.26 -38.87 13.26
C ILE A 941 13.09 -38.12 12.22
N SER A 942 12.44 -37.24 11.47
CA SER A 942 13.04 -36.62 10.29
C SER A 942 14.18 -35.68 10.68
N ARG A 943 15.04 -35.40 9.70
CA ARG A 943 16.20 -34.56 9.92
C ARG A 943 15.80 -33.10 10.17
N GLU A 944 14.78 -32.62 9.47
CA GLU A 944 14.28 -31.27 9.74
C GLU A 944 13.73 -31.16 11.16
N HIS A 945 13.00 -32.19 11.60
CA HIS A 945 12.51 -32.22 12.97
C HIS A 945 13.66 -32.25 13.96
N ALA A 946 14.71 -33.02 13.67
CA ALA A 946 15.88 -33.05 14.54
C ALA A 946 16.54 -31.68 14.62
N LYS A 947 16.63 -30.98 13.48
CA LYS A 947 17.22 -29.64 13.46
C LYS A 947 16.41 -28.67 14.32
N ILE A 948 15.07 -28.70 14.17
CA ILE A 948 14.25 -27.79 14.95
C ILE A 948 14.33 -28.15 16.44
N PHE A 949 14.41 -29.44 16.75
CA PHE A 949 14.58 -29.87 18.15
C PHE A 949 15.87 -29.32 18.73
N ASN A 950 16.97 -29.48 18.00
CA ASN A 950 18.27 -29.01 18.51
C ASN A 950 18.27 -27.50 18.70
N TYR A 951 17.72 -26.76 17.73
CA TYR A 951 17.77 -25.31 17.84
C TYR A 951 16.82 -24.79 18.91
N GLY A 952 15.70 -25.47 19.14
CA GLY A 952 14.87 -25.12 20.28
C GLY A 952 15.54 -25.44 21.61
N ARG A 953 16.22 -26.59 21.67
CA ARG A 953 16.82 -27.02 22.94
C ARG A 953 17.96 -26.11 23.36
N ILE A 954 18.88 -25.82 22.44
CA ILE A 954 20.13 -25.15 22.77
C ILE A 954 19.92 -23.82 23.48
N TYR A 955 18.76 -23.20 23.32
CA TYR A 955 18.47 -21.93 23.97
C TYR A 955 17.96 -22.11 25.41
N GLY A 956 18.25 -23.24 26.04
CA GLY A 956 17.87 -23.48 27.42
C GLY A 956 16.47 -24.06 27.54
N ALA A 957 16.16 -25.07 26.75
CA ALA A 957 14.82 -25.64 26.71
C ALA A 957 14.71 -26.79 27.72
N GLY A 958 13.61 -27.52 27.65
CA GLY A 958 13.35 -28.60 28.58
C GLY A 958 12.41 -29.64 28.02
N GLN A 959 11.89 -30.47 28.93
CA GLN A 959 11.01 -31.57 28.53
C GLN A 959 9.73 -31.13 27.83
N PRO A 960 8.96 -30.15 28.33
CA PRO A 960 7.67 -29.85 27.68
C PRO A 960 7.80 -29.43 26.22
N PHE A 961 8.85 -28.69 25.87
CA PHE A 961 9.06 -28.29 24.48
C PHE A 961 9.20 -29.51 23.58
N ALA A 962 10.08 -30.44 23.96
CA ALA A 962 10.32 -31.63 23.15
C ALA A 962 9.08 -32.51 23.08
N GLU A 963 8.38 -32.67 24.20
CA GLU A 963 7.17 -33.49 24.20
C GLU A 963 6.10 -32.89 23.29
N ARG A 964 5.91 -31.57 23.36
CA ARG A 964 4.94 -30.91 22.51
C ARG A 964 5.29 -31.04 21.04
N LEU A 965 6.57 -30.84 20.70
CA LEU A 965 6.98 -30.97 19.30
C LEU A 965 6.80 -32.40 18.80
N LEU A 966 7.14 -33.39 19.64
CA LEU A 966 6.96 -34.78 19.24
C LEU A 966 5.50 -35.11 19.01
N MET A 967 4.62 -34.64 19.90
CA MET A 967 3.19 -34.91 19.73
C MET A 967 2.65 -34.24 18.48
N GLN A 968 3.06 -32.99 18.23
CA GLN A 968 2.63 -32.30 17.01
C GLN A 968 3.11 -33.03 15.77
N PHE A 969 4.34 -33.53 15.78
CA PHE A 969 4.89 -34.19 14.59
C PHE A 969 4.21 -35.53 14.36
N ASN A 970 4.08 -36.37 15.40
CA ASN A 970 3.42 -37.67 15.24
C ASN A 970 2.46 -37.88 16.43
N HIS A 971 1.26 -37.31 16.30
CA HIS A 971 0.10 -37.71 17.10
C HIS A 971 -0.05 -39.23 17.24
N ARG A 972 0.42 -39.98 16.24
CA ARG A 972 0.35 -41.43 16.31
C ARG A 972 1.10 -41.97 17.52
N LEU A 973 2.17 -41.29 17.94
CA LEU A 973 2.87 -41.63 19.17
C LEU A 973 2.10 -41.04 20.34
N THR A 974 1.57 -41.91 21.20
CA THR A 974 0.71 -41.45 22.28
C THR A 974 1.51 -40.70 23.34
N GLN A 975 0.81 -39.80 24.04
CA GLN A 975 1.46 -38.79 24.86
C GLN A 975 2.67 -39.35 25.60
N GLN A 976 2.44 -40.26 26.54
CA GLN A 976 3.52 -40.67 27.43
C GLN A 976 4.67 -41.30 26.65
N GLU A 977 4.36 -42.14 25.65
CA GLU A 977 5.41 -42.68 24.81
C GLU A 977 6.26 -41.56 24.23
N ALA A 978 5.59 -40.57 23.63
CA ALA A 978 6.31 -39.43 23.08
C ALA A 978 7.19 -38.80 24.14
N ALA A 979 6.65 -38.64 25.36
CA ALA A 979 7.42 -38.03 26.43
C ALA A 979 8.70 -38.82 26.66
N GLU A 980 8.58 -40.14 26.73
CA GLU A 980 9.75 -40.98 26.93
C GLU A 980 10.74 -40.75 25.81
N LYS A 981 10.25 -40.68 24.57
CA LYS A 981 11.14 -40.40 23.45
C LYS A 981 11.92 -39.13 23.72
N ALA A 982 11.21 -38.08 24.10
CA ALA A 982 11.88 -36.81 24.38
C ALA A 982 12.94 -37.00 25.45
N GLN A 983 12.60 -37.74 26.50
CA GLN A 983 13.55 -37.95 27.59
C GLN A 983 14.82 -38.59 27.04
N GLN A 984 14.65 -39.60 26.19
CA GLN A 984 15.82 -40.26 25.62
C GLN A 984 16.64 -39.26 24.81
N MET A 985 15.96 -38.44 24.02
CA MET A 985 16.67 -37.41 23.26
C MET A 985 17.54 -36.60 24.21
N TYR A 986 16.95 -36.19 25.33
CA TYR A 986 17.69 -35.35 26.27
C TYR A 986 18.85 -36.12 26.89
N ALA A 987 18.63 -37.40 27.18
CA ALA A 987 19.71 -38.21 27.73
C ALA A 987 20.85 -38.34 26.74
N ALA A 988 20.56 -38.19 25.44
CA ALA A 988 21.61 -38.26 24.44
C ALA A 988 22.32 -36.92 24.28
N THR A 989 21.56 -35.83 24.35
CA THR A 989 22.13 -34.51 24.11
C THR A 989 22.79 -33.93 25.37
N LYS A 990 21.99 -33.72 26.42
CA LYS A 990 22.45 -33.17 27.69
C LYS A 990 22.12 -34.21 28.76
N GLY A 991 23.14 -34.92 29.23
CA GLY A 991 22.93 -36.05 30.12
C GLY A 991 22.15 -35.70 31.37
N LEU A 992 21.71 -36.74 32.07
CA LEU A 992 20.84 -36.56 33.22
C LEU A 992 21.56 -35.81 34.35
N ARG A 993 20.80 -35.00 35.07
CA ARG A 993 21.37 -34.21 36.15
C ARG A 993 21.78 -35.09 37.33
N TRP A 994 22.96 -34.83 37.87
CA TRP A 994 23.44 -35.48 39.08
C TRP A 994 23.70 -34.39 40.12
N TYR A 995 22.99 -34.47 41.25
CA TYR A 995 22.93 -33.32 42.16
C TYR A 995 24.20 -33.15 42.99
N ARG A 996 24.87 -34.24 43.36
CA ARG A 996 26.20 -34.19 43.96
C ARG A 996 26.22 -33.36 45.25
N LEU A 997 25.37 -33.75 46.20
CA LEU A 997 25.29 -33.17 47.54
C LEU A 997 25.20 -31.64 47.50
N SER A 998 24.09 -31.15 46.95
CA SER A 998 23.89 -29.70 46.83
C SER A 998 22.51 -29.26 47.33
N ASP A 999 21.96 -29.94 48.33
CA ASP A 999 20.71 -29.47 48.94
C ASP A 999 20.99 -28.64 50.18
N TRP A 1003 25.69 -31.51 55.67
CA TRP A 1003 24.28 -31.77 55.91
C TRP A 1003 23.80 -32.99 55.12
N LEU A 1004 24.17 -33.03 53.84
CA LEU A 1004 23.63 -34.07 52.98
C LEU A 1004 24.28 -35.42 53.22
N VAL A 1005 25.58 -35.47 53.51
CA VAL A 1005 26.18 -36.74 53.89
C VAL A 1005 25.66 -37.21 55.25
N ARG A 1006 25.40 -36.27 56.16
CA ARG A 1006 24.81 -36.64 57.45
C ARG A 1006 23.43 -37.25 57.26
N GLU A 1007 22.61 -36.67 56.37
CA GLU A 1007 21.34 -37.29 56.04
C GLU A 1007 21.53 -38.61 55.29
N LEU A 1008 22.59 -38.72 54.49
CA LEU A 1008 22.92 -39.96 53.81
C LEU A 1008 23.27 -41.07 54.80
N ASN A 1009 23.74 -40.71 55.99
CA ASN A 1009 24.11 -41.76 56.93
C ASN A 1009 22.85 -42.32 57.61
N LEU A 1010 21.85 -42.68 56.81
CA LEU A 1010 20.63 -43.34 57.25
C LEU A 1010 20.73 -44.87 57.28
N PRO A 1011 21.31 -45.55 56.25
CA PRO A 1011 22.07 -45.08 55.08
C PRO A 1011 21.34 -44.89 53.74
N VAL A 1012 20.28 -45.65 53.46
CA VAL A 1012 19.57 -45.59 52.17
C VAL A 1012 20.52 -45.80 51.00
N ASP A 1013 20.62 -44.80 50.12
CA ASP A 1013 21.18 -44.98 48.78
C ASP A 1013 22.70 -44.90 48.79
N ARG A 1014 23.29 -45.32 47.68
CA ARG A 1014 24.73 -45.47 47.48
C ARG A 1014 25.26 -44.43 46.49
N THR A 1015 26.53 -44.58 46.11
CA THR A 1015 27.24 -43.75 45.14
C THR A 1015 27.51 -42.35 45.69
N GLU A 1016 28.60 -41.72 45.24
CA GLU A 1016 28.99 -40.41 45.74
C GLU A 1016 28.24 -39.27 45.08
N GLY A 1017 27.44 -39.55 44.06
CA GLY A 1017 26.61 -38.53 43.44
C GLY A 1017 25.14 -38.86 43.59
N GLY A 1018 24.28 -37.86 43.45
CA GLY A 1018 22.86 -38.08 43.59
C GLY A 1018 22.21 -38.67 42.34
N TRP A 1019 20.97 -39.11 42.51
CA TRP A 1019 20.14 -39.63 41.43
C TRP A 1019 18.84 -38.83 41.34
N ILE A 1020 18.95 -37.51 41.46
CA ILE A 1020 17.83 -36.58 41.66
C ILE A 1020 16.92 -37.11 42.76
N SER A 1021 17.53 -37.68 43.80
CA SER A 1021 16.79 -38.22 44.93
C SER A 1021 16.04 -37.13 45.67
N LEU A 1022 14.86 -37.49 46.19
CA LEU A 1022 14.04 -36.60 46.99
C LEU A 1022 13.81 -37.22 48.35
N GLN A 1023 14.06 -36.45 49.41
CA GLN A 1023 14.06 -36.97 50.78
C GLN A 1023 12.74 -36.75 51.50
N ASP A 1024 12.11 -35.60 51.32
CA ASP A 1024 10.78 -35.32 51.90
C ASP A 1024 10.78 -35.47 53.42
N LEU A 1025 11.79 -34.89 54.07
CA LEU A 1025 11.87 -34.93 55.52
C LEU A 1025 11.13 -33.80 56.20
N ARG A 1026 10.91 -32.68 55.49
CA ARG A 1026 10.22 -31.48 55.99
C ARG A 1026 10.62 -31.13 57.43
N LYS A 1027 11.90 -31.29 57.74
CA LYS A 1027 12.43 -31.08 59.09
C LYS A 1027 11.96 -29.77 59.73
N GLU A 1046 26.31 -27.57 43.53
CA GLU A 1046 26.82 -27.81 42.18
C GLU A 1046 26.00 -28.87 41.45
N ARG A 1047 25.00 -28.41 40.70
CA ARG A 1047 24.17 -29.30 39.89
C ARG A 1047 24.81 -29.46 38.52
N ALA A 1048 25.24 -30.69 38.21
CA ALA A 1048 25.91 -30.99 36.96
C ALA A 1048 25.03 -31.88 36.09
N TRP A 1049 25.55 -32.23 34.91
CA TRP A 1049 24.90 -33.16 34.00
C TRP A 1049 25.76 -34.41 33.87
N LYS A 1050 25.23 -35.40 33.16
CA LYS A 1050 25.88 -36.69 32.99
C LYS A 1050 26.22 -36.90 31.52
N GLY A 1051 26.66 -38.12 31.18
CA GLY A 1051 27.10 -38.44 29.85
C GLY A 1051 26.19 -37.97 28.73
N GLY A 1052 26.70 -37.04 27.92
CA GLY A 1052 25.94 -36.49 26.82
C GLY A 1052 26.83 -35.64 25.94
N THR A 1053 26.39 -35.48 24.69
CA THR A 1053 27.20 -34.75 23.72
C THR A 1053 27.31 -33.26 24.09
N GLU A 1054 26.22 -32.67 24.58
CA GLU A 1054 26.19 -31.25 24.93
C GLU A 1054 26.28 -31.02 26.43
N SER A 1055 26.52 -32.07 27.21
CA SER A 1055 26.51 -31.94 28.67
C SER A 1055 27.65 -31.06 29.16
N GLU A 1056 28.83 -31.19 28.54
CA GLU A 1056 29.97 -30.39 28.99
C GLU A 1056 29.74 -28.89 28.75
N MET A 1057 29.20 -28.53 27.59
CA MET A 1057 28.93 -27.12 27.34
C MET A 1057 27.79 -26.62 28.21
N PHE A 1058 26.79 -27.46 28.47
CA PHE A 1058 25.74 -27.05 29.40
C PHE A 1058 26.29 -26.82 30.80
N ASN A 1059 27.20 -27.68 31.26
CA ASN A 1059 27.81 -27.50 32.56
C ASN A 1059 28.62 -26.22 32.61
N LYS A 1060 29.38 -25.93 31.55
CA LYS A 1060 30.17 -24.70 31.51
C LYS A 1060 29.26 -23.47 31.55
N LEU A 1061 28.17 -23.49 30.78
CA LEU A 1061 27.24 -22.37 30.78
C LEU A 1061 26.61 -22.19 32.16
N GLU A 1062 26.21 -23.30 32.80
CA GLU A 1062 25.62 -23.20 34.13
C GLU A 1062 26.62 -22.68 35.15
N SER A 1063 27.88 -23.08 35.03
CA SER A 1063 28.92 -22.58 35.93
C SER A 1063 29.09 -21.07 35.76
N ILE A 1064 29.13 -20.60 34.52
CA ILE A 1064 29.25 -19.16 34.27
C ILE A 1064 28.03 -18.43 34.84
N ALA A 1065 26.84 -18.99 34.63
CA ALA A 1065 25.62 -18.33 35.09
C ALA A 1065 25.55 -18.28 36.62
N THR A 1066 25.97 -19.34 37.29
CA THR A 1066 25.83 -19.45 38.74
C THR A 1066 27.03 -18.92 39.49
N SER A 1067 28.11 -18.52 38.81
CA SER A 1067 29.20 -17.85 39.49
C SER A 1067 28.71 -16.58 40.18
N ASP A 1068 29.46 -16.13 41.19
CA ASP A 1068 29.03 -14.99 41.99
C ASP A 1068 28.88 -13.73 41.14
N ILE A 1069 29.83 -13.47 40.25
CA ILE A 1069 29.70 -12.38 39.29
C ILE A 1069 29.84 -12.96 37.89
N PRO A 1070 28.74 -13.34 37.25
CA PRO A 1070 28.84 -13.92 35.90
C PRO A 1070 29.45 -12.94 34.92
N ARG A 1071 30.55 -13.36 34.28
CA ARG A 1071 31.25 -12.54 33.32
C ARG A 1071 31.46 -13.32 32.03
N THR A 1072 31.41 -12.59 30.91
CA THR A 1072 31.57 -13.21 29.61
C THR A 1072 32.97 -13.80 29.47
N PRO A 1073 33.11 -15.05 29.01
CA PRO A 1073 34.42 -15.72 29.06
C PRO A 1073 35.50 -15.05 28.23
N VAL A 1074 35.14 -14.24 27.23
CA VAL A 1074 36.13 -13.65 26.34
C VAL A 1074 36.52 -12.26 26.80
N LEU A 1075 35.55 -11.34 26.86
CA LEU A 1075 35.84 -9.94 27.16
C LEU A 1075 35.63 -9.58 28.63
N GLY A 1076 35.15 -10.50 29.46
CA GLY A 1076 35.02 -10.20 30.87
C GLY A 1076 33.88 -9.29 31.25
N CYS A 1077 32.93 -9.06 30.34
CA CYS A 1077 31.81 -8.18 30.65
C CYS A 1077 30.85 -8.87 31.62
N CYS A 1078 30.45 -8.14 32.66
CA CYS A 1078 29.60 -8.72 33.69
C CYS A 1078 28.14 -8.75 33.25
N ILE A 1079 27.36 -9.61 33.91
CA ILE A 1079 25.92 -9.66 33.72
C ILE A 1079 25.29 -8.52 34.52
N SER A 1080 24.02 -8.27 34.31
CA SER A 1080 23.33 -7.19 35.01
C SER A 1080 23.29 -7.44 36.51
N ARG A 1081 23.23 -6.34 37.28
CA ARG A 1081 23.05 -6.45 38.72
C ARG A 1081 21.68 -7.05 39.07
N ALA A 1082 20.72 -6.97 38.16
CA ALA A 1082 19.42 -7.61 38.35
C ALA A 1082 19.41 -9.07 37.93
N LEU A 1083 20.54 -9.58 37.43
CA LEU A 1083 20.67 -10.99 37.11
C LEU A 1083 21.80 -11.65 37.90
N GLU A 1084 22.55 -10.87 38.67
CA GLU A 1084 23.55 -11.45 39.55
C GLU A 1084 22.89 -12.42 40.52
N PRO A 1085 23.56 -13.53 40.85
CA PRO A 1085 22.94 -14.52 41.75
C PRO A 1085 22.57 -13.94 43.10
N SER A 1086 23.38 -13.03 43.64
CA SER A 1086 23.08 -12.43 44.94
C SER A 1086 21.73 -11.72 44.95
N ALA A 1087 21.21 -11.36 43.78
CA ALA A 1087 19.89 -10.75 43.68
C ALA A 1087 18.81 -11.71 43.18
N VAL A 1088 19.15 -12.67 42.31
CA VAL A 1088 18.13 -13.52 41.71
C VAL A 1088 18.37 -15.01 41.93
N GLN A 1089 18.92 -15.37 43.09
CA GLN A 1089 19.31 -16.75 43.39
C GLN A 1089 18.28 -17.77 42.91
N GLU A 1090 18.70 -18.62 41.98
CA GLU A 1090 17.91 -19.74 41.48
C GLU A 1090 16.53 -19.29 40.98
N GLU A 1091 16.49 -18.13 40.32
CA GLU A 1091 15.23 -17.59 39.81
C GLU A 1091 15.21 -17.51 38.30
N PHE A 1092 16.15 -16.80 37.68
CA PHE A 1092 16.20 -16.65 36.23
C PHE A 1092 17.42 -17.43 35.74
N MET A 1093 17.23 -18.73 35.54
CA MET A 1093 18.34 -19.60 35.14
C MET A 1093 18.45 -19.74 33.63
N THR A 1094 17.31 -19.96 32.95
CA THR A 1094 17.33 -20.01 31.49
C THR A 1094 17.81 -18.69 30.91
N SER A 1095 17.37 -17.58 31.50
CA SER A 1095 17.80 -16.27 31.03
C SER A 1095 19.32 -16.13 31.11
N ARG A 1096 19.92 -16.53 32.24
CA ARG A 1096 21.35 -16.35 32.42
C ARG A 1096 22.15 -17.30 31.53
N VAL A 1097 21.71 -18.56 31.42
CA VAL A 1097 22.46 -19.49 30.58
C VAL A 1097 22.39 -19.09 29.12
N ASN A 1098 21.25 -18.53 28.67
CA ASN A 1098 21.19 -18.02 27.31
C ASN A 1098 21.97 -16.72 27.16
N TRP A 1099 22.00 -15.90 28.22
CA TRP A 1099 22.77 -14.68 28.20
C TRP A 1099 24.24 -14.95 27.97
N VAL A 1100 24.75 -16.04 28.56
CA VAL A 1100 26.17 -16.36 28.39
C VAL A 1100 26.52 -16.39 26.91
N VAL A 1101 25.79 -17.22 26.14
CA VAL A 1101 26.07 -17.38 24.72
C VAL A 1101 25.78 -16.09 23.95
N GLN A 1102 24.68 -15.41 24.28
CA GLN A 1102 24.32 -14.23 23.49
C GLN A 1102 25.27 -13.07 23.72
N SER A 1103 25.69 -12.85 24.96
CA SER A 1103 26.69 -11.83 25.23
C SER A 1103 28.06 -12.22 24.69
N SER A 1104 28.36 -13.52 24.61
CA SER A 1104 29.56 -13.93 23.89
C SER A 1104 29.47 -13.56 22.42
N ALA A 1105 28.31 -13.73 21.82
CA ALA A 1105 28.10 -13.31 20.43
C ALA A 1105 28.28 -11.80 20.28
N VAL A 1106 27.79 -11.04 21.26
CA VAL A 1106 27.95 -9.59 21.24
C VAL A 1106 29.44 -9.22 21.34
N ASP A 1107 30.19 -9.94 22.18
CA ASP A 1107 31.63 -9.74 22.25
C ASP A 1107 32.30 -10.07 20.92
N TYR A 1108 31.87 -11.14 20.27
CA TYR A 1108 32.36 -11.47 18.94
C TYR A 1108 32.12 -10.33 17.96
N LEU A 1109 30.93 -9.75 18.02
CA LEU A 1109 30.60 -8.62 17.16
C LEU A 1109 31.50 -7.43 17.44
N HIS A 1110 31.73 -7.13 18.71
CA HIS A 1110 32.60 -6.01 19.08
C HIS A 1110 34.03 -6.26 18.59
N LEU A 1111 34.52 -7.49 18.73
CA LEU A 1111 35.85 -7.83 18.24
C LEU A 1111 35.95 -7.61 16.75
N MET A 1112 34.95 -8.09 16.00
CA MET A 1112 34.96 -7.91 14.54
C MET A 1112 34.96 -6.43 14.18
N LEU A 1113 34.14 -5.63 14.86
CA LEU A 1113 34.05 -4.21 14.56
C LEU A 1113 35.38 -3.50 14.82
N VAL A 1114 36.01 -3.80 15.97
CA VAL A 1114 37.28 -3.17 16.30
C VAL A 1114 38.34 -3.55 15.27
N ALA A 1115 38.40 -4.84 14.92
CA ALA A 1115 39.41 -5.28 13.96
C ALA A 1115 39.20 -4.65 12.59
N MET A 1116 37.95 -4.56 12.14
CA MET A 1116 37.66 -3.95 10.84
C MET A 1116 38.01 -2.46 10.85
N LYS A 1117 37.67 -1.75 11.93
CA LYS A 1117 38.04 -0.34 12.01
C LYS A 1117 39.55 -0.17 11.97
N TRP A 1118 40.28 -1.04 12.68
CA TRP A 1118 41.73 -0.95 12.68
C TRP A 1118 42.29 -1.20 11.29
N LEU A 1119 41.80 -2.23 10.60
CA LEU A 1119 42.31 -2.54 9.27
C LEU A 1119 42.02 -1.43 8.28
N PHE A 1120 40.81 -0.86 8.32
CA PHE A 1120 40.48 0.24 7.42
C PHE A 1120 41.37 1.44 7.69
N GLU A 1121 41.47 1.87 8.95
CA GLU A 1121 42.26 3.07 9.25
C GLU A 1121 43.75 2.83 9.03
N GLU A 1122 44.20 1.58 9.08
CA GLU A 1122 45.61 1.28 8.86
C GLU A 1122 45.95 1.29 7.37
N PHE A 1123 45.12 0.64 6.55
CA PHE A 1123 45.44 0.46 5.14
C PHE A 1123 44.63 1.37 4.22
N ALA A 1124 44.06 2.45 4.76
CA ALA A 1124 43.48 3.53 3.95
C ALA A 1124 42.38 3.03 3.02
N ILE A 1125 41.63 2.03 3.48
CA ILE A 1125 40.50 1.52 2.70
C ILE A 1125 39.36 2.53 2.81
N ASP A 1126 38.96 3.09 1.67
CA ASP A 1126 37.89 4.08 1.67
C ASP A 1126 36.57 3.38 1.94
N GLY A 1127 36.18 3.31 3.20
CA GLY A 1127 35.00 2.57 3.60
C GLY A 1127 34.37 3.15 4.84
N ARG A 1128 33.23 2.59 5.21
CA ARG A 1128 32.45 3.05 6.35
C ARG A 1128 31.62 1.89 6.87
N PHE A 1129 31.41 1.86 8.18
CA PHE A 1129 30.54 0.85 8.78
C PHE A 1129 29.11 1.13 8.37
N CYS A 1130 28.49 0.17 7.69
CA CYS A 1130 27.12 0.35 7.21
C CYS A 1130 26.10 -0.16 8.22
N ILE A 1131 26.14 -1.46 8.53
CA ILE A 1131 25.11 -2.06 9.39
C ILE A 1131 25.67 -3.34 10.01
N SER A 1132 25.10 -3.74 11.13
CA SER A 1132 25.39 -5.02 11.76
C SER A 1132 24.09 -5.59 12.30
N ILE A 1133 23.69 -6.74 11.77
CA ILE A 1133 22.51 -7.43 12.28
C ILE A 1133 22.96 -8.72 12.94
N HIS A 1134 23.30 -8.63 14.24
CA HIS A 1134 23.72 -9.78 15.04
C HIS A 1134 24.81 -10.59 14.33
N ASP A 1135 24.42 -11.54 13.48
CA ASP A 1135 25.39 -12.34 12.76
C ASP A 1135 26.07 -11.55 11.65
N GLU A 1136 25.29 -10.77 10.89
CA GLU A 1136 25.82 -10.08 9.71
C GLU A 1136 26.53 -8.80 10.09
N VAL A 1137 27.62 -8.51 9.39
CA VAL A 1137 28.27 -7.20 9.39
C VAL A 1137 28.51 -6.79 7.95
N ARG A 1138 28.08 -5.57 7.60
CA ARG A 1138 28.22 -5.07 6.25
C ARG A 1138 28.77 -3.65 6.29
N TYR A 1139 29.75 -3.38 5.41
CA TYR A 1139 30.44 -2.11 5.33
C TYR A 1139 30.23 -1.50 3.95
N LEU A 1140 30.23 -0.17 3.89
CA LEU A 1140 30.06 0.58 2.65
C LEU A 1140 31.43 1.02 2.17
N VAL A 1141 31.94 0.37 1.12
CA VAL A 1141 33.30 0.56 0.65
C VAL A 1141 33.25 1.13 -0.76
N ARG A 1142 34.38 1.68 -1.20
CA ARG A 1142 34.51 2.10 -2.60
C ARG A 1142 34.69 0.87 -3.50
N GLU A 1143 34.30 1.03 -4.76
CA GLU A 1143 34.44 -0.05 -5.72
C GLU A 1143 35.91 -0.42 -5.93
N GLU A 1144 36.81 0.55 -5.81
CA GLU A 1144 38.23 0.26 -5.95
C GLU A 1144 38.72 -0.65 -4.83
N ASP A 1145 38.28 -0.41 -3.61
CA ASP A 1145 38.81 -1.10 -2.43
C ASP A 1145 37.87 -2.18 -1.90
N ARG A 1146 36.84 -2.56 -2.67
CA ARG A 1146 35.94 -3.61 -2.21
C ARG A 1146 36.67 -4.93 -1.95
N TYR A 1147 37.63 -5.30 -2.82
CA TYR A 1147 38.34 -6.56 -2.62
C TYR A 1147 39.27 -6.49 -1.41
N ARG A 1148 39.92 -5.33 -1.20
CA ARG A 1148 40.71 -5.16 0.02
C ARG A 1148 39.82 -5.24 1.25
N ALA A 1149 38.61 -4.69 1.18
CA ALA A 1149 37.68 -4.78 2.29
C ALA A 1149 37.27 -6.23 2.55
N ALA A 1150 37.06 -7.01 1.50
CA ALA A 1150 36.75 -8.43 1.67
C ALA A 1150 37.91 -9.17 2.33
N LEU A 1151 39.13 -8.88 1.91
CA LEU A 1151 40.29 -9.48 2.56
C LEU A 1151 40.38 -9.08 4.02
N ALA A 1152 40.09 -7.80 4.31
CA ALA A 1152 40.10 -7.33 5.69
C ALA A 1152 39.03 -8.04 6.52
N LEU A 1153 37.86 -8.26 5.93
CA LEU A 1153 36.80 -9.00 6.63
C LEU A 1153 37.23 -10.42 6.95
N GLN A 1154 37.88 -11.08 5.99
CA GLN A 1154 38.39 -12.43 6.25
C GLN A 1154 39.43 -12.42 7.37
N ILE A 1155 40.34 -11.45 7.33
CA ILE A 1155 41.37 -11.34 8.38
C ILE A 1155 40.72 -11.11 9.73
N THR A 1156 39.71 -10.24 9.78
CA THR A 1156 39.04 -9.94 11.04
C THR A 1156 38.32 -11.16 11.59
N ASN A 1157 37.67 -11.94 10.71
CA ASN A 1157 37.01 -13.16 11.18
C ASN A 1157 38.03 -14.13 11.75
N LEU A 1158 39.16 -14.31 11.05
CA LEU A 1158 40.20 -15.20 11.56
C LEU A 1158 40.69 -14.72 12.92
N LEU A 1159 40.94 -13.42 13.05
CA LEU A 1159 41.48 -12.88 14.30
C LEU A 1159 40.48 -12.99 15.43
N THR A 1160 39.20 -12.74 15.16
CA THR A 1160 38.19 -12.86 16.22
C THR A 1160 38.03 -14.30 16.68
N ARG A 1161 38.01 -15.25 15.74
CA ARG A 1161 37.93 -16.66 16.13
C ARG A 1161 39.15 -17.06 16.96
N CYS A 1162 40.34 -16.62 16.54
CA CYS A 1162 41.55 -16.95 17.31
C CYS A 1162 41.54 -16.26 18.67
N MET A 1163 41.00 -15.05 18.76
CA MET A 1163 40.90 -14.37 20.05
C MET A 1163 39.97 -15.11 20.99
N PHE A 1164 38.82 -15.57 20.47
CA PHE A 1164 37.93 -16.41 21.26
C PHE A 1164 38.65 -17.66 21.75
N ALA A 1165 39.37 -18.33 20.84
CA ALA A 1165 40.09 -19.54 21.21
C ALA A 1165 41.14 -19.27 22.28
N TYR A 1166 41.88 -18.17 22.15
CA TYR A 1166 42.94 -17.84 23.10
C TYR A 1166 42.36 -17.48 24.47
N LYS A 1167 41.31 -16.66 24.48
CA LYS A 1167 40.67 -16.30 25.75
C LYS A 1167 40.07 -17.51 26.44
N LEU A 1168 39.63 -18.51 25.66
CA LEU A 1168 39.19 -19.75 26.29
C LEU A 1168 40.36 -20.60 26.78
N GLY A 1169 41.48 -20.58 26.05
CA GLY A 1169 42.69 -21.26 26.50
C GLY A 1169 43.43 -22.05 25.45
N LEU A 1170 42.90 -22.10 24.23
CA LEU A 1170 43.46 -22.91 23.15
C LEU A 1170 44.00 -22.00 22.06
N ASN A 1171 45.28 -22.14 21.72
CA ASN A 1171 45.88 -21.25 20.73
C ASN A 1171 45.50 -21.66 19.31
N ASP A 1172 45.56 -22.95 19.00
CA ASP A 1172 45.26 -23.40 17.65
C ASP A 1172 43.78 -23.19 17.34
N LEU A 1173 43.47 -23.09 16.05
CA LEU A 1173 42.10 -22.87 15.59
C LEU A 1173 41.82 -23.75 14.38
N PRO A 1174 40.68 -24.43 14.34
CA PRO A 1174 40.37 -25.28 13.19
C PRO A 1174 40.30 -24.49 11.90
N GLN A 1175 40.89 -25.05 10.84
CA GLN A 1175 40.81 -24.45 9.52
C GLN A 1175 39.38 -24.36 9.03
N SER A 1176 38.49 -25.21 9.53
CA SER A 1176 37.09 -25.19 9.11
C SER A 1176 36.45 -23.85 9.42
N VAL A 1177 36.67 -23.32 10.62
CA VAL A 1177 36.09 -22.06 11.04
C VAL A 1177 37.07 -20.91 10.99
N ALA A 1178 38.31 -21.16 10.54
CA ALA A 1178 39.30 -20.09 10.46
C ALA A 1178 38.79 -18.89 9.66
N PHE A 1179 38.24 -19.15 8.47
CA PHE A 1179 37.86 -18.07 7.57
C PHE A 1179 36.36 -18.06 7.33
N PHE A 1180 35.87 -16.91 6.86
CA PHE A 1180 34.48 -16.77 6.47
C PHE A 1180 34.14 -17.75 5.35
N SER A 1181 32.91 -18.26 5.38
CA SER A 1181 32.46 -19.14 4.30
C SER A 1181 32.52 -18.43 2.96
N ALA A 1182 31.94 -17.23 2.89
CA ALA A 1182 31.99 -16.41 1.68
C ALA A 1182 31.55 -14.98 1.99
N VAL A 1183 32.33 -14.00 1.58
CA VAL A 1183 31.94 -12.60 1.73
C VAL A 1183 31.07 -12.21 0.54
N ASP A 1184 30.16 -11.29 0.78
CA ASP A 1184 29.20 -10.85 -0.23
C ASP A 1184 29.56 -9.42 -0.64
N ILE A 1185 29.97 -9.25 -1.89
CA ILE A 1185 30.15 -7.93 -2.49
C ILE A 1185 28.93 -7.67 -3.37
N ASP A 1186 28.13 -6.67 -2.99
CA ASP A 1186 26.87 -6.42 -3.66
C ASP A 1186 26.66 -4.92 -3.75
N ARG A 1187 25.50 -4.52 -4.28
CA ARG A 1187 25.08 -3.12 -4.27
C ARG A 1187 23.93 -2.87 -3.33
N CYS A 1188 23.43 -3.89 -2.64
CA CYS A 1188 22.29 -3.76 -1.75
C CYS A 1188 22.34 -4.91 -0.74
N LEU A 1189 21.56 -4.76 0.34
CA LEU A 1189 21.55 -5.76 1.40
C LEU A 1189 20.65 -6.93 1.00
N ARG A 1190 21.26 -8.09 0.80
CA ARG A 1190 20.54 -9.32 0.52
C ARG A 1190 21.22 -10.47 1.26
N LYS A 1191 20.43 -11.48 1.63
CA LYS A 1191 21.01 -12.66 2.27
C LYS A 1191 22.01 -13.34 1.34
N GLU A 1192 21.66 -13.49 0.07
CA GLU A 1192 22.55 -14.02 -0.93
C GLU A 1192 22.60 -13.05 -2.11
N VAL A 1193 23.79 -12.91 -2.70
CA VAL A 1193 23.97 -11.99 -3.82
C VAL A 1193 23.16 -12.42 -5.04
N THR A 1194 22.71 -13.68 -5.07
CA THR A 1194 21.95 -14.22 -6.18
C THR A 1194 20.46 -13.92 -6.09
N MET A 1195 19.97 -13.44 -4.95
CA MET A 1195 18.55 -13.18 -4.79
C MET A 1195 18.10 -12.02 -5.66
N ASP A 1196 17.03 -12.22 -6.43
CA ASP A 1196 16.46 -11.16 -7.23
C ASP A 1196 15.34 -10.42 -6.52
N CYS A 1197 14.91 -10.91 -5.35
CA CYS A 1197 13.93 -10.23 -4.50
C CYS A 1197 12.61 -10.01 -5.24
N LYS A 1198 12.04 -11.10 -5.73
CA LYS A 1198 10.70 -11.08 -6.28
C LYS A 1198 9.68 -11.01 -5.14
N THR A 1199 8.88 -9.96 -5.12
CA THR A 1199 7.85 -9.76 -4.12
C THR A 1199 6.58 -9.32 -4.82
N PRO A 1200 5.42 -9.44 -4.16
CA PRO A 1200 4.19 -8.91 -4.76
C PRO A 1200 4.29 -7.43 -5.09
N SER A 1201 5.00 -6.65 -4.27
CA SER A 1201 5.18 -5.24 -4.54
C SER A 1201 6.34 -4.98 -5.51
N ASN A 1202 7.20 -5.97 -5.73
CA ASN A 1202 8.33 -5.86 -6.65
C ASN A 1202 8.30 -7.06 -7.60
N PRO A 1203 7.27 -7.16 -8.44
CA PRO A 1203 7.16 -8.35 -9.29
C PRO A 1203 8.21 -8.41 -10.38
N THR A 1204 8.62 -7.25 -10.88
CA THR A 1204 9.58 -7.21 -12.00
C THR A 1204 10.96 -7.69 -11.60
N GLY A 1205 11.25 -7.74 -10.30
CA GLY A 1205 12.56 -8.16 -9.83
C GLY A 1205 13.51 -6.98 -9.66
N MET A 1206 14.58 -7.22 -8.89
CA MET A 1206 15.51 -6.15 -8.57
C MET A 1206 16.17 -5.59 -9.81
N GLU A 1207 16.75 -6.46 -10.65
CA GLU A 1207 17.48 -5.98 -11.82
C GLU A 1207 16.56 -5.23 -12.78
N ARG A 1208 15.38 -5.77 -13.03
CA ARG A 1208 14.49 -5.16 -14.03
C ARG A 1208 13.78 -3.92 -13.49
N ARG A 1209 13.62 -3.80 -12.16
CA ARG A 1209 13.03 -2.58 -11.61
C ARG A 1209 14.06 -1.47 -11.51
N TYR A 1210 15.18 -1.74 -10.84
CA TYR A 1210 16.24 -0.76 -10.67
C TYR A 1210 17.54 -1.37 -11.17
N GLY A 1211 18.43 -0.53 -11.69
CA GLY A 1211 19.64 -1.05 -12.30
C GLY A 1211 20.64 -1.63 -11.33
N ILE A 1212 20.21 -2.59 -10.53
CA ILE A 1212 21.05 -3.25 -9.54
C ILE A 1212 21.33 -4.67 -10.02
N PRO A 1213 22.55 -4.99 -10.42
CA PRO A 1213 22.88 -6.36 -10.83
C PRO A 1213 23.16 -7.24 -9.63
N GLN A 1214 23.31 -8.53 -9.91
CA GLN A 1214 23.68 -9.48 -8.86
C GLN A 1214 25.15 -9.30 -8.48
N GLY A 1215 25.41 -9.40 -7.18
CA GLY A 1215 26.77 -9.31 -6.67
C GLY A 1215 27.54 -10.59 -6.87
N GLU A 1216 28.49 -10.85 -5.96
CA GLU A 1216 29.28 -12.06 -6.03
C GLU A 1216 29.70 -12.47 -4.63
N ALA A 1217 29.80 -13.78 -4.42
CA ALA A 1217 30.27 -14.36 -3.17
C ALA A 1217 31.68 -14.88 -3.39
N LEU A 1218 32.63 -14.39 -2.58
CA LEU A 1218 34.04 -14.71 -2.74
C LEU A 1218 34.51 -15.55 -1.56
N ASP A 1219 35.15 -16.68 -1.87
CA ASP A 1219 35.79 -17.50 -0.87
C ASP A 1219 37.11 -16.87 -0.43
N ILE A 1220 37.70 -17.42 0.63
CA ILE A 1220 38.99 -16.92 1.11
C ILE A 1220 40.06 -17.10 0.03
N TYR A 1221 40.05 -18.25 -0.65
CA TYR A 1221 41.01 -18.49 -1.72
C TYR A 1221 40.82 -17.51 -2.87
N GLN A 1222 39.57 -17.26 -3.26
CA GLN A 1222 39.30 -16.30 -4.32
C GLN A 1222 39.79 -14.90 -3.92
N ILE A 1223 39.55 -14.52 -2.67
CA ILE A 1223 39.96 -13.19 -2.20
C ILE A 1223 41.47 -13.06 -2.21
N ILE A 1224 42.18 -14.08 -1.72
CA ILE A 1224 43.64 -13.98 -1.67
C ILE A 1224 44.22 -13.98 -3.08
N GLU A 1225 43.62 -14.76 -3.98
CA GLU A 1225 44.10 -14.75 -5.37
C GLU A 1225 43.87 -13.38 -6.00
N LEU A 1226 42.74 -12.74 -5.69
CA LEU A 1226 42.46 -11.42 -6.25
C LEU A 1226 43.39 -10.36 -5.68
N THR A 1227 43.68 -10.41 -4.39
CA THR A 1227 44.35 -9.32 -3.69
C THR A 1227 45.81 -9.59 -3.37
N LYS A 1228 46.39 -10.68 -3.87
CA LYS A 1228 47.80 -11.01 -3.66
C LYS A 1228 48.12 -11.19 -2.18
N GLY A 1229 47.10 -11.40 -1.36
CA GLY A 1229 47.29 -11.56 0.07
C GLY A 1229 47.82 -10.32 0.77
N SER A 1230 47.43 -9.14 0.32
CA SER A 1230 47.89 -7.88 0.89
C SER A 1230 46.75 -6.89 0.94
N LEU A 1231 46.84 -5.94 1.88
CA LEU A 1231 45.85 -4.88 2.02
C LEU A 1231 46.38 -3.53 1.59
N GLU A 1232 47.53 -3.49 0.92
CA GLU A 1232 48.17 -2.26 0.52
C GLU A 1232 47.76 -1.89 -0.90
N LYS A 1233 47.43 -0.61 -1.11
CA LYS A 1233 46.98 -0.16 -2.42
C LYS A 1233 48.08 -0.29 -3.46
N ARG A 1234 49.33 0.01 -3.07
CA ARG A 1234 50.46 -0.16 -3.99
C ARG A 1234 50.65 -1.63 -4.36
N SER A 1235 50.52 -2.53 -3.38
CA SER A 1235 50.73 -3.95 -3.64
C SER A 1235 49.56 -4.59 -4.39
N GLN A 1236 48.38 -3.96 -4.37
CA GLN A 1236 47.24 -4.51 -5.07
C GLN A 1236 47.52 -4.59 -6.57
N PRO A 1237 47.24 -5.70 -7.23
CA PRO A 1237 47.43 -5.78 -8.68
C PRO A 1237 46.42 -4.93 -9.43
N GLY A 1238 46.81 -4.51 -10.63
CA GLY A 1238 45.94 -3.70 -11.46
C GLY A 1238 45.76 -4.26 -12.86
N GLU B 64 -28.18 -24.20 -15.98
CA GLU B 64 -27.14 -23.27 -15.55
C GLU B 64 -27.74 -21.92 -15.16
N GLY B 65 -26.96 -21.11 -14.46
CA GLY B 65 -27.38 -19.78 -14.10
C GLY B 65 -27.15 -18.72 -15.16
N SER B 66 -26.44 -19.07 -16.24
CA SER B 66 -26.22 -18.12 -17.32
C SER B 66 -27.53 -17.79 -18.03
N GLU B 67 -28.42 -18.78 -18.17
CA GLU B 67 -29.72 -18.51 -18.79
C GLU B 67 -30.53 -17.52 -17.96
N ALA B 68 -30.53 -17.68 -16.63
CA ALA B 68 -31.26 -16.75 -15.79
C ALA B 68 -30.66 -15.34 -15.83
N LEU B 69 -29.33 -15.25 -15.94
CA LEU B 69 -28.71 -13.93 -16.04
C LEU B 69 -29.10 -13.23 -17.35
N LEU B 70 -29.10 -13.97 -18.46
CA LEU B 70 -29.52 -13.39 -19.73
C LEU B 70 -30.99 -13.03 -19.70
N GLU B 71 -31.81 -13.85 -19.05
CA GLU B 71 -33.23 -13.53 -18.91
C GLU B 71 -33.42 -12.24 -18.12
N ILE B 72 -32.64 -12.06 -17.05
CA ILE B 72 -32.73 -10.84 -16.26
C ILE B 72 -32.29 -9.64 -17.09
N CYS B 73 -31.18 -9.76 -17.82
CA CYS B 73 -30.69 -8.66 -18.64
C CYS B 73 -31.70 -8.27 -19.72
N GLN B 74 -32.30 -9.28 -20.36
CA GLN B 74 -33.33 -9.00 -21.37
C GLN B 74 -34.56 -8.37 -20.75
N ARG B 75 -34.98 -8.86 -19.57
CA ARG B 75 -36.17 -8.34 -18.92
C ARG B 75 -35.94 -6.94 -18.35
N ARG B 76 -34.74 -6.70 -17.79
CA ARG B 76 -34.43 -5.43 -17.18
C ARG B 76 -33.75 -4.47 -18.14
N HIS B 77 -33.85 -4.73 -19.45
CA HIS B 77 -33.38 -3.81 -20.49
C HIS B 77 -31.90 -3.49 -20.32
N PHE B 78 -31.11 -4.48 -19.90
CA PHE B 78 -29.67 -4.37 -20.02
C PHE B 78 -29.22 -4.68 -21.43
N LEU B 79 -29.85 -5.67 -22.06
CA LEU B 79 -29.55 -6.06 -23.43
C LEU B 79 -30.84 -6.03 -24.25
N SER B 80 -30.75 -5.49 -25.46
CA SER B 80 -31.87 -5.43 -26.37
C SER B 80 -31.81 -6.61 -27.34
N GLY B 81 -32.94 -6.85 -28.01
CA GLY B 81 -33.03 -7.94 -28.97
C GLY B 81 -33.67 -9.18 -28.36
N SER B 82 -33.81 -10.19 -29.21
CA SER B 82 -34.44 -11.43 -28.79
C SER B 82 -33.43 -12.31 -28.07
N LYS B 83 -33.93 -13.42 -27.52
CA LYS B 83 -33.03 -14.34 -26.80
C LYS B 83 -32.04 -14.99 -27.76
N GLN B 84 -32.49 -15.32 -28.97
CA GLN B 84 -31.61 -15.94 -29.96
C GLN B 84 -30.58 -14.95 -30.50
N GLN B 85 -30.95 -13.66 -30.60
CA GLN B 85 -30.01 -12.64 -31.06
C GLN B 85 -28.90 -12.37 -30.06
N LEU B 86 -29.08 -12.79 -28.81
CA LEU B 86 -28.11 -12.56 -27.75
C LEU B 86 -27.24 -13.79 -27.48
N SER B 87 -26.90 -14.53 -28.53
CA SER B 87 -26.04 -15.69 -28.37
C SER B 87 -24.64 -15.25 -27.92
N ARG B 88 -23.89 -16.21 -27.36
CA ARG B 88 -22.52 -15.90 -26.96
C ARG B 88 -21.70 -15.44 -28.15
N ASP B 89 -21.82 -16.13 -29.29
CA ASP B 89 -21.10 -15.71 -30.48
C ASP B 89 -21.53 -14.32 -30.92
N SER B 90 -22.84 -14.04 -30.88
CA SER B 90 -23.34 -12.73 -31.29
C SER B 90 -22.82 -11.63 -30.36
N LEU B 91 -22.81 -11.90 -29.05
CA LEU B 91 -22.35 -10.91 -28.09
C LEU B 91 -20.85 -10.66 -28.21
N LEU B 92 -20.06 -11.72 -28.31
CA LEU B 92 -18.61 -11.58 -28.37
C LEU B 92 -18.16 -11.00 -29.71
N SER B 93 -18.83 -11.35 -30.81
CA SER B 93 -18.45 -10.83 -32.12
C SER B 93 -18.77 -9.35 -32.27
N GLY B 94 -19.69 -8.83 -31.47
CA GLY B 94 -20.11 -7.45 -31.61
C GLY B 94 -21.26 -7.23 -32.56
N CYS B 95 -21.92 -8.31 -33.00
CA CYS B 95 -23.04 -8.23 -33.93
C CYS B 95 -24.39 -8.29 -33.23
N HIS B 96 -24.42 -8.01 -31.93
CA HIS B 96 -25.68 -7.96 -31.20
C HIS B 96 -26.52 -6.76 -31.67
N PRO B 97 -27.85 -6.86 -31.54
CA PRO B 97 -28.69 -5.76 -32.03
C PRO B 97 -28.41 -4.42 -31.36
N GLY B 98 -28.04 -4.44 -30.10
CA GLY B 98 -27.79 -3.22 -29.35
C GLY B 98 -28.14 -3.41 -27.90
N PHE B 99 -27.81 -2.40 -27.10
CA PHE B 99 -28.02 -2.46 -25.66
C PHE B 99 -29.27 -1.70 -25.27
N GLY B 100 -29.92 -2.19 -24.22
CA GLY B 100 -31.03 -1.48 -23.62
C GLY B 100 -30.52 -0.28 -22.85
N PRO B 101 -31.43 0.57 -22.38
CA PRO B 101 -30.99 1.80 -21.68
C PRO B 101 -30.11 1.51 -20.47
N LEU B 102 -30.40 0.46 -19.70
CA LEU B 102 -29.56 0.13 -18.57
C LEU B 102 -28.17 -0.30 -19.01
N GLY B 103 -28.08 -1.08 -20.09
CA GLY B 103 -26.77 -1.46 -20.61
C GLY B 103 -25.99 -0.26 -21.13
N VAL B 104 -26.68 0.67 -21.80
CA VAL B 104 -26.03 1.87 -22.30
C VAL B 104 -25.48 2.69 -21.13
N GLU B 105 -26.28 2.84 -20.07
CA GLU B 105 -25.82 3.60 -18.91
C GLU B 105 -24.67 2.91 -18.20
N LEU B 106 -24.72 1.58 -18.08
CA LEU B 106 -23.60 0.85 -17.47
C LEU B 106 -22.33 1.03 -18.28
N ARG B 107 -22.43 0.96 -19.60
CA ARG B 107 -21.26 1.19 -20.45
C ARG B 107 -20.77 2.62 -20.34
N LYS B 108 -21.68 3.58 -20.21
CA LYS B 108 -21.29 4.98 -20.02
C LYS B 108 -20.51 5.15 -18.73
N ASN B 109 -20.99 4.52 -17.65
CA ASN B 109 -20.27 4.60 -16.37
C ASN B 109 -18.90 3.94 -16.48
N LEU B 110 -18.82 2.80 -17.17
CA LEU B 110 -17.53 2.14 -17.34
C LEU B 110 -16.55 3.01 -18.12
N ALA B 111 -17.03 3.65 -19.19
CA ALA B 111 -16.17 4.54 -19.97
C ALA B 111 -15.76 5.76 -19.15
N ALA B 112 -16.67 6.30 -18.35
CA ALA B 112 -16.32 7.43 -17.49
C ALA B 112 -15.25 7.05 -16.49
N GLU B 113 -15.37 5.87 -15.88
CA GLU B 113 -14.35 5.41 -14.93
C GLU B 113 -13.01 5.19 -15.64
N TRP B 114 -13.04 4.64 -16.85
CA TRP B 114 -11.81 4.48 -17.62
C TRP B 114 -11.16 5.83 -17.88
N TRP B 115 -11.98 6.82 -18.28
CA TRP B 115 -11.45 8.15 -18.57
C TRP B 115 -10.87 8.80 -17.33
N THR B 116 -11.53 8.60 -16.18
CA THR B 116 -11.02 9.18 -14.94
C THR B 116 -9.75 8.48 -14.48
N SER B 117 -9.58 7.21 -14.83
CA SER B 117 -8.42 6.47 -14.38
C SER B 117 -7.26 6.50 -15.36
N VAL B 118 -7.45 7.09 -16.55
CA VAL B 118 -6.40 7.20 -17.56
C VAL B 118 -6.14 8.64 -17.96
N VAL B 119 -7.19 9.39 -18.24
CA VAL B 119 -7.06 10.72 -18.86
C VAL B 119 -7.00 11.84 -17.83
N VAL B 120 -7.96 11.86 -16.90
CA VAL B 120 -8.15 13.03 -16.04
C VAL B 120 -6.95 13.26 -15.13
N PHE B 121 -6.43 12.19 -14.51
CA PHE B 121 -5.39 12.34 -13.49
C PHE B 121 -3.99 12.10 -14.03
N ARG B 122 -3.74 12.50 -15.27
CA ARG B 122 -2.40 12.41 -15.86
C ARG B 122 -2.16 13.63 -16.73
N GLU B 123 -1.09 14.37 -16.43
CA GLU B 123 -0.80 15.61 -17.13
C GLU B 123 -0.44 15.39 -18.59
N GLN B 124 0.14 14.24 -18.91
CA GLN B 124 0.65 13.98 -20.24
C GLN B 124 -0.31 13.21 -21.14
N VAL B 125 -1.51 12.90 -20.65
CA VAL B 125 -2.50 12.17 -21.44
C VAL B 125 -3.57 13.16 -21.89
N PHE B 126 -3.83 13.20 -23.19
CA PHE B 126 -4.75 14.15 -23.78
C PHE B 126 -5.83 13.44 -24.58
N PRO B 127 -7.04 13.99 -24.64
CA PRO B 127 -8.07 13.42 -25.51
C PRO B 127 -7.74 13.65 -26.98
N VAL B 128 -8.21 12.72 -27.81
CA VAL B 128 -8.02 12.82 -29.26
C VAL B 128 -9.23 12.19 -29.92
N ASP B 129 -9.63 12.73 -31.07
CA ASP B 129 -10.73 12.18 -31.85
C ASP B 129 -10.17 11.71 -33.19
N ALA B 130 -10.39 10.44 -33.49
CA ALA B 130 -9.97 9.86 -34.75
C ALA B 130 -11.20 9.59 -35.60
N LEU B 131 -11.08 9.85 -36.89
CA LEU B 131 -12.20 9.64 -37.79
C LEU B 131 -12.52 8.15 -37.91
N HIS B 132 -13.74 7.87 -38.36
CA HIS B 132 -14.19 6.49 -38.48
C HIS B 132 -13.81 5.86 -39.80
N HIS B 133 -13.60 6.66 -40.83
CA HIS B 133 -13.28 6.17 -42.17
C HIS B 133 -11.80 6.40 -42.45
N LYS B 134 -11.11 5.32 -42.85
CA LYS B 134 -9.68 5.46 -43.14
C LYS B 134 -9.40 6.24 -44.42
N PRO B 135 -9.96 5.88 -45.60
CA PRO B 135 -9.48 6.51 -46.84
C PRO B 135 -9.66 8.02 -46.88
N GLY B 136 -10.90 8.49 -46.75
CA GLY B 136 -11.20 9.90 -46.92
C GLY B 136 -10.78 10.42 -48.28
N PRO B 137 -11.13 9.70 -49.36
CA PRO B 137 -10.60 10.06 -50.67
C PRO B 137 -11.42 11.13 -51.38
N LEU B 181 -13.13 1.77 -43.49
CA LEU B 181 -13.67 1.94 -42.15
C LEU B 181 -12.63 1.71 -41.06
N ARG B 182 -13.01 2.07 -39.83
CA ARG B 182 -12.09 1.99 -38.71
C ARG B 182 -11.99 0.56 -38.19
N GLU B 183 -10.77 0.13 -37.91
CA GLU B 183 -10.53 -1.14 -37.23
C GLU B 183 -9.98 -0.95 -35.82
N ASN B 184 -9.18 0.08 -35.61
CA ASN B 184 -8.60 0.37 -34.30
C ASN B 184 -8.38 1.88 -34.20
N LEU B 185 -8.26 2.36 -32.97
CA LEU B 185 -8.05 3.77 -32.71
C LEU B 185 -6.58 4.19 -32.76
N LEU B 186 -5.67 3.24 -32.96
CA LEU B 186 -4.24 3.54 -32.91
C LEU B 186 -3.83 4.48 -34.03
N HIS B 187 -4.34 4.27 -35.24
CA HIS B 187 -3.87 5.01 -36.41
C HIS B 187 -4.16 6.50 -36.27
N GLY B 188 -5.34 6.86 -35.77
CA GLY B 188 -5.66 8.28 -35.59
C GLY B 188 -4.73 8.96 -34.60
N ALA B 189 -4.44 8.29 -33.49
CA ALA B 189 -3.50 8.84 -32.52
C ALA B 189 -2.10 8.97 -33.12
N LEU B 190 -1.68 7.98 -33.92
CA LEU B 190 -0.38 8.06 -34.55
C LEU B 190 -0.31 9.25 -35.51
N GLU B 191 -1.40 9.52 -36.22
CA GLU B 191 -1.46 10.69 -37.08
C GLU B 191 -1.38 11.98 -36.26
N HIS B 192 -2.12 12.04 -35.15
CA HIS B 192 -2.15 13.25 -34.31
C HIS B 192 -0.91 13.40 -33.45
N TYR B 193 0.01 12.43 -33.47
CA TYR B 193 1.18 12.48 -32.59
C TYR B 193 2.00 13.76 -32.78
N VAL B 194 2.35 14.07 -34.04
CA VAL B 194 3.23 15.22 -34.28
C VAL B 194 2.56 16.52 -33.85
N ASN B 195 1.29 16.69 -34.20
CA ASN B 195 0.58 17.91 -33.83
C ASN B 195 0.44 18.04 -32.32
N CYS B 196 0.12 16.95 -31.63
CA CYS B 196 -0.06 16.99 -30.18
C CYS B 196 1.26 17.01 -29.43
N LEU B 197 2.39 16.80 -30.12
CA LEU B 197 3.69 16.93 -29.48
C LEU B 197 3.89 18.33 -28.92
N ASP B 198 3.33 19.35 -29.57
CA ASP B 198 3.45 20.72 -29.10
C ASP B 198 2.79 20.94 -27.74
N LEU B 199 1.84 20.09 -27.35
CA LEU B 199 1.16 20.27 -26.07
C LEU B 199 2.11 20.10 -24.90
N VAL B 200 3.08 19.19 -25.01
CA VAL B 200 4.02 18.91 -23.93
C VAL B 200 5.40 19.49 -24.20
N ASN B 201 5.53 20.37 -25.19
CA ASN B 201 6.83 20.91 -25.61
C ASN B 201 7.81 19.78 -25.89
N LYS B 202 7.30 18.73 -26.52
CA LYS B 202 8.07 17.56 -26.95
C LYS B 202 8.63 16.77 -25.77
N ARG B 203 8.09 16.95 -24.56
CA ARG B 203 8.43 16.09 -23.44
C ARG B 203 7.89 14.69 -23.74
N LEU B 204 8.80 13.76 -24.03
CA LEU B 204 8.43 12.58 -24.80
C LEU B 204 7.35 11.71 -24.17
N PRO B 205 7.41 11.32 -22.89
CA PRO B 205 6.36 10.42 -22.38
C PRO B 205 5.02 11.13 -22.28
N TYR B 206 4.11 10.84 -23.21
CA TYR B 206 2.80 11.46 -23.20
C TYR B 206 1.83 10.59 -23.99
N GLY B 207 0.54 10.76 -23.71
CA GLY B 207 -0.46 9.87 -24.25
C GLY B 207 -1.59 10.59 -24.95
N LEU B 208 -2.23 9.86 -25.85
CA LEU B 208 -3.47 10.26 -26.50
C LEU B 208 -4.50 9.17 -26.25
N ALA B 209 -5.62 9.53 -25.66
CA ALA B 209 -6.65 8.57 -25.26
C ALA B 209 -7.95 8.88 -25.98
N GLN B 210 -8.67 7.82 -26.34
CA GLN B 210 -9.89 7.93 -27.12
C GLN B 210 -10.79 6.73 -26.85
N ILE B 211 -12.09 6.96 -26.76
CA ILE B 211 -13.07 5.88 -26.66
C ILE B 211 -14.00 6.00 -27.85
N GLY B 212 -14.11 4.92 -28.62
CA GLY B 212 -14.93 4.99 -29.83
C GLY B 212 -15.20 3.63 -30.38
N VAL B 213 -16.12 3.57 -31.33
CA VAL B 213 -16.58 2.32 -31.91
C VAL B 213 -15.65 1.94 -33.06
N CYS B 214 -15.23 0.68 -33.09
CA CYS B 214 -14.47 0.11 -34.19
C CYS B 214 -15.25 -1.05 -34.79
N PHE B 215 -15.03 -1.28 -36.07
CA PHE B 215 -15.77 -2.27 -36.85
C PHE B 215 -14.86 -3.40 -37.26
N HIS B 216 -15.30 -4.64 -37.02
CA HIS B 216 -14.50 -5.83 -37.27
C HIS B 216 -15.29 -6.78 -38.17
N PRO B 217 -14.73 -7.20 -39.29
CA PRO B 217 -15.40 -8.21 -40.12
C PRO B 217 -15.39 -9.57 -39.46
N VAL B 218 -16.43 -10.36 -39.76
CA VAL B 218 -16.58 -11.72 -39.25
C VAL B 218 -17.26 -12.56 -40.31
N PHE B 219 -17.15 -13.88 -40.19
CA PHE B 219 -17.74 -14.79 -41.16
C PHE B 219 -19.25 -14.86 -40.99
N GLY B 227 -25.25 -11.49 -44.16
CA GLY B 227 -24.85 -12.32 -45.29
C GLY B 227 -23.81 -13.36 -44.92
N VAL B 228 -22.99 -13.74 -45.89
CA VAL B 228 -21.92 -14.72 -45.63
C VAL B 228 -20.94 -14.17 -44.61
N LYS B 229 -20.54 -12.91 -44.77
CA LYS B 229 -19.71 -12.22 -43.79
C LYS B 229 -20.41 -10.95 -43.35
N SER B 230 -20.32 -10.65 -42.06
CA SER B 230 -20.97 -9.49 -41.46
C SER B 230 -19.92 -8.61 -40.77
N ILE B 231 -20.40 -7.51 -40.18
CA ILE B 231 -19.55 -6.54 -39.50
C ILE B 231 -20.08 -6.37 -38.09
N GLY B 232 -19.19 -6.52 -37.11
CA GLY B 232 -19.54 -6.31 -35.71
C GLY B 232 -18.91 -5.03 -35.22
N GLU B 233 -19.55 -4.40 -34.24
CA GLU B 233 -19.09 -3.14 -33.68
C GLU B 233 -18.71 -3.35 -32.23
N LYS B 234 -17.56 -2.81 -31.84
CA LYS B 234 -17.11 -2.85 -30.45
C LYS B 234 -16.65 -1.45 -30.07
N THR B 235 -17.24 -0.88 -29.03
CA THR B 235 -16.76 0.40 -28.53
C THR B 235 -15.56 0.11 -27.63
N GLU B 236 -14.39 0.49 -28.09
CA GLU B 236 -13.14 0.21 -27.40
C GLU B 236 -12.49 1.52 -26.98
N ALA B 237 -11.76 1.44 -25.87
CA ALA B 237 -11.01 2.56 -25.31
C ALA B 237 -9.53 2.31 -25.49
N SER B 238 -8.85 3.25 -26.13
CA SER B 238 -7.44 3.14 -26.48
C SER B 238 -6.64 4.27 -25.85
N LEU B 239 -5.46 3.91 -25.37
CA LEU B 239 -4.44 4.87 -24.94
C LEU B 239 -3.19 4.57 -25.73
N VAL B 240 -2.71 5.58 -26.47
CA VAL B 240 -1.46 5.49 -27.21
C VAL B 240 -0.44 6.31 -26.45
N TRP B 241 0.57 5.62 -25.93
CA TRP B 241 1.55 6.18 -25.00
C TRP B 241 2.89 6.23 -25.70
N PHE B 242 3.35 7.44 -26.03
CA PHE B 242 4.65 7.63 -26.63
C PHE B 242 5.67 7.78 -25.51
N THR B 243 6.66 6.89 -25.49
CA THR B 243 7.61 6.80 -24.41
C THR B 243 9.02 6.71 -24.96
N PRO B 244 10.00 7.24 -24.23
CA PRO B 244 11.40 7.01 -24.60
C PRO B 244 11.70 5.53 -24.65
N PRO B 245 12.45 5.06 -25.65
CA PRO B 245 12.70 3.62 -25.77
C PRO B 245 13.38 3.01 -24.55
N ARG B 246 14.24 3.76 -23.86
CA ARG B 246 14.92 3.22 -22.69
C ARG B 246 13.94 2.80 -21.59
N THR B 247 12.79 3.45 -21.50
CA THR B 247 11.79 3.15 -20.49
C THR B 247 10.54 2.47 -21.05
N SER B 248 10.58 2.02 -22.30
CA SER B 248 9.38 1.49 -22.95
C SER B 248 8.83 0.28 -22.20
N ASN B 249 9.69 -0.70 -21.92
CA ASN B 249 9.24 -1.90 -21.21
C ASN B 249 8.76 -1.58 -19.81
N GLN B 250 9.44 -0.66 -19.12
CA GLN B 250 9.00 -0.25 -17.80
C GLN B 250 7.60 0.35 -17.84
N TRP B 251 7.36 1.25 -18.81
CA TRP B 251 6.02 1.82 -18.96
C TRP B 251 5.01 0.75 -19.30
N LEU B 252 5.40 -0.22 -20.13
CA LEU B 252 4.51 -1.33 -20.45
C LEU B 252 4.08 -2.06 -19.18
N ASP B 253 5.04 -2.40 -18.32
CA ASP B 253 4.71 -3.06 -17.06
C ASP B 253 3.81 -2.16 -16.21
N PHE B 254 4.14 -0.88 -16.12
CA PHE B 254 3.32 0.08 -15.36
C PHE B 254 1.87 0.03 -15.82
N TRP B 255 1.65 0.18 -17.12
CA TRP B 255 0.29 0.18 -17.66
C TRP B 255 -0.38 -1.16 -17.48
N LEU B 256 0.34 -2.26 -17.65
CA LEU B 256 -0.22 -3.58 -17.39
C LEU B 256 -0.78 -3.66 -15.98
N ARG B 257 0.05 -3.33 -14.99
CA ARG B 257 -0.39 -3.36 -13.60
C ARG B 257 -1.61 -2.46 -13.39
N HIS B 258 -1.53 -1.22 -13.88
CA HIS B 258 -2.60 -0.26 -13.64
C HIS B 258 -3.91 -0.71 -14.28
N ARG B 259 -3.87 -1.17 -15.53
CA ARG B 259 -5.08 -1.63 -16.20
C ARG B 259 -5.68 -2.84 -15.49
N LEU B 260 -4.84 -3.80 -15.09
CA LEU B 260 -5.35 -4.96 -14.38
C LEU B 260 -6.00 -4.55 -13.06
N GLN B 261 -5.38 -3.62 -12.33
CA GLN B 261 -5.96 -3.11 -11.11
C GLN B 261 -7.29 -2.42 -11.38
N TRP B 262 -7.37 -1.65 -12.46
CA TRP B 262 -8.62 -0.98 -12.81
C TRP B 262 -9.73 -1.99 -13.07
N TRP B 263 -9.41 -3.07 -13.79
CA TRP B 263 -10.43 -4.09 -14.05
C TRP B 263 -10.84 -4.80 -12.77
N ARG B 264 -9.89 -5.07 -11.88
CA ARG B 264 -10.22 -5.75 -10.62
C ARG B 264 -10.90 -4.83 -9.61
N LYS B 265 -10.83 -3.51 -9.81
CA LYS B 265 -11.32 -2.56 -8.84
C LYS B 265 -12.83 -2.67 -8.64
N PHE B 266 -13.57 -2.92 -9.72
CA PHE B 266 -15.03 -2.97 -9.67
C PHE B 266 -15.57 -4.39 -9.62
N ALA B 267 -14.71 -5.38 -9.42
CA ALA B 267 -15.08 -6.79 -9.57
C ALA B 267 -15.44 -7.41 -8.22
N MET B 268 -16.53 -8.17 -8.20
CA MET B 268 -16.86 -8.95 -7.01
C MET B 268 -15.86 -10.08 -6.81
N SER B 269 -15.36 -10.65 -7.90
CA SER B 269 -14.37 -11.73 -7.87
C SER B 269 -13.20 -11.27 -8.73
N PRO B 270 -12.32 -10.43 -8.19
CA PRO B 270 -11.23 -9.87 -9.02
C PRO B 270 -10.28 -10.93 -9.56
N SER B 271 -10.23 -12.12 -8.97
CA SER B 271 -9.36 -13.17 -9.46
C SER B 271 -9.76 -13.64 -10.86
N ASN B 272 -11.00 -13.38 -11.29
CA ASN B 272 -11.41 -13.75 -12.64
C ASN B 272 -10.71 -12.91 -13.70
N PHE B 273 -10.28 -11.70 -13.35
CA PHE B 273 -9.50 -10.88 -14.26
C PHE B 273 -8.03 -11.30 -14.18
N SER B 274 -7.49 -11.79 -15.28
CA SER B 274 -6.14 -12.34 -15.32
C SER B 274 -5.31 -11.64 -16.40
N SER B 275 -4.00 -11.70 -16.22
CA SER B 275 -3.04 -11.10 -17.14
C SER B 275 -2.09 -12.16 -17.66
N SER B 276 -1.76 -12.06 -18.94
CA SER B 276 -0.81 -12.96 -19.58
C SER B 276 0.22 -12.15 -20.36
N ASP B 277 1.42 -12.71 -20.49
CA ASP B 277 2.48 -12.11 -21.27
C ASP B 277 2.54 -12.78 -22.64
N CYS B 278 2.79 -11.99 -23.68
CA CYS B 278 2.80 -12.49 -25.04
C CYS B 278 3.88 -11.80 -25.84
N GLN B 279 4.25 -12.44 -26.95
CA GLN B 279 5.35 -11.99 -27.79
C GLN B 279 4.84 -11.80 -29.22
N ASP B 280 5.33 -10.73 -29.85
CA ASP B 280 4.99 -10.44 -31.23
C ASP B 280 5.82 -11.31 -32.15
N GLU B 281 5.30 -11.57 -33.35
CA GLU B 281 6.08 -12.31 -34.34
C GLU B 281 7.33 -11.54 -34.75
N GLU B 282 7.34 -10.22 -34.55
CA GLU B 282 8.51 -9.39 -34.78
C GLU B 282 9.37 -9.23 -33.52
N GLY B 283 9.01 -9.92 -32.43
CA GLY B 283 9.78 -9.87 -31.21
C GLY B 283 9.42 -8.77 -30.25
N ARG B 284 8.24 -8.17 -30.39
CA ARG B 284 7.82 -7.08 -29.51
C ARG B 284 7.01 -7.62 -28.33
N LYS B 285 7.35 -7.17 -27.13
CA LYS B 285 6.68 -7.64 -25.93
C LYS B 285 5.26 -7.08 -25.84
N GLY B 286 4.40 -7.79 -25.14
CA GLY B 286 3.06 -7.28 -24.90
C GLY B 286 2.37 -8.06 -23.80
N ASN B 287 1.26 -7.49 -23.34
CA ASN B 287 0.46 -8.12 -22.30
C ASN B 287 -1.01 -8.14 -22.73
N LYS B 288 -1.70 -9.21 -22.36
CA LYS B 288 -3.12 -9.36 -22.63
C LYS B 288 -3.87 -9.54 -21.33
N LEU B 289 -5.11 -9.08 -21.31
CA LEU B 289 -5.98 -9.17 -20.14
C LEU B 289 -7.21 -9.98 -20.50
N TYR B 290 -7.61 -10.87 -19.61
CA TYR B 290 -8.72 -11.78 -19.85
C TYR B 290 -9.69 -11.72 -18.68
N TYR B 291 -10.97 -11.97 -18.99
CA TYR B 291 -11.97 -12.20 -17.97
C TYR B 291 -12.47 -13.63 -18.07
N ASN B 292 -12.66 -14.27 -16.91
CA ASN B 292 -13.05 -15.67 -16.86
C ASN B 292 -14.57 -15.75 -16.84
N PHE B 293 -15.16 -15.77 -18.02
CA PHE B 293 -16.57 -16.07 -18.16
C PHE B 293 -16.79 -17.54 -17.79
N PRO B 294 -18.03 -17.93 -17.49
CA PRO B 294 -18.28 -19.33 -17.12
C PRO B 294 -17.79 -20.34 -18.13
N TRP B 295 -17.75 -19.98 -19.42
CA TRP B 295 -17.29 -20.91 -20.44
C TRP B 295 -15.78 -20.87 -20.65
N GLY B 296 -15.08 -19.92 -20.08
CA GLY B 296 -13.64 -19.84 -20.23
C GLY B 296 -13.19 -18.40 -20.22
N LYS B 297 -11.90 -18.22 -20.50
CA LYS B 297 -11.32 -16.88 -20.52
C LYS B 297 -11.57 -16.22 -21.87
N GLU B 298 -11.86 -14.92 -21.84
CA GLU B 298 -12.06 -14.12 -23.04
C GLU B 298 -11.22 -12.86 -22.96
N LEU B 299 -10.65 -12.47 -24.09
CA LEU B 299 -9.75 -11.33 -24.14
C LEU B 299 -10.54 -10.02 -24.03
N ILE B 300 -10.10 -9.15 -23.13
CA ILE B 300 -10.77 -7.87 -22.90
C ILE B 300 -9.84 -6.68 -23.08
N GLU B 301 -8.53 -6.85 -23.04
CA GLU B 301 -7.63 -5.71 -23.24
C GLU B 301 -6.28 -6.22 -23.70
N THR B 302 -5.62 -5.43 -24.54
CA THR B 302 -4.33 -5.78 -25.10
C THR B 302 -3.38 -4.60 -24.98
N LEU B 303 -2.18 -4.86 -24.48
CA LEU B 303 -1.13 -3.86 -24.35
C LEU B 303 0.07 -4.33 -25.17
N TRP B 304 0.53 -3.49 -26.09
CA TRP B 304 1.61 -3.85 -26.99
C TRP B 304 2.65 -2.76 -27.04
N ASN B 305 3.92 -3.16 -27.08
CA ASN B 305 5.04 -2.26 -27.26
C ASN B 305 5.40 -2.28 -28.74
N LEU B 306 4.91 -1.29 -29.48
CA LEU B 306 4.96 -1.30 -30.93
C LEU B 306 6.21 -0.65 -31.50
N GLY B 307 7.10 -0.16 -30.64
CA GLY B 307 8.28 0.53 -31.16
C GLY B 307 7.89 1.80 -31.91
N ASP B 308 8.62 2.06 -32.99
CA ASP B 308 8.39 3.27 -33.78
C ASP B 308 8.28 2.98 -35.28
N HIS B 309 8.23 1.70 -35.67
CA HIS B 309 8.21 1.37 -37.10
C HIS B 309 7.01 1.98 -37.80
N GLU B 310 5.82 1.83 -37.20
CA GLU B 310 4.63 2.44 -37.79
C GLU B 310 4.74 3.96 -37.80
N LEU B 311 5.26 4.54 -36.72
CA LEU B 311 5.41 5.99 -36.66
C LEU B 311 6.38 6.49 -37.72
N LEU B 312 7.51 5.78 -37.89
CA LEU B 312 8.48 6.18 -38.90
C LEU B 312 7.90 6.03 -40.30
N HIS B 313 7.18 4.94 -40.56
CA HIS B 313 6.54 4.75 -41.85
C HIS B 313 5.50 5.83 -42.12
N MET B 314 4.90 6.37 -41.05
CA MET B 314 3.87 7.39 -41.22
C MET B 314 4.45 8.73 -41.67
N TYR B 315 5.71 9.01 -41.33
CA TYR B 315 6.34 10.29 -41.64
C TYR B 315 7.66 10.05 -42.38
N PRO B 316 7.59 9.73 -43.67
CA PRO B 316 8.80 9.57 -44.47
C PRO B 316 9.52 10.88 -44.71
N GLY B 317 10.81 10.77 -44.94
CA GLY B 317 11.68 11.94 -45.09
C GLY B 317 12.33 12.34 -43.77
N ASN B 318 12.12 13.58 -43.36
CA ASN B 318 12.84 14.13 -42.21
C ASN B 318 12.30 13.51 -40.92
N VAL B 319 13.10 12.66 -40.30
CA VAL B 319 12.72 12.02 -39.04
C VAL B 319 12.83 12.99 -37.87
N SER B 320 13.59 14.07 -38.03
CA SER B 320 13.73 15.06 -36.96
C SER B 320 12.41 15.69 -36.57
N LYS B 321 11.40 15.62 -37.44
CA LYS B 321 10.09 16.14 -37.10
C LYS B 321 9.44 15.36 -35.96
N LEU B 322 9.82 14.09 -35.79
CA LEU B 322 9.20 13.22 -34.80
C LEU B 322 9.96 13.19 -33.48
N HIS B 323 11.08 13.90 -33.36
CA HIS B 323 11.89 13.83 -32.16
C HIS B 323 11.16 14.39 -30.95
N GLY B 324 11.29 13.69 -29.82
CA GLY B 324 10.78 14.16 -28.56
C GLY B 324 11.87 14.17 -27.51
N ARG B 325 11.67 15.00 -26.49
CA ARG B 325 12.69 15.21 -25.47
C ARG B 325 12.58 14.14 -24.39
N ASP B 326 13.61 13.31 -24.27
CA ASP B 326 13.78 12.38 -23.16
C ASP B 326 14.76 13.06 -22.19
N GLY B 327 14.23 13.91 -21.32
CA GLY B 327 15.08 14.68 -20.43
C GLY B 327 15.89 15.70 -21.21
N ARG B 328 17.20 15.45 -21.32
CA ARG B 328 18.09 16.29 -22.10
C ARG B 328 18.43 15.67 -23.45
N LYS B 329 17.74 14.61 -23.86
CA LYS B 329 18.02 13.91 -25.11
C LYS B 329 16.78 13.86 -25.99
N ASN B 330 17.01 13.84 -27.30
CA ASN B 330 15.96 13.75 -28.30
C ASN B 330 15.99 12.36 -28.93
N VAL B 331 14.85 11.67 -28.90
CA VAL B 331 14.74 10.31 -29.43
C VAL B 331 13.36 10.13 -30.05
N VAL B 332 13.31 9.30 -31.09
CA VAL B 332 12.02 8.94 -31.69
C VAL B 332 11.27 8.02 -30.74
N PRO B 333 10.04 8.34 -30.36
CA PRO B 333 9.36 7.57 -29.30
C PRO B 333 8.99 6.17 -29.74
N CYS B 334 8.94 5.28 -28.77
CA CYS B 334 8.29 3.98 -28.94
C CYS B 334 6.82 4.13 -28.58
N VAL B 335 5.98 3.47 -29.36
CA VAL B 335 4.53 3.61 -29.24
C VAL B 335 4.01 2.41 -28.46
N LEU B 336 3.31 2.68 -27.38
CA LEU B 336 2.65 1.68 -26.56
C LEU B 336 1.15 1.80 -26.81
N SER B 337 0.53 0.70 -27.21
CA SER B 337 -0.89 0.69 -27.56
C SER B 337 -1.65 -0.13 -26.53
N VAL B 338 -2.53 0.53 -25.79
CA VAL B 338 -3.42 -0.13 -24.83
C VAL B 338 -4.83 -0.02 -25.37
N ASN B 339 -5.46 -1.15 -25.66
CA ASN B 339 -6.78 -1.15 -26.28
C ASN B 339 -7.68 -2.12 -25.51
N GLY B 340 -8.76 -1.61 -24.95
CA GLY B 340 -9.68 -2.42 -24.18
C GLY B 340 -11.08 -2.41 -24.78
N ASP B 341 -11.75 -3.55 -24.72
CA ASP B 341 -13.10 -3.72 -25.25
C ASP B 341 -14.09 -3.39 -24.14
N LEU B 342 -14.73 -2.23 -24.26
CA LEU B 342 -15.67 -1.81 -23.21
C LEU B 342 -16.99 -2.57 -23.27
N ASP B 343 -17.41 -3.02 -24.47
CA ASP B 343 -18.59 -3.87 -24.55
C ASP B 343 -18.35 -5.19 -23.83
N ARG B 344 -17.23 -5.84 -24.12
CA ARG B 344 -16.91 -7.10 -23.44
C ARG B 344 -16.67 -6.87 -21.96
N GLY B 345 -16.13 -5.69 -21.58
CA GLY B 345 -15.98 -5.38 -20.18
C GLY B 345 -17.31 -5.22 -19.46
N MET B 346 -18.27 -4.56 -20.10
CA MET B 346 -19.61 -4.46 -19.54
C MET B 346 -20.25 -5.83 -19.39
N LEU B 347 -20.09 -6.68 -20.42
CA LEU B 347 -20.61 -8.03 -20.34
C LEU B 347 -19.96 -8.81 -19.19
N ALA B 348 -18.64 -8.65 -19.03
CA ALA B 348 -17.93 -9.32 -17.95
C ALA B 348 -18.42 -8.85 -16.60
N TYR B 349 -18.64 -7.55 -16.42
CA TYR B 349 -19.12 -7.06 -15.14
C TYR B 349 -20.56 -7.50 -14.87
N LEU B 350 -21.39 -7.59 -15.92
CA LEU B 350 -22.73 -8.13 -15.73
C LEU B 350 -22.68 -9.59 -15.27
N TYR B 351 -21.82 -10.39 -15.89
CA TYR B 351 -21.64 -11.77 -15.46
C TYR B 351 -21.06 -11.84 -14.05
N ASP B 352 -20.24 -10.85 -13.68
CA ASP B 352 -19.62 -10.82 -12.36
C ASP B 352 -20.62 -10.43 -11.28
N SER B 353 -21.65 -9.66 -11.64
CA SER B 353 -22.65 -9.26 -10.65
C SER B 353 -23.55 -10.42 -10.24
N PHE B 354 -23.66 -11.44 -11.09
CA PHE B 354 -24.47 -12.62 -10.82
C PHE B 354 -23.53 -13.70 -10.32
N GLN B 355 -23.65 -14.07 -9.04
CA GLN B 355 -22.73 -15.03 -8.44
C GLN B 355 -23.14 -16.44 -8.85
N LEU B 356 -22.33 -17.06 -9.70
CA LEU B 356 -22.59 -18.42 -10.16
C LEU B 356 -22.07 -19.48 -9.20
N THR B 357 -21.27 -19.09 -8.21
CA THR B 357 -20.62 -19.98 -7.23
C THR B 357 -20.33 -21.39 -7.77
N PHE B 361 -24.61 -21.66 -3.37
CA PHE B 361 -23.95 -22.79 -2.74
C PHE B 361 -24.24 -22.82 -1.24
N THR B 362 -24.68 -23.97 -0.74
CA THR B 362 -25.07 -24.15 0.65
C THR B 362 -26.11 -23.11 1.06
N ARG B 363 -25.81 -22.33 2.10
CA ARG B 363 -26.78 -21.33 2.54
C ARG B 363 -26.93 -20.20 1.52
N LYS B 364 -25.90 -19.94 0.72
CA LYS B 364 -26.03 -18.96 -0.35
C LYS B 364 -27.07 -19.39 -1.36
N LYS B 365 -27.09 -20.68 -1.71
CA LYS B 365 -28.14 -21.19 -2.59
C LYS B 365 -29.47 -21.29 -1.85
N ASN B 366 -29.43 -21.46 -0.52
CA ASN B 366 -30.67 -21.44 0.25
C ASN B 366 -31.34 -20.08 0.17
N LEU B 367 -30.56 -19.01 0.19
CA LEU B 367 -31.13 -17.67 0.06
C LEU B 367 -31.69 -17.45 -1.35
N HIS B 368 -30.90 -17.78 -2.37
CA HIS B 368 -31.29 -17.73 -3.79
C HIS B 368 -32.08 -16.47 -4.12
N ARG B 369 -31.43 -15.32 -3.95
CA ARG B 369 -32.00 -14.02 -4.29
C ARG B 369 -31.38 -13.55 -5.59
N LYS B 370 -32.21 -13.26 -6.59
CA LYS B 370 -31.71 -12.79 -7.88
C LYS B 370 -31.37 -11.31 -7.76
N VAL B 371 -30.09 -11.01 -7.55
CA VAL B 371 -29.60 -9.65 -7.42
C VAL B 371 -28.36 -9.49 -8.28
N LEU B 372 -28.22 -8.32 -8.89
CA LEU B 372 -27.02 -7.97 -9.64
C LEU B 372 -26.20 -7.03 -8.77
N LYS B 373 -25.12 -7.55 -8.19
CA LYS B 373 -24.28 -6.77 -7.28
C LYS B 373 -23.23 -5.99 -8.06
N LEU B 374 -23.74 -5.06 -8.89
CA LEU B 374 -22.85 -4.17 -9.63
C LEU B 374 -22.20 -3.16 -8.71
N HIS B 375 -20.99 -2.76 -9.07
CA HIS B 375 -20.27 -1.79 -8.26
C HIS B 375 -21.03 -0.47 -8.24
N PRO B 376 -21.01 0.27 -7.13
CA PRO B 376 -21.78 1.52 -7.07
C PRO B 376 -21.42 2.50 -8.18
N CYS B 377 -20.14 2.56 -8.56
CA CYS B 377 -19.73 3.45 -9.65
C CYS B 377 -20.28 2.99 -10.99
N LEU B 378 -20.47 1.68 -11.17
CA LEU B 378 -20.93 1.15 -12.44
C LEU B 378 -22.44 0.93 -12.52
N ALA B 379 -23.13 0.86 -11.39
CA ALA B 379 -24.56 0.60 -11.41
C ALA B 379 -25.28 1.69 -12.20
N PRO B 380 -26.09 1.32 -13.21
CA PRO B 380 -26.71 2.36 -14.04
C PRO B 380 -27.66 3.27 -13.29
N ILE B 381 -28.39 2.73 -12.32
CA ILE B 381 -29.34 3.50 -11.51
C ILE B 381 -28.93 3.39 -10.06
N LYS B 382 -28.77 4.53 -9.39
CA LYS B 382 -28.32 4.57 -8.01
C LYS B 382 -29.47 4.44 -7.02
N VAL B 383 -30.54 5.21 -7.19
CA VAL B 383 -31.62 5.29 -6.22
C VAL B 383 -32.96 5.06 -6.90
N ALA B 384 -33.89 4.47 -6.15
CA ALA B 384 -35.27 4.28 -6.59
C ALA B 384 -36.19 5.00 -5.63
N LEU B 385 -37.12 5.78 -6.17
CA LEU B 385 -38.01 6.64 -5.38
C LEU B 385 -39.46 6.24 -5.62
N ASP B 386 -40.22 6.06 -4.54
CA ASP B 386 -41.61 5.64 -4.64
C ASP B 386 -42.40 6.17 -3.44
N VAL B 387 -43.71 6.21 -3.60
CA VAL B 387 -44.62 6.70 -2.57
C VAL B 387 -45.36 5.53 -1.95
N GLY B 388 -45.88 5.76 -0.76
CA GLY B 388 -46.77 4.84 -0.09
C GLY B 388 -48.23 5.26 -0.23
N ARG B 389 -49.04 4.85 0.73
CA ARG B 389 -50.46 5.20 0.77
C ARG B 389 -50.66 6.42 1.67
N GLY B 390 -51.51 7.34 1.22
CA GLY B 390 -51.81 8.54 1.95
C GLY B 390 -52.25 9.66 1.03
N PRO B 391 -52.14 10.91 1.48
CA PRO B 391 -52.50 12.03 0.61
C PRO B 391 -51.56 12.14 -0.58
N THR B 392 -52.08 11.86 -1.76
CA THR B 392 -51.25 11.76 -2.96
C THR B 392 -50.60 13.09 -3.31
N LEU B 393 -51.33 14.20 -3.17
CA LEU B 393 -50.82 15.49 -3.63
C LEU B 393 -49.55 15.89 -2.89
N GLU B 394 -49.57 15.82 -1.55
CA GLU B 394 -48.39 16.18 -0.76
C GLU B 394 -47.24 15.22 -1.01
N LEU B 395 -47.52 13.91 -1.07
CA LEU B 395 -46.46 12.94 -1.32
C LEU B 395 -45.86 13.15 -2.71
N ARG B 396 -46.69 13.43 -3.71
CA ARG B 396 -46.15 13.69 -5.04
C ARG B 396 -45.32 14.96 -5.05
N GLN B 397 -45.74 15.99 -4.30
CA GLN B 397 -44.95 17.23 -4.22
C GLN B 397 -43.59 16.96 -3.61
N VAL B 398 -43.55 16.28 -2.47
CA VAL B 398 -42.28 16.03 -1.79
C VAL B 398 -41.39 15.12 -2.63
N CYS B 399 -41.97 14.11 -3.28
CA CYS B 399 -41.17 13.22 -4.11
C CYS B 399 -40.60 13.96 -5.33
N GLN B 400 -41.39 14.85 -5.93
CA GLN B 400 -40.85 15.65 -7.03
C GLN B 400 -39.72 16.54 -6.57
N GLY B 401 -39.87 17.15 -5.39
CA GLY B 401 -38.78 17.96 -4.86
C GLY B 401 -37.51 17.16 -4.62
N LEU B 402 -37.65 16.00 -3.99
CA LEU B 402 -36.48 15.16 -3.71
C LEU B 402 -35.86 14.65 -5.00
N PHE B 403 -36.68 14.28 -5.98
CA PHE B 403 -36.18 13.80 -7.26
C PHE B 403 -35.38 14.88 -7.98
N ASN B 404 -35.93 16.11 -8.01
CA ASN B 404 -35.20 17.21 -8.62
C ASN B 404 -33.90 17.50 -7.88
N GLU B 405 -33.92 17.46 -6.54
CA GLU B 405 -32.70 17.69 -5.79
C GLU B 405 -31.65 16.64 -6.10
N LEU B 406 -32.04 15.37 -6.14
CA LEU B 406 -31.08 14.31 -6.40
C LEU B 406 -30.52 14.39 -7.81
N LEU B 407 -31.37 14.67 -8.80
CA LEU B 407 -30.88 14.82 -10.16
C LEU B 407 -29.95 16.02 -10.28
N GLU B 408 -30.27 17.11 -9.60
CA GLU B 408 -29.45 18.31 -9.66
C GLU B 408 -28.05 18.06 -9.14
N ASN B 409 -27.88 17.07 -8.27
CA ASN B 409 -26.57 16.65 -7.79
C ASN B 409 -26.00 15.48 -8.58
N GLY B 410 -26.60 15.13 -9.71
CA GLY B 410 -26.03 14.12 -10.59
C GLY B 410 -26.17 12.69 -10.11
N ILE B 411 -27.20 12.39 -9.35
CA ILE B 411 -27.47 11.03 -8.88
C ILE B 411 -28.66 10.49 -9.67
N SER B 412 -28.46 9.39 -10.38
CA SER B 412 -29.52 8.81 -11.18
C SER B 412 -30.59 8.21 -10.28
N VAL B 413 -31.85 8.52 -10.58
CA VAL B 413 -32.99 8.08 -9.77
C VAL B 413 -34.02 7.44 -10.69
N TRP B 414 -34.56 6.30 -10.28
CA TRP B 414 -35.65 5.65 -10.99
C TRP B 414 -36.98 6.12 -10.42
N PRO B 415 -37.81 6.82 -11.19
CA PRO B 415 -39.05 7.42 -10.65
C PRO B 415 -40.20 6.41 -10.56
N GLY B 416 -40.13 5.54 -9.54
CA GLY B 416 -41.18 4.57 -9.34
C GLY B 416 -42.47 5.15 -8.79
N TYR B 417 -42.41 6.33 -8.18
CA TYR B 417 -43.61 6.95 -7.62
C TYR B 417 -44.60 7.41 -8.68
N LEU B 418 -44.14 7.58 -9.93
CA LEU B 418 -45.05 7.97 -11.00
C LEU B 418 -45.98 6.85 -11.43
N GLU B 419 -45.59 5.59 -11.19
CA GLU B 419 -46.45 4.46 -11.49
C GLU B 419 -47.40 4.21 -10.33
N THR B 420 -48.62 3.78 -10.66
CA THR B 420 -49.62 3.51 -9.64
C THR B 420 -49.21 2.27 -8.82
N MET B 421 -50.02 1.94 -7.83
CA MET B 421 -49.72 0.82 -6.94
C MET B 421 -50.36 -0.43 -7.51
N GLN B 422 -49.54 -1.29 -8.12
CA GLN B 422 -49.97 -2.62 -8.54
C GLN B 422 -49.09 -3.74 -8.03
N SER B 423 -47.84 -3.48 -7.68
CA SER B 423 -46.96 -4.50 -7.14
C SER B 423 -46.71 -4.26 -5.66
N SER B 424 -46.36 -5.33 -4.95
CA SER B 424 -46.08 -5.29 -3.53
C SER B 424 -44.67 -4.77 -3.28
N LEU B 425 -44.36 -4.52 -2.01
CA LEU B 425 -43.02 -4.06 -1.65
C LEU B 425 -41.98 -5.12 -1.99
N GLU B 426 -42.31 -6.39 -1.79
CA GLU B 426 -41.39 -7.47 -2.15
C GLU B 426 -41.15 -7.50 -3.65
N GLN B 427 -42.21 -7.34 -4.45
CA GLN B 427 -42.05 -7.30 -5.90
C GLN B 427 -41.20 -6.12 -6.33
N LEU B 428 -41.41 -4.95 -5.72
CA LEU B 428 -40.60 -3.78 -6.03
C LEU B 428 -39.13 -4.02 -5.67
N TYR B 429 -38.89 -4.63 -4.51
CA TYR B 429 -37.52 -4.92 -4.09
C TYR B 429 -36.84 -5.88 -5.05
N SER B 430 -37.56 -6.91 -5.51
CA SER B 430 -36.97 -7.86 -6.44
C SER B 430 -36.71 -7.20 -7.79
N LYS B 431 -37.64 -6.36 -8.26
CA LYS B 431 -37.43 -5.65 -9.51
C LYS B 431 -36.21 -4.73 -9.44
N TYR B 432 -36.07 -4.00 -8.33
CA TYR B 432 -34.94 -3.09 -8.19
C TYR B 432 -33.63 -3.86 -8.03
N ASP B 433 -33.65 -4.99 -7.31
CA ASP B 433 -32.45 -5.80 -7.18
C ASP B 433 -32.00 -6.36 -8.52
N GLU B 434 -32.94 -6.80 -9.35
CA GLU B 434 -32.58 -7.24 -10.69
C GLU B 434 -32.03 -6.09 -11.55
N MET B 435 -32.39 -4.86 -11.23
CA MET B 435 -31.87 -3.68 -11.92
C MET B 435 -30.59 -3.15 -11.31
N SER B 436 -30.08 -3.80 -10.26
CA SER B 436 -28.83 -3.41 -9.59
C SER B 436 -28.89 -1.97 -9.09
N ILE B 437 -30.03 -1.60 -8.50
CA ILE B 437 -30.21 -0.28 -7.91
C ILE B 437 -29.71 -0.31 -6.47
N LEU B 438 -28.84 0.64 -6.12
CA LEU B 438 -28.17 0.61 -4.82
C LEU B 438 -29.15 0.79 -3.66
N PHE B 439 -30.08 1.72 -3.78
CA PHE B 439 -30.95 2.06 -2.67
C PHE B 439 -32.37 2.28 -3.13
N THR B 440 -33.32 1.96 -2.25
CA THR B 440 -34.74 2.19 -2.47
C THR B 440 -35.24 3.16 -1.40
N VAL B 441 -35.95 4.20 -1.83
CA VAL B 441 -36.43 5.25 -0.94
C VAL B 441 -37.95 5.23 -0.95
N LEU B 442 -38.55 5.15 0.24
CA LEU B 442 -39.99 5.11 0.44
C LEU B 442 -40.43 6.32 1.25
N VAL B 443 -41.41 7.05 0.71
CA VAL B 443 -42.01 8.21 1.36
C VAL B 443 -43.44 7.86 1.73
N THR B 444 -43.76 7.95 3.02
CA THR B 444 -45.07 7.57 3.55
C THR B 444 -45.73 8.79 4.19
N GLU B 445 -46.89 8.55 4.82
CA GLU B 445 -47.52 9.60 5.61
C GLU B 445 -46.65 10.03 6.79
N THR B 446 -45.76 9.15 7.24
CA THR B 446 -44.83 9.51 8.30
C THR B 446 -43.89 10.63 7.86
N THR B 447 -43.44 10.59 6.60
CA THR B 447 -42.54 11.62 6.10
C THR B 447 -43.18 13.00 6.15
N LEU B 448 -44.49 13.08 5.91
CA LEU B 448 -45.17 14.38 6.01
C LEU B 448 -45.15 14.92 7.43
N GLU B 449 -45.10 14.04 8.44
CA GLU B 449 -45.12 14.46 9.82
C GLU B 449 -43.72 14.78 10.35
N ASN B 450 -42.82 13.78 10.33
CA ASN B 450 -41.50 13.96 10.91
C ASN B 450 -40.38 14.01 9.87
N GLY B 451 -40.67 13.77 8.60
CA GLY B 451 -39.67 13.86 7.56
C GLY B 451 -38.77 12.67 7.38
N LEU B 452 -39.01 11.57 8.10
CA LEU B 452 -38.17 10.39 7.96
C LEU B 452 -38.65 9.54 6.79
N ILE B 453 -37.71 9.08 5.96
CA ILE B 453 -38.01 8.23 4.82
C ILE B 453 -37.32 6.89 5.04
N HIS B 454 -37.85 5.88 4.36
CA HIS B 454 -37.35 4.52 4.47
C HIS B 454 -36.31 4.26 3.39
N LEU B 455 -35.14 3.81 3.80
CA LEU B 455 -34.03 3.54 2.90
C LEU B 455 -33.67 2.06 2.99
N ARG B 456 -33.76 1.35 1.87
CA ARG B 456 -33.40 -0.06 1.82
C ARG B 456 -32.17 -0.22 0.94
N SER B 457 -31.14 -0.86 1.48
CA SER B 457 -29.91 -1.12 0.74
C SER B 457 -30.04 -2.39 -0.07
N ARG B 458 -29.43 -2.39 -1.25
CA ARG B 458 -29.43 -3.59 -2.09
C ARG B 458 -28.55 -4.68 -1.50
N ASP B 459 -27.43 -4.29 -0.89
CA ASP B 459 -26.45 -5.27 -0.44
C ASP B 459 -26.97 -6.07 0.74
N THR B 460 -27.56 -5.41 1.74
CA THR B 460 -27.98 -6.08 2.95
C THR B 460 -29.48 -6.32 3.04
N THR B 461 -30.28 -5.70 2.15
CA THR B 461 -31.74 -5.79 2.16
C THR B 461 -32.34 -5.29 3.47
N MET B 462 -31.58 -4.53 4.25
CA MET B 462 -32.03 -4.00 5.53
C MET B 462 -32.62 -2.61 5.36
N LYS B 463 -33.68 -2.33 6.11
CA LYS B 463 -34.35 -1.04 6.07
C LYS B 463 -33.86 -0.14 7.19
N GLU B 464 -33.77 1.15 6.88
CA GLU B 464 -33.27 2.15 7.81
C GLU B 464 -34.14 3.39 7.65
N MET B 465 -34.15 4.22 8.69
CA MET B 465 -34.80 5.52 8.63
C MET B 465 -33.75 6.60 8.42
N MET B 466 -34.01 7.51 7.49
CA MET B 466 -33.09 8.61 7.23
C MET B 466 -33.90 9.86 6.92
N HIS B 467 -33.45 11.01 7.41
CA HIS B 467 -34.17 12.23 7.10
C HIS B 467 -33.77 12.74 5.72
N ILE B 468 -34.71 13.42 5.05
CA ILE B 468 -34.51 13.82 3.66
C ILE B 468 -33.30 14.75 3.52
N SER B 469 -33.10 15.65 4.48
CA SER B 469 -32.00 16.61 4.37
C SER B 469 -30.65 15.91 4.26
N LYS B 470 -30.50 14.76 4.90
CA LYS B 470 -29.24 14.03 4.92
C LYS B 470 -29.08 13.09 3.73
N LEU B 471 -30.15 12.86 2.95
CA LEU B 471 -30.13 11.81 1.94
C LEU B 471 -29.16 12.11 0.81
N LYS B 472 -29.22 13.34 0.27
CA LYS B 472 -28.34 13.69 -0.86
C LYS B 472 -26.88 13.61 -0.45
N ASP B 473 -26.55 14.18 0.72
CA ASP B 473 -25.18 14.14 1.19
C ASP B 473 -24.71 12.71 1.42
N PHE B 474 -25.57 11.88 2.00
CA PHE B 474 -25.20 10.48 2.23
C PHE B 474 -24.96 9.75 0.91
N LEU B 475 -25.83 9.95 -0.08
CA LEU B 475 -25.66 9.27 -1.36
C LEU B 475 -24.37 9.70 -2.05
N ILE B 476 -24.09 11.01 -2.05
CA ILE B 476 -22.87 11.50 -2.67
C ILE B 476 -21.64 10.96 -1.96
N LYS B 477 -21.70 10.92 -0.62
CA LYS B 477 -20.58 10.38 0.16
C LYS B 477 -20.37 8.89 -0.13
N TYR B 478 -21.47 8.14 -0.25
CA TYR B 478 -21.39 6.72 -0.55
C TYR B 478 -20.74 6.49 -1.91
N ILE B 479 -21.19 7.22 -2.93
CA ILE B 479 -20.64 7.05 -4.27
C ILE B 479 -19.17 7.45 -4.31
N SER B 480 -18.82 8.57 -3.67
CA SER B 480 -17.43 9.01 -3.67
C SER B 480 -16.53 8.03 -2.93
N SER B 481 -16.98 7.53 -1.78
CA SER B 481 -16.18 6.63 -0.97
C SER B 481 -16.03 5.26 -1.61
N ALA B 482 -16.99 4.83 -2.45
CA ALA B 482 -16.89 3.53 -3.09
C ALA B 482 -15.61 3.37 -3.89
N LYS B 483 -15.09 4.45 -4.48
CA LYS B 483 -13.81 4.37 -5.17
C LYS B 483 -12.66 4.15 -4.20
N ASN B 484 -12.73 4.81 -3.04
CA ASN B 484 -11.65 4.82 -2.05
C ASN B 484 -11.59 3.57 -1.19
N VAL B 485 -12.57 2.68 -1.27
CA VAL B 485 -12.55 1.45 -0.48
C VAL B 485 -11.37 0.56 -0.87
N GLU C 67 -11.06 33.55 -41.18
CA GLU C 67 -10.82 34.61 -40.21
C GLU C 67 -9.63 34.24 -39.31
N ALA C 68 -9.18 35.21 -38.50
CA ALA C 68 -8.09 34.97 -37.57
C ALA C 68 -8.47 33.94 -36.52
N LEU C 69 -9.77 33.80 -36.24
CA LEU C 69 -10.24 32.80 -35.28
C LEU C 69 -9.86 31.39 -35.71
N LEU C 70 -9.97 31.09 -37.01
CA LEU C 70 -9.56 29.78 -37.49
C LEU C 70 -8.07 29.56 -37.29
N GLU C 71 -7.26 30.61 -37.51
CA GLU C 71 -5.82 30.51 -37.27
C GLU C 71 -5.52 30.25 -35.80
N ILE C 72 -6.25 30.93 -34.90
CA ILE C 72 -6.05 30.72 -33.48
C ILE C 72 -6.44 29.31 -33.08
N CYS C 73 -7.56 28.81 -33.59
CA CYS C 73 -7.98 27.44 -33.31
C CYS C 73 -6.92 26.45 -33.81
N GLN C 74 -6.33 26.73 -34.97
CA GLN C 74 -5.24 25.89 -35.47
C GLN C 74 -4.04 25.93 -34.53
N ARG C 75 -3.70 27.11 -34.04
CA ARG C 75 -2.50 27.24 -33.19
C ARG C 75 -2.73 26.68 -31.79
N ARG C 76 -3.92 26.90 -31.24
CA ARG C 76 -4.23 26.49 -29.86
C ARG C 76 -4.86 25.09 -29.78
N HIS C 77 -4.69 24.28 -30.83
CA HIS C 77 -5.12 22.88 -30.81
C HIS C 77 -6.62 22.73 -30.54
N PHE C 78 -7.41 23.66 -31.08
CA PHE C 78 -8.85 23.43 -31.15
C PHE C 78 -9.21 22.61 -32.38
N LEU C 79 -8.53 22.85 -33.50
CA LEU C 79 -8.77 22.14 -34.75
C LEU C 79 -7.46 21.54 -35.24
N SER C 80 -7.52 20.31 -35.73
CA SER C 80 -6.34 19.64 -36.23
C SER C 80 -6.21 19.81 -37.74
N GLY C 81 -5.03 19.50 -38.27
CA GLY C 81 -4.76 19.60 -39.69
C GLY C 81 -4.03 20.87 -40.05
N SER C 82 -3.73 20.97 -41.34
CA SER C 82 -2.99 22.10 -41.88
C SER C 82 -3.93 23.26 -42.20
N LYS C 83 -3.33 24.38 -42.64
CA LYS C 83 -4.11 25.56 -43.02
C LYS C 83 -5.04 25.28 -44.19
N GLN C 84 -4.56 24.56 -45.20
CA GLN C 84 -5.41 24.28 -46.35
C GLN C 84 -6.51 23.28 -46.02
N GLN C 85 -6.24 22.35 -45.11
CA GLN C 85 -7.26 21.37 -44.73
C GLN C 85 -8.40 21.99 -43.94
N LEU C 86 -8.20 23.14 -43.32
CA LEU C 86 -9.23 23.83 -42.55
C LEU C 86 -9.76 25.00 -43.35
N SER C 87 -11.01 24.90 -43.80
CA SER C 87 -11.67 25.95 -44.55
C SER C 87 -13.15 25.96 -44.17
N ARG C 88 -13.83 27.05 -44.51
CA ARG C 88 -15.26 27.15 -44.23
C ARG C 88 -16.01 25.98 -44.86
N ASP C 89 -15.74 25.72 -46.14
CA ASP C 89 -16.40 24.61 -46.82
C ASP C 89 -16.03 23.28 -46.20
N SER C 90 -14.75 23.08 -45.89
CA SER C 90 -14.32 21.82 -45.29
C SER C 90 -14.92 21.62 -43.90
N LEU C 91 -14.97 22.69 -43.10
CA LEU C 91 -15.53 22.58 -41.76
C LEU C 91 -17.02 22.30 -41.80
N LEU C 92 -17.76 23.00 -42.67
CA LEU C 92 -19.20 22.78 -42.74
C LEU C 92 -19.52 21.42 -43.35
N SER C 93 -18.71 20.95 -44.32
CA SER C 93 -18.99 19.67 -44.95
C SER C 93 -18.73 18.50 -44.01
N GLY C 94 -17.87 18.67 -43.02
CA GLY C 94 -17.53 17.60 -42.11
C GLY C 94 -16.36 16.73 -42.54
N CYS C 95 -15.63 17.12 -43.58
CA CYS C 95 -14.48 16.36 -44.07
C CYS C 95 -13.15 16.91 -43.57
N HIS C 96 -13.17 17.72 -42.50
CA HIS C 96 -11.95 18.23 -41.92
C HIS C 96 -11.18 17.10 -41.23
N PRO C 97 -9.86 17.27 -41.07
CA PRO C 97 -9.06 16.17 -40.49
C PRO C 97 -9.50 15.72 -39.11
N GLY C 98 -9.97 16.63 -38.28
CA GLY C 98 -10.36 16.27 -36.93
C GLY C 98 -10.12 17.44 -35.99
N PHE C 99 -10.52 17.23 -34.75
CA PHE C 99 -10.43 18.26 -33.72
C PHE C 99 -9.19 18.05 -32.86
N GLY C 100 -8.63 19.15 -32.37
CA GLY C 100 -7.56 19.08 -31.40
C GLY C 100 -8.12 18.68 -30.05
N PRO C 101 -7.24 18.38 -29.09
CA PRO C 101 -7.72 17.95 -27.76
C PRO C 101 -8.64 18.97 -27.11
N LEU C 102 -8.35 20.27 -27.26
CA LEU C 102 -9.22 21.28 -26.70
C LEU C 102 -10.60 21.26 -27.35
N GLY C 103 -10.64 21.07 -28.67
CA GLY C 103 -11.91 20.94 -29.36
C GLY C 103 -12.68 19.71 -28.92
N VAL C 104 -11.98 18.60 -28.70
CA VAL C 104 -12.63 17.39 -28.23
C VAL C 104 -13.22 17.61 -26.84
N GLU C 105 -12.49 18.28 -25.96
CA GLU C 105 -13.01 18.57 -24.63
C GLU C 105 -14.20 19.51 -24.68
N LEU C 106 -14.14 20.54 -25.54
CA LEU C 106 -15.27 21.45 -25.68
C LEU C 106 -16.50 20.72 -26.19
N ARG C 107 -16.33 19.84 -27.17
CA ARG C 107 -17.45 19.07 -27.68
C ARG C 107 -18.00 18.10 -26.62
N LYS C 108 -17.10 17.51 -25.82
CA LYS C 108 -17.53 16.64 -24.73
C LYS C 108 -18.36 17.41 -23.71
N ASN C 109 -17.91 18.61 -23.34
CA ASN C 109 -18.68 19.44 -22.42
C ASN C 109 -20.02 19.82 -23.00
N LEU C 110 -20.05 20.16 -24.30
CA LEU C 110 -21.31 20.51 -24.94
C LEU C 110 -22.27 19.32 -24.94
N ALA C 111 -21.76 18.12 -25.22
CA ALA C 111 -22.59 16.93 -25.20
C ALA C 111 -23.10 16.63 -23.80
N ALA C 112 -22.25 16.84 -22.78
CA ALA C 112 -22.70 16.66 -21.40
C ALA C 112 -23.82 17.63 -21.04
N GLU C 113 -23.68 18.89 -21.47
CA GLU C 113 -24.71 19.89 -21.21
C GLU C 113 -26.01 19.53 -21.94
N TRP C 114 -25.90 19.02 -23.16
CA TRP C 114 -27.08 18.55 -23.87
C TRP C 114 -27.75 17.40 -23.13
N TRP C 115 -26.95 16.44 -22.66
CA TRP C 115 -27.49 15.27 -21.98
C TRP C 115 -28.17 15.65 -20.67
N THR C 116 -27.59 16.59 -19.92
CA THR C 116 -28.19 16.98 -18.65
C THR C 116 -29.48 17.78 -18.84
N SER C 117 -29.64 18.44 -19.98
CA SER C 117 -30.81 19.27 -20.21
C SER C 117 -31.94 18.55 -20.95
N VAL C 118 -31.72 17.31 -21.39
CA VAL C 118 -32.71 16.54 -22.14
C VAL C 118 -33.05 15.22 -21.45
N VAL C 119 -32.04 14.48 -21.02
CA VAL C 119 -32.27 13.11 -20.56
C VAL C 119 -32.64 13.12 -19.09
N VAL C 120 -31.74 13.65 -18.25
CA VAL C 120 -32.04 13.68 -16.81
C VAL C 120 -33.12 14.70 -16.52
N PHE C 121 -33.36 15.64 -17.44
CA PHE C 121 -34.40 16.65 -17.25
C PHE C 121 -35.77 16.02 -17.18
N ARG C 122 -36.04 15.04 -18.04
CA ARG C 122 -37.35 14.42 -18.15
C ARG C 122 -37.30 12.98 -17.67
N GLU C 123 -38.32 12.59 -16.90
CA GLU C 123 -38.41 11.22 -16.40
C GLU C 123 -38.63 10.19 -17.49
N GLN C 124 -39.08 10.63 -18.66
CA GLN C 124 -39.50 9.73 -19.73
C GLN C 124 -38.46 9.54 -20.82
N VAL C 125 -37.27 10.12 -20.67
CA VAL C 125 -36.23 10.04 -21.68
C VAL C 125 -35.17 9.02 -21.24
N PHE C 126 -34.85 8.09 -22.14
CA PHE C 126 -33.92 7.00 -21.88
C PHE C 126 -32.77 7.01 -22.88
N PRO C 127 -31.58 6.59 -22.47
CA PRO C 127 -30.49 6.41 -23.44
C PRO C 127 -30.77 5.22 -24.34
N VAL C 128 -30.19 5.26 -25.54
CA VAL C 128 -30.35 4.18 -26.51
C VAL C 128 -29.06 4.05 -27.30
N ASP C 129 -28.74 2.82 -27.68
CA ASP C 129 -27.56 2.51 -28.48
C ASP C 129 -28.00 2.00 -29.84
N ALA C 130 -27.62 2.73 -30.89
CA ALA C 130 -27.90 2.33 -32.27
C ALA C 130 -26.61 1.99 -32.99
N LEU C 131 -26.65 0.96 -33.82
CA LEU C 131 -25.49 0.56 -34.58
C LEU C 131 -25.17 1.59 -35.67
N HIS C 132 -23.92 1.57 -36.13
CA HIS C 132 -23.44 2.52 -37.13
C HIS C 132 -23.61 2.05 -38.57
N HIS C 133 -23.65 0.74 -38.82
CA HIS C 133 -23.59 0.27 -40.21
C HIS C 133 -24.93 -0.19 -40.78
N LYS C 134 -25.94 -0.47 -39.93
CA LYS C 134 -27.25 -0.88 -40.43
C LYS C 134 -27.09 -2.13 -41.30
N PRO C 135 -26.86 -3.31 -40.69
CA PRO C 135 -26.37 -4.46 -41.46
C PRO C 135 -27.30 -4.85 -42.61
N GLY C 136 -26.68 -5.29 -43.71
CA GLY C 136 -27.39 -5.63 -44.91
C GLY C 136 -26.71 -5.07 -46.14
N PRO C 137 -26.40 -5.95 -47.10
CA PRO C 137 -25.71 -5.56 -48.34
C PRO C 137 -26.67 -5.25 -49.49
N LYS C 180 -24.64 -0.36 -46.24
CA LYS C 180 -24.71 1.10 -46.22
C LYS C 180 -24.17 1.64 -44.89
N LEU C 181 -24.20 2.95 -44.71
CA LEU C 181 -23.78 3.58 -43.47
C LEU C 181 -24.92 4.39 -42.88
N ARG C 182 -24.74 4.81 -41.63
CA ARG C 182 -25.79 5.50 -40.90
C ARG C 182 -25.86 6.96 -41.31
N GLU C 183 -27.08 7.46 -41.47
CA GLU C 183 -27.34 8.86 -41.78
C GLU C 183 -27.95 9.63 -40.63
N ASN C 184 -28.77 8.99 -39.80
CA ASN C 184 -29.40 9.64 -38.66
C ASN C 184 -29.66 8.61 -37.58
N LEU C 185 -29.85 9.09 -36.36
CA LEU C 185 -30.08 8.23 -35.21
C LEU C 185 -31.54 7.82 -35.06
N LEU C 186 -32.42 8.29 -35.94
CA LEU C 186 -33.85 8.01 -35.80
C LEU C 186 -34.14 6.51 -35.94
N HIS C 187 -33.46 5.84 -36.88
CA HIS C 187 -33.79 4.45 -37.17
C HIS C 187 -33.52 3.57 -35.95
N GLY C 188 -32.39 3.78 -35.28
CA GLY C 188 -32.07 2.98 -34.11
C GLY C 188 -33.07 3.18 -32.97
N ALA C 189 -33.47 4.43 -32.74
CA ALA C 189 -34.47 4.69 -31.72
C ALA C 189 -35.80 4.05 -32.06
N LEU C 190 -36.19 4.10 -33.34
CA LEU C 190 -37.43 3.45 -33.75
C LEU C 190 -37.34 1.93 -33.54
N GLU C 191 -36.17 1.36 -33.82
CA GLU C 191 -35.98 -0.08 -33.58
C GLU C 191 -36.10 -0.42 -32.10
N HIS C 192 -35.53 0.42 -31.24
CA HIS C 192 -35.59 0.16 -29.79
C HIS C 192 -36.91 0.60 -29.16
N TYR C 193 -37.79 1.25 -29.92
CA TYR C 193 -39.04 1.77 -29.36
C TYR C 193 -39.89 0.67 -28.73
N VAL C 194 -40.10 -0.43 -29.44
CA VAL C 194 -40.98 -1.48 -28.93
C VAL C 194 -40.40 -2.09 -27.66
N ASN C 195 -39.09 -2.35 -27.66
CA ASN C 195 -38.46 -2.93 -26.48
C ASN C 195 -38.54 -1.98 -25.28
N CYS C 196 -38.29 -0.69 -25.51
CA CYS C 196 -38.32 0.27 -24.41
C CYS C 196 -39.72 0.69 -24.01
N LEU C 197 -40.75 0.35 -24.80
CA LEU C 197 -42.12 0.62 -24.38
C LEU C 197 -42.46 -0.14 -23.11
N ASP C 198 -41.93 -1.35 -22.95
CA ASP C 198 -42.13 -2.12 -21.73
C ASP C 198 -41.49 -1.45 -20.53
N LEU C 199 -40.48 -0.60 -20.75
CA LEU C 199 -39.81 0.09 -19.65
C LEU C 199 -40.75 1.06 -18.95
N VAL C 200 -41.67 1.67 -19.69
CA VAL C 200 -42.60 2.65 -19.15
C VAL C 200 -43.99 2.09 -18.97
N ASN C 201 -44.15 0.76 -19.05
CA ASN C 201 -45.47 0.11 -19.00
C ASN C 201 -46.42 0.72 -20.01
N LYS C 202 -45.89 1.02 -21.20
CA LYS C 202 -46.65 1.55 -22.33
C LYS C 202 -47.25 2.94 -22.06
N ARG C 203 -46.73 3.65 -21.07
CA ARG C 203 -47.11 5.05 -20.86
C ARG C 203 -46.58 5.86 -22.05
N LEU C 204 -47.50 6.32 -22.90
CA LEU C 204 -47.12 6.69 -24.27
C LEU C 204 -46.10 7.81 -24.37
N PRO C 205 -46.27 8.97 -23.71
CA PRO C 205 -45.28 10.05 -23.91
C PRO C 205 -43.94 9.74 -23.27
N TYR C 206 -42.96 9.38 -24.10
CA TYR C 206 -41.62 9.06 -23.60
C TYR C 206 -40.62 9.19 -24.73
N GLY C 207 -39.35 9.36 -24.37
CA GLY C 207 -38.32 9.68 -25.33
C GLY C 207 -37.14 8.74 -25.25
N LEU C 208 -36.44 8.67 -26.38
CA LEU C 208 -35.15 7.98 -26.49
C LEU C 208 -34.12 8.97 -26.99
N ALA C 209 -33.02 9.12 -26.25
CA ALA C 209 -31.99 10.10 -26.57
C ALA C 209 -30.67 9.39 -26.85
N GLN C 210 -29.92 9.91 -27.82
CA GLN C 210 -28.67 9.28 -28.23
C GLN C 210 -27.76 10.33 -28.85
N ILE C 211 -26.46 10.21 -28.58
CA ILE C 211 -25.46 11.07 -29.20
C ILE C 211 -24.46 10.18 -29.94
N GLY C 212 -24.27 10.45 -31.22
CA GLY C 212 -23.38 9.60 -32.00
C GLY C 212 -23.04 10.24 -33.33
N VAL C 213 -22.04 9.64 -33.98
CA VAL C 213 -21.54 10.14 -35.26
C VAL C 213 -22.35 9.53 -36.39
N CYS C 214 -22.80 10.38 -37.31
CA CYS C 214 -23.48 9.96 -38.52
C CYS C 214 -22.70 10.43 -39.73
N PHE C 215 -22.84 9.70 -40.83
CA PHE C 215 -22.04 9.95 -42.03
C PHE C 215 -22.93 10.42 -43.16
N HIS C 216 -22.42 11.37 -43.94
CA HIS C 216 -23.13 11.89 -45.11
C HIS C 216 -22.16 12.03 -46.28
N PRO C 217 -22.64 11.84 -47.50
CA PRO C 217 -21.77 12.02 -48.67
C PRO C 217 -21.35 13.46 -48.83
N VAL C 218 -20.14 13.65 -49.34
CA VAL C 218 -19.60 14.98 -49.62
C VAL C 218 -18.62 14.85 -50.78
N PHE C 219 -18.68 15.80 -51.72
CA PHE C 219 -17.82 15.73 -52.89
C PHE C 219 -17.71 17.12 -53.50
N ASP C 220 -16.62 17.34 -54.24
CA ASP C 220 -16.37 18.58 -54.94
C ASP C 220 -15.87 18.28 -56.34
N THR C 221 -16.00 19.27 -57.22
CA THR C 221 -15.55 19.10 -58.61
C THR C 221 -14.04 18.89 -58.68
N LYS C 222 -13.29 19.64 -57.87
CA LYS C 222 -11.84 19.52 -57.86
C LYS C 222 -11.39 18.18 -57.29
N GLY C 227 -12.86 13.73 -59.74
CA GLY C 227 -13.67 14.21 -58.62
C GLY C 227 -13.96 13.14 -57.59
N VAL C 228 -14.61 12.08 -58.03
CA VAL C 228 -14.99 10.92 -57.18
C VAL C 228 -15.91 11.43 -56.06
N LYS C 229 -15.79 10.91 -54.85
CA LYS C 229 -16.70 11.26 -53.76
C LYS C 229 -16.06 10.90 -52.43
N SER C 230 -16.33 11.70 -51.42
CA SER C 230 -15.76 11.52 -50.09
C SER C 230 -16.91 11.36 -49.08
N ILE C 231 -16.54 11.12 -47.82
CA ILE C 231 -17.50 10.88 -46.74
C ILE C 231 -17.20 11.84 -45.59
N GLY C 232 -18.23 12.55 -45.13
CA GLY C 232 -18.11 13.46 -44.00
C GLY C 232 -18.83 12.91 -42.79
N GLU C 233 -18.34 13.29 -41.61
CA GLU C 233 -18.87 12.85 -40.33
C GLU C 233 -19.43 14.04 -39.56
N LYS C 234 -20.60 13.86 -38.95
CA LYS C 234 -21.23 14.85 -38.11
C LYS C 234 -21.69 14.18 -36.82
N THR C 235 -21.23 14.69 -35.68
CA THR C 235 -21.66 14.19 -34.38
C THR C 235 -22.99 14.85 -34.02
N GLU C 236 -24.07 14.07 -34.00
CA GLU C 236 -25.40 14.60 -33.76
C GLU C 236 -25.97 14.05 -32.46
N ALA C 237 -26.80 14.88 -31.83
CA ALA C 237 -27.56 14.52 -30.65
C ALA C 237 -29.02 14.44 -31.07
N SER C 238 -29.65 13.30 -30.85
CA SER C 238 -31.00 13.03 -31.29
C SER C 238 -31.89 12.70 -30.11
N LEU C 239 -33.10 13.25 -30.15
CA LEU C 239 -34.18 12.89 -29.24
C LEU C 239 -35.38 12.47 -30.07
N VAL C 240 -35.83 11.24 -29.88
CA VAL C 240 -37.02 10.72 -30.52
C VAL C 240 -38.10 10.63 -29.46
N TRP C 241 -39.15 11.43 -29.62
CA TRP C 241 -40.18 11.62 -28.60
C TRP C 241 -41.49 11.02 -29.12
N PHE C 242 -41.91 9.92 -28.51
CA PHE C 242 -43.18 9.29 -28.84
C PHE C 242 -44.26 9.90 -27.96
N THR C 243 -45.22 10.56 -28.60
CA THR C 243 -46.27 11.30 -27.90
C THR C 243 -47.60 10.98 -28.56
N PRO C 244 -48.70 11.01 -27.80
CA PRO C 244 -50.03 10.90 -28.41
C PRO C 244 -50.23 11.98 -29.44
N PRO C 245 -50.82 11.67 -30.59
CA PRO C 245 -50.97 12.68 -31.65
C PRO C 245 -51.77 13.89 -31.21
N ARG C 246 -52.75 13.71 -30.31
CA ARG C 246 -53.61 14.81 -29.89
C ARG C 246 -52.81 15.96 -29.30
N THR C 247 -51.69 15.67 -28.63
CA THR C 247 -50.83 16.70 -28.07
C THR C 247 -49.49 16.78 -28.79
N SER C 248 -49.32 16.04 -29.90
CA SER C 248 -48.00 15.92 -30.50
C SER C 248 -47.45 17.28 -30.89
N ASN C 249 -48.23 18.08 -31.63
CA ASN C 249 -47.76 19.38 -32.05
C ASN C 249 -47.41 20.24 -30.84
N GLN C 250 -48.23 20.16 -29.78
CA GLN C 250 -47.92 20.91 -28.57
C GLN C 250 -46.55 20.55 -28.05
N TRP C 251 -46.27 19.25 -27.95
CA TRP C 251 -44.96 18.81 -27.48
C TRP C 251 -43.86 19.34 -28.38
N LEU C 252 -44.10 19.38 -29.69
CA LEU C 252 -43.12 19.91 -30.61
C LEU C 252 -42.72 21.32 -30.19
N ASP C 253 -43.71 22.19 -29.97
CA ASP C 253 -43.41 23.55 -29.56
C ASP C 253 -42.60 23.53 -28.28
N PHE C 254 -43.00 22.69 -27.32
CA PHE C 254 -42.26 22.57 -26.08
C PHE C 254 -40.79 22.31 -26.36
N TRP C 255 -40.50 21.28 -27.14
CA TRP C 255 -39.10 20.94 -27.38
C TRP C 255 -38.41 22.09 -28.10
N LEU C 256 -39.09 22.71 -29.07
CA LEU C 256 -38.52 23.85 -29.75
C LEU C 256 -38.09 24.88 -28.72
N ARG C 257 -39.01 25.26 -27.85
CA ARG C 257 -38.70 26.26 -26.84
C ARG C 257 -37.46 25.82 -26.07
N HIS C 258 -37.48 24.59 -25.56
CA HIS C 258 -36.38 24.14 -24.72
C HIS C 258 -35.08 24.17 -25.50
N ARG C 259 -35.10 23.65 -26.72
CA ARG C 259 -33.86 23.60 -27.49
C ARG C 259 -33.33 24.99 -27.70
N LEU C 260 -34.21 25.93 -28.04
CA LEU C 260 -33.75 27.30 -28.27
C LEU C 260 -33.11 27.85 -27.02
N GLN C 261 -33.76 27.69 -25.87
CA GLN C 261 -33.19 28.20 -24.63
C GLN C 261 -31.83 27.58 -24.38
N TRP C 262 -31.71 26.28 -24.64
CA TRP C 262 -30.42 25.62 -24.40
C TRP C 262 -29.33 26.25 -25.25
N TRP C 263 -29.63 26.54 -26.51
CA TRP C 263 -28.63 27.18 -27.36
C TRP C 263 -28.32 28.58 -26.84
N ARG C 264 -29.32 29.28 -26.33
CA ARG C 264 -29.11 30.60 -25.76
C ARG C 264 -28.49 30.53 -24.37
N LYS C 265 -28.47 29.34 -23.75
CA LYS C 265 -28.02 29.24 -22.37
C LYS C 265 -26.56 29.63 -22.22
N PHE C 266 -25.72 29.19 -23.17
CA PHE C 266 -24.28 29.41 -23.09
C PHE C 266 -23.78 30.47 -24.07
N ALA C 267 -24.68 31.22 -24.70
CA ALA C 267 -24.31 32.10 -25.81
C ALA C 267 -24.10 33.52 -25.32
N MET C 268 -22.99 34.14 -25.76
CA MET C 268 -22.78 35.56 -25.49
C MET C 268 -23.73 36.43 -26.29
N SER C 269 -24.10 36.00 -27.50
CA SER C 269 -25.02 36.74 -28.36
C SER C 269 -26.16 35.79 -28.74
N PRO C 270 -27.12 35.60 -27.84
CA PRO C 270 -28.22 34.66 -28.13
C PRO C 270 -29.07 35.06 -29.33
N SER C 271 -29.05 36.33 -29.73
CA SER C 271 -29.81 36.76 -30.90
C SER C 271 -29.29 36.12 -32.18
N ASN C 272 -28.05 35.64 -32.19
CA ASN C 272 -27.55 34.93 -33.36
C ASN C 272 -28.20 33.57 -33.51
N PHE C 273 -28.66 32.98 -32.41
CA PHE C 273 -29.43 31.74 -32.47
C PHE C 273 -30.88 32.09 -32.72
N SER C 274 -31.42 31.65 -33.85
CA SER C 274 -32.77 31.99 -34.27
C SER C 274 -33.56 30.72 -34.56
N SER C 275 -34.88 30.85 -34.49
CA SER C 275 -35.79 29.75 -34.75
C SER C 275 -36.72 30.12 -35.89
N SER C 276 -36.98 29.15 -36.76
CA SER C 276 -37.86 29.32 -37.91
C SER C 276 -38.88 28.18 -37.94
N ASP C 277 -40.07 28.49 -38.47
CA ASP C 277 -41.14 27.51 -38.62
C ASP C 277 -41.20 27.04 -40.07
N CYS C 278 -41.46 25.75 -40.26
CA CYS C 278 -41.54 25.17 -41.59
C CYS C 278 -42.60 24.08 -41.60
N GLN C 279 -43.09 23.77 -42.80
CA GLN C 279 -44.17 22.82 -42.99
C GLN C 279 -43.78 21.77 -44.01
N ASP C 280 -44.22 20.53 -43.78
CA ASP C 280 -43.97 19.41 -44.67
C ASP C 280 -44.90 19.47 -45.87
N GLU C 281 -44.68 18.56 -46.83
CA GLU C 281 -45.53 18.47 -48.00
C GLU C 281 -46.96 18.13 -47.61
N GLU C 282 -47.13 17.21 -46.66
CA GLU C 282 -48.45 16.77 -46.21
C GLU C 282 -48.93 17.52 -44.98
N GLY C 283 -48.35 18.68 -44.69
CA GLY C 283 -48.88 19.54 -43.65
C GLY C 283 -48.38 19.29 -42.26
N ARG C 284 -47.23 18.64 -42.09
CA ARG C 284 -46.68 18.35 -40.78
C ARG C 284 -45.79 19.50 -40.33
N LYS C 285 -46.02 19.99 -39.12
CA LYS C 285 -45.27 21.13 -38.62
C LYS C 285 -43.85 20.74 -38.26
N GLY C 286 -42.96 21.73 -38.28
CA GLY C 286 -41.59 21.51 -37.84
C GLY C 286 -40.90 22.84 -37.60
N ASN C 287 -39.76 22.76 -36.92
CA ASN C 287 -38.97 23.95 -36.60
C ASN C 287 -37.51 23.70 -36.92
N LYS C 288 -36.83 24.77 -37.34
CA LYS C 288 -35.40 24.75 -37.61
C LYS C 288 -34.70 25.80 -36.76
N LEU C 289 -33.46 25.52 -36.38
CA LEU C 289 -32.66 26.41 -35.57
C LEU C 289 -31.40 26.80 -36.33
N TYR C 290 -31.03 28.07 -36.27
CA TYR C 290 -29.91 28.60 -37.02
C TYR C 290 -28.98 29.39 -36.11
N TYR C 291 -27.70 29.39 -36.46
CA TYR C 291 -26.72 30.29 -35.87
C TYR C 291 -26.21 31.25 -36.93
N ASN C 292 -26.05 32.51 -36.56
CA ASN C 292 -25.64 33.56 -37.50
C ASN C 292 -24.11 33.66 -37.48
N PHE C 293 -23.46 32.86 -38.32
CA PHE C 293 -22.05 33.01 -38.57
C PHE C 293 -21.81 34.32 -39.34
N PRO C 294 -20.57 34.83 -39.33
CA PRO C 294 -20.32 36.11 -40.03
C PRO C 294 -20.73 36.10 -41.50
N TRP C 295 -20.70 34.96 -42.17
CA TRP C 295 -21.09 34.89 -43.57
C TRP C 295 -22.59 34.65 -43.76
N GLY C 296 -23.33 34.34 -42.71
CA GLY C 296 -24.76 34.13 -42.84
C GLY C 296 -25.23 33.11 -41.82
N LYS C 297 -26.52 32.77 -41.92
CA LYS C 297 -27.12 31.81 -41.02
C LYS C 297 -26.86 30.38 -41.50
N GLU C 298 -26.61 29.49 -40.54
CA GLU C 298 -26.40 28.08 -40.83
C GLU C 298 -27.26 27.23 -39.89
N LEU C 299 -27.80 26.14 -40.44
CA LEU C 299 -28.70 25.28 -39.68
C LEU C 299 -27.92 24.43 -38.70
N ILE C 300 -28.37 24.40 -37.44
CA ILE C 300 -27.70 23.63 -36.40
C ILE C 300 -28.61 22.62 -35.71
N GLU C 301 -29.93 22.73 -35.83
CA GLU C 301 -30.83 21.78 -35.20
C GLU C 301 -32.15 21.74 -35.97
N THR C 302 -32.75 20.55 -36.02
CA THR C 302 -33.98 20.32 -36.77
C THR C 302 -34.99 19.57 -35.91
N LEU C 303 -36.22 20.08 -35.86
CA LEU C 303 -37.33 19.43 -35.18
C LEU C 303 -38.46 19.19 -36.16
N TRP C 304 -38.92 17.94 -36.27
CA TRP C 304 -39.97 17.56 -37.21
C TRP C 304 -41.02 16.71 -36.52
N ASN C 305 -42.28 16.91 -36.91
CA ASN C 305 -43.40 16.09 -36.48
C ASN C 305 -43.64 15.05 -37.56
N LEU C 306 -43.11 13.84 -37.35
CA LEU C 306 -43.04 12.81 -38.38
C LEU C 306 -44.27 11.92 -38.46
N GLY C 307 -45.29 12.15 -37.63
CA GLY C 307 -46.45 11.26 -37.66
C GLY C 307 -46.07 9.87 -37.21
N ASP C 308 -46.68 8.86 -37.84
CA ASP C 308 -46.41 7.47 -37.49
C ASP C 308 -46.13 6.60 -38.71
N HIS C 309 -45.76 7.21 -39.84
CA HIS C 309 -45.58 6.43 -41.06
C HIS C 309 -44.32 5.58 -41.02
N GLU C 310 -43.21 6.15 -40.53
CA GLU C 310 -41.98 5.36 -40.42
C GLU C 310 -42.16 4.21 -39.44
N LEU C 311 -42.82 4.48 -38.31
CA LEU C 311 -43.02 3.45 -37.30
C LEU C 311 -43.91 2.32 -37.82
N LEU C 312 -45.01 2.67 -38.50
CA LEU C 312 -45.88 1.64 -39.07
C LEU C 312 -45.17 0.86 -40.17
N HIS C 313 -44.42 1.56 -41.02
CA HIS C 313 -43.68 0.88 -42.08
C HIS C 313 -42.61 -0.04 -41.49
N MET C 314 -42.12 0.26 -40.30
CA MET C 314 -41.12 -0.59 -39.67
C MET C 314 -41.72 -1.91 -39.20
N TYR C 315 -43.01 -1.93 -38.89
CA TYR C 315 -43.70 -3.12 -38.40
C TYR C 315 -44.94 -3.37 -39.25
N PRO C 316 -44.78 -3.90 -40.46
CA PRO C 316 -45.96 -4.25 -41.27
C PRO C 316 -46.65 -5.44 -40.63
N GLY C 317 -47.89 -5.23 -40.21
CA GLY C 317 -48.59 -6.21 -39.41
C GLY C 317 -48.25 -6.01 -37.94
N ASN C 318 -49.03 -6.68 -37.09
CA ASN C 318 -48.80 -6.63 -35.64
C ASN C 318 -48.75 -5.18 -35.14
N VAL C 319 -49.66 -4.36 -35.65
CA VAL C 319 -49.73 -2.97 -35.20
C VAL C 319 -50.15 -2.89 -33.74
N SER C 320 -50.77 -3.94 -33.21
CA SER C 320 -51.15 -3.96 -31.81
C SER C 320 -49.93 -3.90 -30.88
N LYS C 321 -48.75 -4.26 -31.37
CA LYS C 321 -47.54 -4.15 -30.57
C LYS C 321 -47.13 -2.71 -30.32
N LEU C 322 -47.54 -1.78 -31.20
CA LEU C 322 -47.11 -0.39 -31.13
C LEU C 322 -48.04 0.48 -30.31
N HIS C 323 -49.14 -0.08 -29.81
CA HIS C 323 -50.11 0.72 -29.07
C HIS C 323 -49.50 1.23 -27.77
N GLY C 324 -49.81 2.48 -27.45
CA GLY C 324 -49.38 3.06 -26.19
C GLY C 324 -50.57 3.63 -25.43
N ARG C 325 -50.48 3.55 -24.11
CA ARG C 325 -51.58 3.96 -23.25
C ARG C 325 -51.64 5.47 -23.13
N ASP C 326 -52.85 6.01 -23.30
CA ASP C 326 -53.08 7.45 -23.16
C ASP C 326 -54.52 7.63 -22.65
N GLY C 327 -54.66 7.72 -21.33
CA GLY C 327 -55.97 7.87 -20.74
C GLY C 327 -56.88 6.68 -20.97
N ARG C 328 -56.35 5.49 -20.74
CA ARG C 328 -57.07 4.21 -20.81
C ARG C 328 -57.44 3.81 -22.23
N LYS C 329 -56.90 4.48 -23.24
CA LYS C 329 -57.16 4.13 -24.64
C LYS C 329 -55.84 3.90 -25.35
N ASN C 330 -55.86 3.08 -26.39
CA ASN C 330 -54.66 2.67 -27.11
C ASN C 330 -54.59 3.38 -28.45
N VAL C 331 -53.44 4.02 -28.72
CA VAL C 331 -53.22 4.76 -29.96
C VAL C 331 -51.77 4.56 -30.39
N VAL C 332 -51.57 4.52 -31.71
CA VAL C 332 -50.23 4.43 -32.28
C VAL C 332 -49.51 5.77 -32.10
N PRO C 333 -48.30 5.80 -31.52
CA PRO C 333 -47.69 7.07 -31.17
C PRO C 333 -47.27 7.91 -32.37
N CYS C 334 -47.29 9.22 -32.17
CA CYS C 334 -46.67 10.16 -33.09
C CYS C 334 -45.22 10.38 -32.69
N VAL C 335 -44.34 10.43 -33.69
CA VAL C 335 -42.90 10.50 -33.48
C VAL C 335 -42.42 11.92 -33.76
N LEU C 336 -41.75 12.51 -32.78
CA LEU C 336 -41.08 13.81 -32.93
C LEU C 336 -39.59 13.57 -32.97
N SER C 337 -38.93 14.08 -33.99
CA SER C 337 -37.49 13.88 -34.19
C SER C 337 -36.78 15.20 -34.00
N VAL C 338 -35.93 15.29 -32.97
CA VAL C 338 -35.09 16.45 -32.72
C VAL C 338 -33.65 16.04 -32.97
N ASN C 339 -33.00 16.73 -33.91
CA ASN C 339 -31.65 16.38 -34.33
C ASN C 339 -30.79 17.63 -34.32
N GLY C 340 -29.76 17.65 -33.49
CA GLY C 340 -28.86 18.79 -33.37
C GLY C 340 -27.43 18.40 -33.72
N ASP C 341 -26.74 19.29 -34.41
CA ASP C 341 -25.35 19.07 -34.80
C ASP C 341 -24.43 19.66 -33.74
N LEU C 342 -23.80 18.79 -32.95
CA LEU C 342 -22.90 19.28 -31.91
C LEU C 342 -21.59 19.78 -32.49
N ASP C 343 -21.15 19.24 -33.64
CA ASP C 343 -19.97 19.78 -34.29
C ASP C 343 -20.18 21.22 -34.73
N ARG C 344 -21.28 21.47 -35.46
CA ARG C 344 -21.59 22.82 -35.90
C ARG C 344 -21.94 23.71 -34.71
N GLY C 345 -22.54 23.15 -33.66
CA GLY C 345 -22.79 23.93 -32.47
C GLY C 345 -21.52 24.38 -31.77
N MET C 346 -20.53 23.49 -31.69
CA MET C 346 -19.23 23.86 -31.13
C MET C 346 -18.56 24.92 -31.99
N LEU C 347 -18.66 24.79 -33.32
CA LEU C 347 -18.12 25.81 -34.21
C LEU C 347 -18.82 27.16 -33.98
N ALA C 348 -20.14 27.12 -33.82
CA ALA C 348 -20.91 28.34 -33.57
C ALA C 348 -20.51 28.98 -32.24
N TYR C 349 -20.30 28.18 -31.20
CA TYR C 349 -19.89 28.74 -29.92
C TYR C 349 -18.48 29.31 -29.99
N LEU C 350 -17.60 28.67 -30.76
CA LEU C 350 -16.26 29.23 -30.96
C LEU C 350 -16.34 30.58 -31.66
N TYR C 351 -17.17 30.68 -32.71
CA TYR C 351 -17.33 31.97 -33.37
C TYR C 351 -17.99 33.00 -32.45
N ASP C 352 -18.87 32.55 -31.55
CA ASP C 352 -19.55 33.46 -30.65
C ASP C 352 -18.62 33.97 -29.56
N SER C 353 -17.63 33.15 -29.19
CA SER C 353 -16.64 33.55 -28.18
C SER C 353 -15.64 34.56 -28.72
N PHE C 354 -15.51 34.67 -30.04
CA PHE C 354 -14.54 35.58 -30.65
C PHE C 354 -15.21 36.93 -30.97
N GLN C 355 -15.62 37.61 -29.90
CA GLN C 355 -16.36 38.87 -30.01
C GLN C 355 -15.37 40.02 -30.25
N LEU C 356 -14.86 40.07 -31.48
CA LEU C 356 -13.98 41.15 -31.95
C LEU C 356 -12.73 41.18 -31.07
N THR C 357 -12.33 42.34 -30.56
CA THR C 357 -11.04 42.49 -29.88
C THR C 357 -11.09 41.90 -28.48
N GLU C 358 -10.02 42.09 -27.72
CA GLU C 358 -9.88 41.55 -26.37
C GLU C 358 -10.53 42.49 -25.37
N ASN C 359 -10.33 42.22 -24.08
CA ASN C 359 -10.84 43.08 -23.02
C ASN C 359 -9.79 44.15 -22.68
N SER C 360 -10.07 44.95 -21.65
CA SER C 360 -9.16 45.99 -21.18
C SER C 360 -8.83 46.99 -22.28
N PHE C 361 -7.71 47.69 -22.14
CA PHE C 361 -7.29 48.70 -23.11
C PHE C 361 -5.77 48.76 -23.24
N LEU C 367 -0.64 46.40 -29.32
CA LEU C 367 -0.96 45.09 -29.85
C LEU C 367 -2.43 44.76 -29.64
N HIS C 368 -3.11 44.38 -30.73
CA HIS C 368 -4.52 44.04 -30.67
C HIS C 368 -4.68 42.52 -30.54
N ARG C 369 -4.38 42.03 -29.35
CA ARG C 369 -4.50 40.60 -29.08
C ARG C 369 -5.97 40.22 -28.90
N LYS C 370 -6.23 38.92 -28.85
CA LYS C 370 -7.57 38.38 -29.00
C LYS C 370 -7.83 37.28 -27.98
N VAL C 371 -9.05 37.24 -27.46
CA VAL C 371 -9.45 36.30 -26.41
C VAL C 371 -10.73 35.59 -26.84
N LEU C 372 -10.84 34.32 -26.48
CA LEU C 372 -12.06 33.53 -26.69
C LEU C 372 -12.80 33.45 -25.36
N LYS C 373 -13.87 34.24 -25.23
CA LYS C 373 -14.67 34.26 -24.00
C LYS C 373 -15.72 33.15 -24.04
N LEU C 374 -15.21 31.91 -24.03
CA LEU C 374 -16.07 30.74 -23.99
C LEU C 374 -16.77 30.64 -22.64
N HIS C 375 -17.97 30.08 -22.65
CA HIS C 375 -18.74 29.99 -21.43
C HIS C 375 -18.03 29.13 -20.39
N PRO C 376 -18.10 29.48 -19.11
CA PRO C 376 -17.39 28.69 -18.08
C PRO C 376 -17.77 27.23 -18.06
N CYS C 377 -19.04 26.90 -18.28
CA CYS C 377 -19.46 25.51 -18.32
C CYS C 377 -18.90 24.78 -19.53
N LEU C 378 -18.70 25.48 -20.64
CA LEU C 378 -18.23 24.86 -21.88
C LEU C 378 -16.73 24.97 -22.09
N ALA C 379 -16.06 25.90 -21.42
CA ALA C 379 -14.63 26.08 -21.63
C ALA C 379 -13.88 24.80 -21.31
N PRO C 380 -13.06 24.28 -22.22
CA PRO C 380 -12.39 22.99 -21.96
C PRO C 380 -11.46 23.02 -20.76
N ILE C 381 -10.78 24.14 -20.52
CA ILE C 381 -9.86 24.28 -19.41
C ILE C 381 -10.33 25.44 -18.55
N LYS C 382 -10.50 25.18 -17.25
CA LYS C 382 -11.00 26.21 -16.35
C LYS C 382 -9.88 27.09 -15.80
N VAL C 383 -8.83 26.47 -15.26
CA VAL C 383 -7.75 27.19 -14.61
C VAL C 383 -6.42 26.72 -15.16
N ALA C 384 -5.44 27.63 -15.19
CA ALA C 384 -4.08 27.34 -15.63
C ALA C 384 -3.14 27.64 -14.48
N LEU C 385 -2.20 26.72 -14.23
CA LEU C 385 -1.30 26.79 -13.10
C LEU C 385 0.14 26.91 -13.59
N ASP C 386 0.88 27.86 -13.02
CA ASP C 386 2.24 28.14 -13.46
C ASP C 386 3.06 28.64 -12.27
N VAL C 387 4.38 28.53 -12.40
CA VAL C 387 5.30 28.94 -11.35
C VAL C 387 5.98 30.24 -11.77
N GLY C 388 6.48 30.95 -10.77
CA GLY C 388 7.29 32.14 -10.94
C GLY C 388 8.77 31.84 -10.79
N ARG C 389 9.52 32.83 -10.35
CA ARG C 389 10.95 32.68 -10.12
C ARG C 389 11.20 32.28 -8.67
N GLY C 390 12.09 31.31 -8.48
CA GLY C 390 12.41 30.85 -7.15
C GLY C 390 12.90 29.41 -7.13
N PRO C 391 12.80 28.76 -5.98
CA PRO C 391 13.19 27.35 -5.88
C PRO C 391 12.28 26.44 -6.70
N THR C 392 12.82 25.83 -7.75
CA THR C 392 11.99 25.07 -8.67
C THR C 392 11.31 23.89 -7.99
N LEU C 393 12.04 23.19 -7.12
CA LEU C 393 11.48 22.02 -6.46
C LEU C 393 10.31 22.41 -5.55
N GLU C 394 10.48 23.45 -4.74
CA GLU C 394 9.44 23.86 -3.82
C GLU C 394 8.18 24.30 -4.57
N LEU C 395 8.38 25.13 -5.59
CA LEU C 395 7.24 25.63 -6.36
C LEU C 395 6.54 24.51 -7.11
N ARG C 396 7.31 23.58 -7.69
CA ARG C 396 6.70 22.45 -8.39
C ARG C 396 5.94 21.55 -7.42
N GLN C 397 6.47 21.36 -6.21
CA GLN C 397 5.75 20.56 -5.22
C GLN C 397 4.42 21.20 -4.85
N VAL C 398 4.45 22.52 -4.59
CA VAL C 398 3.21 23.21 -4.22
C VAL C 398 2.22 23.18 -5.37
N CYS C 399 2.71 23.38 -6.60
CA CYS C 399 1.83 23.34 -7.76
C CYS C 399 1.27 21.95 -8.00
N GLN C 400 2.06 20.91 -7.79
CA GLN C 400 1.56 19.55 -7.91
C GLN C 400 0.46 19.28 -6.89
N GLY C 401 0.66 19.76 -5.66
CA GLY C 401 -0.39 19.62 -4.65
C GLY C 401 -1.68 20.31 -5.05
N LEU C 402 -1.57 21.56 -5.52
CA LEU C 402 -2.76 22.30 -5.93
C LEU C 402 -3.41 21.66 -7.14
N PHE C 403 -2.61 21.15 -8.07
CA PHE C 403 -3.11 20.46 -9.25
C PHE C 403 -3.90 19.22 -8.86
N ASN C 404 -3.36 18.42 -7.94
CA ASN C 404 -4.06 17.24 -7.46
C ASN C 404 -5.35 17.62 -6.75
N GLU C 405 -5.31 18.69 -5.94
CA GLU C 405 -6.51 19.14 -5.24
C GLU C 405 -7.61 19.53 -6.23
N LEU C 406 -7.24 20.31 -7.24
CA LEU C 406 -8.23 20.79 -8.21
C LEU C 406 -8.79 19.63 -9.04
N LEU C 407 -7.93 18.69 -9.45
CA LEU C 407 -8.43 17.53 -10.19
C LEU C 407 -9.35 16.68 -9.33
N GLU C 408 -8.99 16.48 -8.06
CA GLU C 408 -9.84 15.71 -7.15
C GLU C 408 -11.17 16.42 -6.91
N ASN C 409 -11.20 17.74 -7.06
CA ASN C 409 -12.43 18.51 -6.97
C ASN C 409 -13.08 18.76 -8.32
N GLY C 410 -12.61 18.10 -9.38
CA GLY C 410 -13.25 18.17 -10.67
C GLY C 410 -13.05 19.45 -11.44
N ILE C 411 -11.92 20.13 -11.23
CA ILE C 411 -11.58 21.35 -11.94
C ILE C 411 -10.46 21.03 -12.92
N SER C 412 -10.71 21.26 -14.21
CA SER C 412 -9.69 20.99 -15.22
C SER C 412 -8.56 22.02 -15.09
N VAL C 413 -7.32 21.54 -15.10
CA VAL C 413 -6.15 22.39 -14.88
C VAL C 413 -5.15 22.15 -16.00
N TRP C 414 -4.57 23.23 -16.52
CA TRP C 414 -3.49 23.14 -17.48
C TRP C 414 -2.16 23.17 -16.72
N PRO C 415 -1.38 22.09 -16.75
CA PRO C 415 -0.15 22.03 -15.93
C PRO C 415 1.04 22.74 -16.57
N GLY C 416 1.02 24.07 -16.51
CA GLY C 416 2.11 24.86 -17.06
C GLY C 416 3.36 24.82 -16.21
N TYR C 417 3.23 24.47 -14.92
CA TYR C 417 4.38 24.42 -14.03
C TYR C 417 5.37 23.34 -14.44
N LEU C 418 4.94 22.39 -15.28
CA LEU C 418 5.86 21.37 -15.78
C LEU C 418 6.85 21.96 -16.78
N GLU C 419 6.59 23.15 -17.30
CA GLU C 419 7.52 23.84 -18.19
C GLU C 419 8.19 25.03 -17.51
N THR C 420 7.99 25.20 -16.20
CA THR C 420 8.43 26.37 -15.43
C THR C 420 7.82 27.60 -16.11
N MET C 421 8.59 28.66 -16.37
CA MET C 421 8.06 29.88 -16.96
C MET C 421 9.01 30.40 -18.04
N GLN C 422 9.39 29.52 -18.98
CA GLN C 422 10.35 29.90 -20.02
C GLN C 422 9.85 31.05 -20.87
N SER C 423 8.55 31.31 -20.90
CA SER C 423 7.95 32.38 -21.68
C SER C 423 7.56 33.54 -20.78
N SER C 424 7.32 34.70 -21.40
CA SER C 424 6.99 35.89 -20.65
C SER C 424 5.55 35.85 -20.15
N LEU C 425 5.23 36.77 -19.23
CA LEU C 425 3.90 36.81 -18.64
C LEU C 425 2.83 37.22 -19.65
N GLU C 426 3.14 38.18 -20.53
CA GLU C 426 2.15 38.61 -21.50
C GLU C 426 1.82 37.51 -22.50
N GLN C 427 2.84 36.81 -23.01
CA GLN C 427 2.59 35.69 -23.91
C GLN C 427 1.84 34.58 -23.19
N LEU C 428 2.18 34.34 -21.92
CA LEU C 428 1.48 33.33 -21.13
C LEU C 428 0.00 33.67 -20.99
N TYR C 429 -0.31 34.93 -20.73
CA TYR C 429 -1.72 35.33 -20.66
C TYR C 429 -2.40 35.19 -22.02
N SER C 430 -1.72 35.60 -23.09
CA SER C 430 -2.28 35.43 -24.44
C SER C 430 -2.25 33.97 -24.88
N TYR C 432 -3.22 31.57 -23.08
CA TYR C 432 -4.32 31.04 -22.27
C TYR C 432 -5.65 31.71 -22.63
N ASP C 433 -5.60 33.01 -22.93
CA ASP C 433 -6.80 33.71 -23.37
C ASP C 433 -7.29 33.14 -24.71
N GLU C 434 -6.35 32.86 -25.62
CA GLU C 434 -6.71 32.19 -26.87
C GLU C 434 -7.20 30.77 -26.64
N MET C 435 -6.83 30.16 -25.51
CA MET C 435 -7.32 28.84 -25.14
C MET C 435 -8.61 28.89 -24.33
N SER C 436 -9.16 30.09 -24.11
CA SER C 436 -10.42 30.26 -23.38
C SER C 436 -10.35 29.69 -21.96
N ILE C 437 -9.24 29.96 -21.27
CA ILE C 437 -9.06 29.53 -19.89
C ILE C 437 -9.63 30.60 -18.97
N LEU C 438 -10.49 30.18 -18.04
CA LEU C 438 -11.24 31.13 -17.21
C LEU C 438 -10.30 31.92 -16.29
N PHE C 439 -9.36 31.26 -15.65
CA PHE C 439 -8.49 31.91 -14.68
C PHE C 439 -7.06 31.41 -14.84
N THR C 440 -6.10 32.29 -14.56
CA THR C 440 -4.69 31.96 -14.55
C THR C 440 -4.15 32.12 -13.14
N VAL C 441 -3.44 31.11 -12.66
CA VAL C 441 -2.90 31.09 -11.31
C VAL C 441 -1.38 31.02 -11.40
N LEU C 442 -0.71 31.94 -10.71
CA LEU C 442 0.74 32.00 -10.67
C LEU C 442 1.18 31.81 -9.23
N VAL C 443 2.08 30.85 -9.01
CA VAL C 443 2.61 30.51 -7.70
C VAL C 443 4.09 30.91 -7.69
N THR C 444 4.46 31.78 -6.77
CA THR C 444 5.81 32.31 -6.69
C THR C 444 6.45 31.90 -5.36
N GLU C 445 7.69 32.35 -5.14
CA GLU C 445 8.33 32.16 -3.84
C GLU C 445 7.60 32.90 -2.73
N THR C 446 6.83 33.94 -3.07
CA THR C 446 5.99 34.59 -2.07
C THR C 446 4.94 33.63 -1.54
N THR C 447 4.39 32.78 -2.41
CA THR C 447 3.40 31.80 -1.98
C THR C 447 3.97 30.84 -0.94
N LEU C 448 5.27 30.53 -1.04
CA LEU C 448 5.88 29.66 -0.03
C LEU C 448 5.86 30.31 1.34
N GLU C 449 5.84 31.64 1.41
CA GLU C 449 5.84 32.35 2.68
C GLU C 449 4.42 32.54 3.23
N ASN C 450 3.56 33.21 2.46
CA ASN C 450 2.23 33.57 2.94
C ASN C 450 1.10 32.79 2.27
N GLY C 451 1.40 31.96 1.26
CA GLY C 451 0.37 31.19 0.62
C GLY C 451 -0.44 31.93 -0.42
N LEU C 452 -0.08 33.18 -0.71
CA LEU C 452 -0.82 33.99 -1.68
C LEU C 452 -0.30 33.74 -3.09
N ILE C 453 -1.23 33.56 -4.01
CA ILE C 453 -0.96 33.34 -5.43
C ILE C 453 -1.61 34.47 -6.22
N HIS C 454 -1.11 34.68 -7.43
CA HIS C 454 -1.64 35.70 -8.32
C HIS C 454 -2.71 35.08 -9.21
N LEU C 455 -3.89 35.68 -9.23
CA LEU C 455 -5.04 35.17 -9.98
C LEU C 455 -5.46 36.22 -11.00
N ARG C 456 -5.46 35.84 -12.27
CA ARG C 456 -5.90 36.71 -13.35
C ARG C 456 -7.17 36.14 -13.97
N SER C 457 -8.22 36.97 -14.04
CA SER C 457 -9.46 36.57 -14.67
C SER C 457 -9.39 36.78 -16.17
N ARG C 458 -10.00 35.87 -16.93
CA ARG C 458 -10.04 36.02 -18.38
C ARG C 458 -11.03 37.11 -18.80
N ASP C 459 -12.19 37.16 -18.14
CA ASP C 459 -13.25 38.06 -18.58
C ASP C 459 -12.92 39.51 -18.28
N THR C 460 -12.41 39.78 -17.09
CA THR C 460 -12.16 41.15 -16.65
C THR C 460 -10.70 41.57 -16.73
N THR C 461 -9.79 40.63 -16.97
CA THR C 461 -8.35 40.88 -17.02
C THR C 461 -7.81 41.48 -15.73
N MET C 462 -8.51 41.28 -14.61
CA MET C 462 -8.09 41.83 -13.34
C MET C 462 -7.17 40.86 -12.61
N LYS C 463 -6.12 41.40 -12.02
CA LYS C 463 -5.17 40.62 -11.25
C LYS C 463 -5.47 40.78 -9.77
N GLU C 464 -5.35 39.69 -9.02
CA GLU C 464 -5.72 39.67 -7.61
C GLU C 464 -4.74 38.78 -6.86
N MET C 465 -4.65 39.01 -5.55
CA MET C 465 -3.94 38.12 -4.65
C MET C 465 -4.98 37.24 -3.96
N MET C 466 -4.72 35.94 -3.92
CA MET C 466 -5.67 35.02 -3.27
C MET C 466 -4.92 33.91 -2.56
N HIS C 467 -5.41 33.49 -1.40
CA HIS C 467 -4.80 32.36 -0.72
C HIS C 467 -5.20 31.05 -1.40
N ILE C 468 -4.27 30.09 -1.37
CA ILE C 468 -4.50 28.82 -2.06
C ILE C 468 -5.70 28.11 -1.45
N SER C 469 -5.85 28.21 -0.13
CA SER C 469 -6.95 27.51 0.55
C SER C 469 -8.30 27.91 -0.01
N LYS C 470 -8.45 29.17 -0.43
CA LYS C 470 -9.71 29.66 -0.95
C LYS C 470 -9.87 29.46 -2.45
N LEU C 471 -8.82 29.04 -3.16
CA LEU C 471 -8.86 29.01 -4.62
C LEU C 471 -9.84 27.98 -5.14
N LYS C 472 -9.79 26.75 -4.60
CA LYS C 472 -10.68 25.70 -5.07
C LYS C 472 -12.13 26.05 -4.80
N ASP C 473 -12.42 26.55 -3.60
CA ASP C 473 -13.79 26.95 -3.25
C ASP C 473 -14.27 28.07 -4.16
N PHE C 474 -13.39 29.06 -4.43
CA PHE C 474 -13.77 30.16 -5.29
C PHE C 474 -14.09 29.67 -6.71
N LEU C 475 -13.25 28.78 -7.25
CA LEU C 475 -13.50 28.26 -8.59
C LEU C 475 -14.81 27.48 -8.64
N ILE C 476 -15.05 26.63 -7.64
CA ILE C 476 -16.27 25.84 -7.63
C ILE C 476 -17.51 26.74 -7.53
N LYS C 477 -17.45 27.76 -6.67
CA LYS C 477 -18.59 28.67 -6.55
C LYS C 477 -18.80 29.47 -7.83
N TYR C 478 -17.70 29.89 -8.48
CA TYR C 478 -17.82 30.61 -9.74
C TYR C 478 -18.49 29.74 -10.80
N ILE C 479 -18.06 28.49 -10.92
CA ILE C 479 -18.65 27.59 -11.90
C ILE C 479 -20.13 27.34 -11.57
N SER C 480 -20.44 27.13 -10.30
CA SER C 480 -21.82 26.88 -9.89
C SER C 480 -22.71 28.08 -10.20
N SER C 481 -22.24 29.29 -9.93
CA SER C 481 -23.06 30.46 -10.21
C SER C 481 -23.21 30.68 -11.71
N ALA C 482 -22.16 30.37 -12.48
CA ALA C 482 -22.28 30.45 -13.93
C ALA C 482 -23.29 29.44 -14.45
N LYS C 483 -23.37 28.27 -13.80
CA LYS C 483 -24.36 27.27 -14.18
C LYS C 483 -25.77 27.72 -13.83
N ASN C 484 -25.95 28.33 -12.65
CA ASN C 484 -27.30 28.68 -12.23
C ASN C 484 -27.81 29.96 -12.87
N VAL C 485 -26.92 30.81 -13.38
CA VAL C 485 -27.35 31.99 -14.12
C VAL C 485 -27.89 31.56 -15.48
N1 DOC D 24 17.89 -13.67 15.06
C2 DOC D 24 17.54 -14.00 16.43
N3 DOC D 24 16.43 -14.79 16.70
C4 DOC D 24 15.73 -15.22 15.63
C5 DOC D 24 16.03 -14.93 14.28
C6 DOC D 24 17.13 -14.14 14.01
O2 DOC D 24 18.24 -13.57 17.35
N4 DOC D 24 14.63 -16.01 15.97
C1' DOC D 24 19.10 -12.83 14.90
C2' DOC D 24 20.40 -13.65 14.83
C3' DOC D 24 20.97 -13.29 13.46
C4' DOC D 24 20.19 -12.06 13.02
O4' DOC D 24 18.98 -12.02 13.77
C5' DOC D 24 19.81 -12.07 11.53
O5' DOC D 24 18.92 -13.07 11.33
P DOC D 24 17.92 -12.83 9.82
OP1 DOC D 24 19.10 -12.59 8.91
OP2 DOC D 24 17.19 -14.14 9.74
N1 DCP H . 26.02 -18.46 5.38
C2 DCP H . 27.25 -17.83 4.97
N3 DCP H . 27.22 -16.85 3.96
C4 DCP H . 26.02 -16.54 3.43
C5 DCP H . 24.79 -17.14 3.81
C6 DCP H . 24.83 -18.10 4.79
O2 DCP H . 28.33 -18.13 5.47
N4 DCP H . 26.03 -15.57 2.44
C1' DCP H . 25.89 -19.51 6.43
C2' DCP H . 25.67 -19.08 7.91
C3' DCP H . 24.73 -20.20 8.42
C4' DCP H . 24.77 -21.23 7.26
O4' DCP H . 24.81 -20.35 6.14
O3' DCP H . 25.20 -20.71 9.64
C5' DCP H . 23.56 -22.21 7.24
O5' DCP H . 23.82 -23.29 7.96
PA DCP H . 22.61 -24.61 8.28
O1A DCP H . 21.65 -24.36 7.16
O2A DCP H . 22.04 -24.25 9.62
O3A DCP H . 23.64 -25.72 8.06
PB DCP H . 24.49 -26.33 6.70
O1B DCP H . 23.35 -26.58 5.76
O2B DCP H . 25.44 -25.22 6.35
O3B DCP H . 24.92 -27.63 7.44
PG DCP H . 24.69 -29.24 7.14
O1G DCP H . 23.27 -29.34 6.59
O2G DCP H . 25.75 -29.43 6.09
O3G DCP H . 24.92 -29.97 8.46
#